data_2LVG
#
_entry.id   2LVG
#
_entity_poly.entity_id   1
_entity_poly.type   'polypeptide(L)'
_entity_poly.pdbx_seq_one_letter_code
;ASRAALIEEGQRIAEMLKSKIQGLLQQASKQAQDIQPAMQ
;
_entity_poly.pdbx_strand_id   A
#
# COMPACT_ATOMS: atom_id res chain seq x y z
N ALA A 1 -0.56 25.44 -15.30
CA ALA A 1 0.16 24.19 -15.75
C ALA A 1 1.13 23.71 -14.66
N SER A 2 1.33 22.43 -14.55
CA SER A 2 2.26 21.89 -13.52
C SER A 2 3.08 20.73 -14.09
N ARG A 3 4.35 20.95 -14.35
CA ARG A 3 5.21 19.88 -14.91
C ARG A 3 6.21 19.39 -13.85
N ALA A 4 6.91 20.29 -13.22
CA ALA A 4 7.91 19.89 -12.18
C ALA A 4 7.22 19.70 -10.82
N ALA A 5 6.42 20.66 -10.40
CA ALA A 5 5.72 20.55 -9.08
C ALA A 5 4.80 19.33 -9.06
N LEU A 6 4.17 19.01 -10.17
CA LEU A 6 3.26 17.83 -10.21
C LEU A 6 4.06 16.53 -10.00
N ILE A 7 5.21 16.42 -10.61
CA ILE A 7 6.05 15.19 -10.44
C ILE A 7 6.56 15.09 -8.99
N GLU A 8 6.90 16.20 -8.38
CA GLU A 8 7.40 16.15 -6.97
C GLU A 8 6.29 15.66 -6.04
N GLU A 9 5.08 16.15 -6.21
CA GLU A 9 3.94 15.71 -5.34
C GLU A 9 3.66 14.21 -5.57
N GLY A 10 3.72 13.75 -6.79
CA GLY A 10 3.47 12.31 -7.08
C GLY A 10 4.57 11.47 -6.41
N GLN A 11 5.80 11.93 -6.46
CA GLN A 11 6.92 11.18 -5.82
C GLN A 11 6.66 11.04 -4.31
N ARG A 12 6.23 12.11 -3.67
CA ARG A 12 5.94 12.04 -2.21
C ARG A 12 4.74 11.12 -1.95
N ILE A 13 3.70 11.25 -2.75
CA ILE A 13 2.49 10.39 -2.57
C ILE A 13 2.84 8.93 -2.91
N ALA A 14 3.58 8.71 -3.97
CA ALA A 14 3.96 7.31 -4.37
C ALA A 14 4.76 6.63 -3.24
N GLU A 15 5.66 7.34 -2.61
CA GLU A 15 6.46 6.74 -1.50
C GLU A 15 5.54 6.32 -0.35
N MET A 16 4.63 7.19 0.04
CA MET A 16 3.69 6.84 1.15
C MET A 16 2.69 5.77 0.69
N LEU A 17 2.18 5.90 -0.52
CA LEU A 17 1.20 4.90 -1.04
C LEU A 17 1.87 3.52 -1.17
N LYS A 18 3.15 3.49 -1.47
CA LYS A 18 3.86 2.18 -1.59
C LYS A 18 3.79 1.41 -0.27
N SER A 19 4.11 2.07 0.82
CA SER A 19 4.05 1.40 2.16
C SER A 19 2.59 1.09 2.53
N LYS A 20 1.67 1.94 2.13
CA LYS A 20 0.23 1.69 2.45
C LYS A 20 -0.25 0.39 1.79
N ILE A 21 0.16 0.15 0.57
CA ILE A 21 -0.25 -1.12 -0.12
C ILE A 21 0.48 -2.32 0.48
N GLN A 22 1.71 -2.11 0.91
CA GLN A 22 2.48 -3.25 1.53
C GLN A 22 1.78 -3.71 2.81
N GLY A 23 1.37 -2.78 3.65
CA GLY A 23 0.66 -3.17 4.91
C GLY A 23 -0.67 -3.84 4.56
N LEU A 24 -1.36 -3.35 3.55
CA LEU A 24 -2.65 -3.97 3.15
C LEU A 24 -2.42 -5.40 2.65
N LEU A 25 -1.37 -5.63 1.90
CA LEU A 25 -1.09 -7.00 1.39
C LEU A 25 -0.85 -7.98 2.55
N GLN A 26 -0.09 -7.56 3.54
CA GLN A 26 0.17 -8.45 4.70
C GLN A 26 -1.15 -8.77 5.43
N GLN A 27 -2.00 -7.79 5.59
CA GLN A 27 -3.32 -8.03 6.26
C GLN A 27 -4.18 -8.96 5.42
N ALA A 28 -4.16 -8.80 4.12
CA ALA A 28 -4.96 -9.68 3.22
C ALA A 28 -4.53 -11.13 3.38
N SER A 29 -3.25 -11.37 3.49
CA SER A 29 -2.74 -12.77 3.67
C SER A 29 -3.22 -13.34 5.02
N LYS A 30 -3.22 -12.52 6.06
CA LYS A 30 -3.68 -13.00 7.39
C LYS A 30 -5.18 -13.33 7.35
N GLN A 31 -5.95 -12.55 6.62
CA GLN A 31 -7.42 -12.82 6.55
C GLN A 31 -7.68 -14.14 5.79
N ALA A 32 -6.77 -14.53 4.93
CA ALA A 32 -6.97 -15.80 4.16
C ALA A 32 -6.34 -16.98 4.92
N GLN A 33 -5.21 -16.78 5.54
CA GLN A 33 -4.55 -17.88 6.29
C GLN A 33 -5.03 -17.94 7.74
N ASP A 34 -4.99 -16.82 8.44
CA ASP A 34 -5.44 -16.78 9.86
C ASP A 34 -4.73 -17.83 10.71
N ILE A 35 -3.51 -18.21 10.33
CA ILE A 35 -2.72 -19.24 11.09
C ILE A 35 -3.64 -20.34 11.70
N GLN A 36 -4.60 -20.80 10.94
CA GLN A 36 -5.52 -21.85 11.46
C GLN A 36 -5.70 -22.96 10.41
N PRO A 37 -4.83 -23.94 10.45
CA PRO A 37 -4.91 -25.06 9.49
C PRO A 37 -6.09 -25.98 9.81
N ALA A 38 -6.80 -26.42 8.80
CA ALA A 38 -7.97 -27.32 9.04
C ALA A 38 -7.58 -28.78 8.80
N MET A 39 -6.93 -29.08 7.70
CA MET A 39 -6.53 -30.50 7.42
C MET A 39 -5.32 -30.91 8.28
N GLN A 40 -4.54 -29.95 8.73
CA GLN A 40 -3.35 -30.28 9.58
C GLN A 40 -3.58 -29.85 11.03
N ALA A 1 0.36 22.63 -15.60
CA ALA A 1 1.21 22.42 -14.39
C ALA A 1 2.70 22.49 -14.75
N SER A 2 3.55 22.62 -13.78
CA SER A 2 5.02 22.69 -14.06
C SER A 2 5.66 21.31 -13.88
N ARG A 3 6.79 21.08 -14.51
CA ARG A 3 7.47 19.76 -14.38
C ARG A 3 7.88 19.49 -12.93
N ALA A 4 8.19 20.53 -12.17
CA ALA A 4 8.59 20.33 -10.75
C ALA A 4 7.36 20.00 -9.90
N ALA A 5 6.26 20.67 -10.14
CA ALA A 5 5.02 20.40 -9.35
C ALA A 5 4.48 19.01 -9.67
N LEU A 6 4.56 18.59 -10.91
CA LEU A 6 4.04 17.23 -11.29
C LEU A 6 4.84 16.13 -10.55
N ILE A 7 6.14 16.28 -10.46
CA ILE A 7 6.97 15.24 -9.76
C ILE A 7 6.71 15.31 -8.25
N GLU A 8 6.57 16.51 -7.70
CA GLU A 8 6.31 16.65 -6.23
C GLU A 8 5.02 15.93 -5.84
N GLU A 9 3.97 16.09 -6.61
CA GLU A 9 2.67 15.42 -6.29
C GLU A 9 2.84 13.90 -6.28
N GLY A 10 3.36 13.34 -7.34
CA GLY A 10 3.55 11.86 -7.41
C GLY A 10 4.55 11.40 -6.34
N GLN A 11 5.59 12.17 -6.10
CA GLN A 11 6.59 11.78 -5.07
C GLN A 11 5.93 11.66 -3.69
N ARG A 12 5.14 12.64 -3.31
CA ARG A 12 4.46 12.58 -1.98
C ARG A 12 3.54 11.35 -1.87
N ILE A 13 2.92 10.94 -2.94
CA ILE A 13 2.02 9.76 -2.90
C ILE A 13 2.79 8.46 -3.18
N ALA A 14 3.79 8.53 -4.02
CA ALA A 14 4.60 7.30 -4.37
C ALA A 14 5.07 6.58 -3.09
N GLU A 15 5.88 7.23 -2.29
CA GLU A 15 6.39 6.57 -1.04
C GLU A 15 5.25 6.35 -0.04
N MET A 16 4.29 7.25 0.02
CA MET A 16 3.15 7.09 0.97
C MET A 16 2.38 5.80 0.67
N LEU A 17 2.06 5.57 -0.59
CA LEU A 17 1.31 4.33 -0.96
C LEU A 17 2.26 3.13 -1.08
N LYS A 18 3.54 3.36 -1.26
CA LYS A 18 4.50 2.23 -1.37
C LYS A 18 4.53 1.43 -0.06
N SER A 19 4.61 2.10 1.06
CA SER A 19 4.60 1.37 2.37
C SER A 19 3.21 0.81 2.64
N LYS A 20 2.18 1.53 2.27
CA LYS A 20 0.78 1.04 2.49
C LYS A 20 0.49 -0.17 1.61
N ILE A 21 0.92 -0.15 0.36
CA ILE A 21 0.67 -1.32 -0.54
C ILE A 21 1.36 -2.58 0.01
N GLN A 22 2.45 -2.41 0.70
CA GLN A 22 3.16 -3.58 1.29
C GLN A 22 2.38 -4.12 2.50
N GLY A 23 1.84 -3.24 3.31
CA GLY A 23 1.04 -3.69 4.49
C GLY A 23 -0.32 -4.22 4.03
N LEU A 24 -0.93 -3.55 3.07
CA LEU A 24 -2.26 -4.01 2.56
C LEU A 24 -2.17 -5.43 2.01
N LEU A 25 -1.13 -5.73 1.26
CA LEU A 25 -0.97 -7.10 0.69
C LEU A 25 -0.86 -8.14 1.81
N GLN A 26 -0.08 -7.83 2.83
CA GLN A 26 0.08 -8.79 3.96
C GLN A 26 -1.18 -8.80 4.83
N GLN A 27 -1.85 -7.67 4.95
CA GLN A 27 -3.10 -7.61 5.79
C GLN A 27 -4.20 -8.46 5.14
N ALA A 28 -4.34 -8.39 3.85
CA ALA A 28 -5.39 -9.18 3.14
C ALA A 28 -5.18 -10.68 3.38
N SER A 29 -3.94 -11.11 3.30
CA SER A 29 -3.63 -12.56 3.52
C SER A 29 -3.78 -12.92 5.01
N LYS A 30 -3.45 -12.02 5.90
CA LYS A 30 -3.57 -12.32 7.36
C LYS A 30 -5.02 -12.65 7.74
N GLN A 31 -5.98 -11.97 7.17
CA GLN A 31 -7.40 -12.26 7.52
C GLN A 31 -7.81 -13.69 7.12
N ALA A 32 -7.36 -14.15 5.98
CA ALA A 32 -7.74 -15.53 5.52
C ALA A 32 -6.71 -16.59 5.97
N GLN A 33 -5.45 -16.26 6.01
CA GLN A 33 -4.41 -17.28 6.42
C GLN A 33 -3.92 -17.08 7.86
N ASP A 34 -4.39 -16.06 8.55
CA ASP A 34 -3.93 -15.84 9.95
C ASP A 34 -5.06 -15.25 10.80
N ILE A 35 -6.02 -16.06 11.18
CA ILE A 35 -7.14 -15.55 12.02
C ILE A 35 -6.70 -15.51 13.50
N GLN A 36 -5.59 -14.88 13.76
CA GLN A 36 -5.09 -14.79 15.17
C GLN A 36 -5.62 -13.53 15.85
N PRO A 37 -5.75 -13.61 17.16
CA PRO A 37 -6.26 -12.45 17.95
C PRO A 37 -5.20 -11.34 17.99
N ALA A 38 -5.58 -10.16 18.42
CA ALA A 38 -4.62 -9.02 18.49
C ALA A 38 -4.24 -8.73 19.95
N MET A 39 -5.18 -8.74 20.85
CA MET A 39 -4.87 -8.45 22.29
C MET A 39 -4.49 -9.74 23.02
N GLN A 40 -5.29 -10.78 22.89
CA GLN A 40 -4.98 -12.07 23.57
C GLN A 40 -5.64 -13.24 22.83
N ALA A 1 -3.38 22.50 -9.93
CA ALA A 1 -2.39 21.38 -9.82
C ALA A 1 -2.34 20.59 -11.13
N SER A 2 -1.17 20.39 -11.68
CA SER A 2 -1.06 19.63 -12.97
C SER A 2 -0.71 18.16 -12.68
N ARG A 3 -1.00 17.28 -13.61
CA ARG A 3 -0.69 15.83 -13.39
C ARG A 3 0.83 15.65 -13.22
N ALA A 4 1.62 16.22 -14.11
CA ALA A 4 3.10 16.09 -13.99
C ALA A 4 3.56 16.63 -12.63
N ALA A 5 3.06 17.79 -12.25
CA ALA A 5 3.46 18.37 -10.93
C ALA A 5 3.11 17.41 -9.79
N LEU A 6 1.95 16.78 -9.86
CA LEU A 6 1.55 15.81 -8.80
C LEU A 6 2.56 14.66 -8.72
N ILE A 7 3.06 14.21 -9.85
CA ILE A 7 4.05 13.10 -9.85
C ILE A 7 5.40 13.61 -9.34
N GLU A 8 5.75 14.83 -9.66
CA GLU A 8 7.05 15.40 -9.19
C GLU A 8 7.12 15.38 -7.66
N GLU A 9 6.08 15.81 -6.99
CA GLU A 9 6.07 15.80 -5.50
C GLU A 9 5.78 14.38 -4.99
N GLY A 10 5.04 13.59 -5.76
CA GLY A 10 4.73 12.20 -5.34
C GLY A 10 6.01 11.35 -5.27
N GLN A 11 7.08 11.78 -5.89
CA GLN A 11 8.36 10.99 -5.85
C GLN A 11 8.77 10.72 -4.40
N ARG A 12 8.73 11.71 -3.55
CA ARG A 12 9.13 11.50 -2.12
C ARG A 12 7.94 10.99 -1.29
N ILE A 13 6.72 11.29 -1.70
CA ILE A 13 5.54 10.81 -0.92
C ILE A 13 5.21 9.36 -1.27
N ALA A 14 5.62 8.90 -2.44
CA ALA A 14 5.34 7.48 -2.85
C ALA A 14 5.94 6.49 -1.86
N GLU A 15 7.20 6.65 -1.50
CA GLU A 15 7.83 5.70 -0.54
C GLU A 15 7.05 5.65 0.78
N MET A 16 6.49 6.78 1.20
CA MET A 16 5.70 6.79 2.47
C MET A 16 4.30 6.22 2.21
N LEU A 17 3.68 6.60 1.13
CA LEU A 17 2.32 6.07 0.81
C LEU A 17 2.37 4.58 0.47
N LYS A 18 3.51 4.10 0.02
CA LYS A 18 3.64 2.65 -0.34
C LYS A 18 3.35 1.79 0.89
N SER A 19 3.97 2.09 2.01
CA SER A 19 3.73 1.28 3.25
C SER A 19 2.24 1.35 3.65
N LYS A 20 1.61 2.48 3.47
CA LYS A 20 0.17 2.61 3.82
C LYS A 20 -0.68 1.74 2.89
N ILE A 21 -0.55 1.92 1.60
CA ILE A 21 -1.35 1.09 0.63
C ILE A 21 -0.95 -0.39 0.73
N GLN A 22 0.31 -0.65 1.00
CA GLN A 22 0.77 -2.06 1.14
C GLN A 22 0.24 -2.68 2.44
N GLY A 23 0.28 -1.93 3.52
CA GLY A 23 -0.23 -2.45 4.82
C GLY A 23 -1.71 -2.85 4.68
N LEU A 24 -2.48 -2.07 3.97
CA LEU A 24 -3.93 -2.41 3.78
C LEU A 24 -4.06 -3.73 3.02
N LEU A 25 -3.29 -3.91 1.98
CA LEU A 25 -3.36 -5.18 1.20
C LEU A 25 -2.70 -6.33 1.98
N GLN A 26 -1.64 -6.06 2.70
CA GLN A 26 -0.95 -7.12 3.49
C GLN A 26 -1.91 -7.74 4.52
N GLN A 27 -2.75 -6.92 5.13
CA GLN A 27 -3.71 -7.47 6.14
C GLN A 27 -4.78 -8.33 5.46
N ALA A 28 -5.16 -7.98 4.26
CA ALA A 28 -6.20 -8.77 3.53
C ALA A 28 -5.57 -9.97 2.81
N SER A 29 -4.30 -9.91 2.49
CA SER A 29 -3.64 -11.04 1.77
C SER A 29 -3.14 -12.11 2.75
N LYS A 30 -2.95 -11.76 4.01
CA LYS A 30 -2.45 -12.77 5.01
C LYS A 30 -3.36 -14.01 5.02
N GLN A 31 -4.65 -13.83 4.90
CA GLN A 31 -5.60 -15.00 4.92
C GLN A 31 -5.18 -16.05 3.87
N ALA A 32 -4.96 -15.62 2.65
CA ALA A 32 -4.55 -16.60 1.57
C ALA A 32 -3.03 -16.83 1.59
N GLN A 33 -2.29 -15.87 2.11
CA GLN A 33 -0.80 -16.01 2.16
C GLN A 33 -0.38 -17.31 2.86
N ASP A 34 -1.07 -17.68 3.93
CA ASP A 34 -0.70 -18.93 4.65
C ASP A 34 -1.90 -19.90 4.67
N ILE A 35 -3.06 -19.44 5.11
CA ILE A 35 -4.29 -20.31 5.16
C ILE A 35 -3.96 -21.74 5.63
N GLN A 36 -3.06 -21.87 6.57
CA GLN A 36 -2.69 -23.23 7.08
C GLN A 36 -2.35 -23.17 8.57
N PRO A 37 -2.30 -24.31 9.20
CA PRO A 37 -1.98 -24.39 10.65
C PRO A 37 -0.49 -24.10 10.87
N ALA A 38 -0.18 -23.03 11.56
CA ALA A 38 1.26 -22.69 11.82
C ALA A 38 1.68 -23.13 13.24
N MET A 39 0.95 -24.03 13.85
CA MET A 39 1.31 -24.50 15.22
C MET A 39 2.51 -25.46 15.16
N GLN A 40 2.63 -26.22 14.10
CA GLN A 40 3.77 -27.18 13.98
C GLN A 40 4.72 -26.71 12.88
N ALA A 1 0.28 24.82 -16.91
CA ALA A 1 1.27 23.76 -16.57
C ALA A 1 2.00 24.11 -15.27
N SER A 2 2.38 23.12 -14.49
CA SER A 2 3.10 23.39 -13.20
C SER A 2 4.31 22.46 -13.07
N ARG A 3 5.39 22.95 -12.51
CA ARG A 3 6.61 22.10 -12.33
C ARG A 3 6.77 21.69 -10.87
N ALA A 4 6.73 22.63 -9.96
CA ALA A 4 6.88 22.29 -8.50
C ALA A 4 5.82 21.26 -8.08
N ALA A 5 4.58 21.47 -8.46
CA ALA A 5 3.51 20.50 -8.08
C ALA A 5 3.80 19.11 -8.67
N LEU A 6 4.34 19.06 -9.87
CA LEU A 6 4.66 17.74 -10.50
C LEU A 6 5.65 16.97 -9.62
N ILE A 7 6.68 17.63 -9.14
CA ILE A 7 7.68 16.95 -8.27
C ILE A 7 7.01 16.51 -6.96
N GLU A 8 6.16 17.35 -6.41
CA GLU A 8 5.45 16.99 -5.14
C GLU A 8 4.56 15.76 -5.36
N GLU A 9 3.97 15.64 -6.52
CA GLU A 9 3.09 14.46 -6.82
C GLU A 9 3.92 13.17 -6.77
N GLY A 10 5.04 13.14 -7.46
CA GLY A 10 5.90 11.91 -7.47
C GLY A 10 6.32 11.58 -6.04
N GLN A 11 6.68 12.57 -5.26
CA GLN A 11 7.10 12.30 -3.84
C GLN A 11 5.97 11.57 -3.09
N ARG A 12 4.74 11.98 -3.33
CA ARG A 12 3.59 11.31 -2.66
C ARG A 12 3.35 9.93 -3.29
N ILE A 13 3.48 9.82 -4.59
CA ILE A 13 3.28 8.51 -5.27
C ILE A 13 4.34 7.51 -4.81
N ALA A 14 5.58 7.95 -4.69
CA ALA A 14 6.67 7.02 -4.23
C ALA A 14 6.29 6.37 -2.89
N GLU A 15 5.76 7.15 -1.98
CA GLU A 15 5.35 6.59 -0.65
C GLU A 15 3.99 5.87 -0.78
N MET A 16 3.06 6.46 -1.52
CA MET A 16 1.72 5.82 -1.69
C MET A 16 1.86 4.43 -2.33
N LEU A 17 2.80 4.26 -3.23
CA LEU A 17 2.98 2.93 -3.88
C LEU A 17 3.52 1.91 -2.86
N LYS A 18 4.36 2.35 -1.95
CA LYS A 18 4.92 1.42 -0.93
C LYS A 18 3.83 1.01 0.08
N SER A 19 3.04 1.95 0.53
CA SER A 19 1.95 1.61 1.52
C SER A 19 0.88 0.72 0.86
N LYS A 20 0.72 0.80 -0.44
CA LYS A 20 -0.29 -0.05 -1.13
C LYS A 20 0.21 -1.49 -1.25
N ILE A 21 1.45 -1.67 -1.66
CA ILE A 21 2.00 -3.05 -1.79
C ILE A 21 2.22 -3.68 -0.42
N GLN A 22 2.58 -2.90 0.57
CA GLN A 22 2.81 -3.45 1.94
C GLN A 22 1.48 -3.52 2.70
N GLY A 23 0.66 -2.51 2.59
CA GLY A 23 -0.66 -2.50 3.30
C GLY A 23 -1.52 -3.66 2.80
N LEU A 24 -1.57 -3.89 1.51
CA LEU A 24 -2.38 -5.01 0.95
C LEU A 24 -1.88 -6.34 1.53
N LEU A 25 -0.60 -6.59 1.47
CA LEU A 25 -0.04 -7.86 2.03
C LEU A 25 -0.33 -7.94 3.53
N GLN A 26 -0.15 -6.84 4.24
CA GLN A 26 -0.43 -6.84 5.71
C GLN A 26 -1.91 -7.13 5.96
N GLN A 27 -2.79 -6.55 5.17
CA GLN A 27 -4.25 -6.81 5.35
C GLN A 27 -4.61 -8.23 4.92
N ALA A 28 -3.90 -8.77 3.97
CA ALA A 28 -4.20 -10.16 3.50
C ALA A 28 -3.54 -11.20 4.43
N SER A 29 -2.80 -10.77 5.41
CA SER A 29 -2.14 -11.73 6.35
C SER A 29 -3.11 -12.10 7.49
N LYS A 30 -3.47 -11.14 8.30
CA LYS A 30 -4.42 -11.43 9.42
C LYS A 30 -5.80 -11.81 8.87
N GLN A 31 -6.26 -11.14 7.85
CA GLN A 31 -7.59 -11.47 7.26
C GLN A 31 -7.62 -12.93 6.77
N ALA A 32 -6.54 -13.39 6.19
CA ALA A 32 -6.50 -14.81 5.69
C ALA A 32 -6.20 -15.79 6.85
N GLN A 33 -5.65 -15.29 7.93
CA GLN A 33 -5.33 -16.20 9.09
C GLN A 33 -6.51 -16.25 10.06
N ASP A 34 -6.99 -15.11 10.48
CA ASP A 34 -8.15 -15.08 11.43
C ASP A 34 -9.44 -15.42 10.68
N ILE A 35 -9.62 -14.87 9.50
CA ILE A 35 -10.85 -15.16 8.70
C ILE A 35 -10.46 -15.93 7.42
N GLN A 36 -9.78 -17.04 7.57
CA GLN A 36 -9.35 -17.84 6.38
C GLN A 36 -10.56 -18.21 5.51
N PRO A 37 -10.36 -18.16 4.21
CA PRO A 37 -11.45 -18.50 3.25
C PRO A 37 -11.71 -20.01 3.24
N ALA A 38 -12.67 -20.46 4.02
CA ALA A 38 -12.99 -21.92 4.07
C ALA A 38 -14.11 -22.27 3.08
N MET A 39 -15.06 -21.37 2.91
CA MET A 39 -16.19 -21.65 1.97
C MET A 39 -15.90 -21.01 0.60
N GLN A 40 -15.51 -19.76 0.59
CA GLN A 40 -15.20 -19.09 -0.71
C GLN A 40 -13.71 -19.26 -1.07
N ALA A 1 3.38 27.81 -12.00
CA ALA A 1 3.63 26.46 -12.57
C ALA A 1 5.10 26.06 -12.38
N SER A 2 5.34 24.85 -11.95
CA SER A 2 6.76 24.40 -11.75
C SER A 2 6.89 22.90 -12.06
N ARG A 3 7.85 22.54 -12.86
CA ARG A 3 8.06 21.10 -13.20
C ARG A 3 8.40 20.29 -11.96
N ALA A 4 9.34 20.76 -11.17
CA ALA A 4 9.73 20.03 -9.92
C ALA A 4 8.52 19.89 -8.99
N ALA A 5 7.77 20.95 -8.81
CA ALA A 5 6.57 20.88 -7.91
C ALA A 5 5.61 19.79 -8.40
N LEU A 6 5.42 19.67 -9.69
CA LEU A 6 4.51 18.61 -10.23
C LEU A 6 5.06 17.22 -9.90
N ILE A 7 6.36 17.05 -10.01
CA ILE A 7 6.98 15.73 -9.68
C ILE A 7 6.92 15.47 -8.17
N GLU A 8 7.10 16.51 -7.38
CA GLU A 8 7.05 16.34 -5.90
C GLU A 8 5.67 15.84 -5.46
N GLU A 9 4.62 16.41 -6.01
CA GLU A 9 3.23 15.96 -5.65
C GLU A 9 3.04 14.47 -5.99
N GLY A 10 3.41 14.08 -7.19
CA GLY A 10 3.26 12.65 -7.60
C GLY A 10 4.24 11.79 -6.80
N GLN A 11 5.46 12.23 -6.64
CA GLN A 11 6.46 11.42 -5.86
C GLN A 11 5.93 11.15 -4.46
N ARG A 12 5.40 12.14 -3.79
CA ARG A 12 4.85 11.94 -2.42
C ARG A 12 3.65 10.98 -2.46
N ILE A 13 2.73 11.20 -3.38
CA ILE A 13 1.54 10.29 -3.48
C ILE A 13 1.99 8.88 -3.89
N ALA A 14 2.93 8.78 -4.79
CA ALA A 14 3.42 7.43 -5.23
C ALA A 14 4.04 6.67 -4.05
N GLU A 15 4.81 7.35 -3.23
CA GLU A 15 5.44 6.66 -2.06
C GLU A 15 4.37 6.18 -1.08
N MET A 16 3.39 7.01 -0.81
CA MET A 16 2.29 6.61 0.13
C MET A 16 1.56 5.38 -0.41
N LEU A 17 1.38 5.30 -1.70
CA LEU A 17 0.67 4.12 -2.30
C LEU A 17 1.54 2.86 -2.18
N LYS A 18 2.82 2.99 -2.41
CA LYS A 18 3.73 1.80 -2.31
C LYS A 18 3.63 1.19 -0.91
N SER A 19 3.72 2.00 0.12
CA SER A 19 3.63 1.47 1.52
C SER A 19 2.24 0.86 1.76
N LYS A 20 1.21 1.47 1.21
CA LYS A 20 -0.17 0.93 1.41
C LYS A 20 -0.30 -0.46 0.77
N ILE A 21 0.33 -0.67 -0.36
CA ILE A 21 0.25 -2.02 -1.02
C ILE A 21 0.98 -3.07 -0.17
N GLN A 22 2.06 -2.69 0.45
CA GLN A 22 2.81 -3.65 1.32
C GLN A 22 1.99 -4.00 2.57
N GLY A 23 1.36 -3.01 3.17
CA GLY A 23 0.53 -3.28 4.39
C GLY A 23 -0.65 -4.19 4.03
N LEU A 24 -1.22 -4.02 2.87
CA LEU A 24 -2.36 -4.88 2.45
C LEU A 24 -1.90 -6.34 2.26
N LEU A 25 -0.77 -6.54 1.65
CA LEU A 25 -0.26 -7.93 1.45
C LEU A 25 -0.05 -8.61 2.81
N GLN A 26 0.44 -7.89 3.78
CA GLN A 26 0.67 -8.48 5.14
C GLN A 26 -0.68 -8.68 5.86
N GLN A 27 -1.56 -7.71 5.78
CA GLN A 27 -2.88 -7.84 6.47
C GLN A 27 -3.79 -8.83 5.75
N ALA A 28 -3.74 -8.87 4.44
CA ALA A 28 -4.60 -9.81 3.67
C ALA A 28 -4.27 -11.27 4.05
N SER A 29 -3.00 -11.57 4.20
CA SER A 29 -2.61 -12.97 4.58
C SER A 29 -3.07 -13.28 6.00
N LYS A 30 -2.97 -12.34 6.90
CA LYS A 30 -3.42 -12.58 8.30
C LYS A 30 -4.94 -12.63 8.35
N GLN A 31 -5.61 -11.70 7.73
CA GLN A 31 -7.11 -11.71 7.73
C GLN A 31 -7.62 -12.95 6.98
N ALA A 32 -6.91 -13.39 5.97
CA ALA A 32 -7.35 -14.60 5.21
C ALA A 32 -7.35 -15.83 6.14
N GLN A 33 -6.41 -15.89 7.04
CA GLN A 33 -6.36 -17.05 8.00
C GLN A 33 -7.49 -16.93 9.03
N ASP A 34 -7.60 -15.79 9.67
CA ASP A 34 -8.67 -15.59 10.68
C ASP A 34 -9.24 -14.16 10.54
N ILE A 35 -8.86 -13.26 11.42
CA ILE A 35 -9.38 -11.85 11.33
C ILE A 35 -8.40 -10.83 11.95
N GLN A 36 -7.19 -11.24 12.27
CA GLN A 36 -6.22 -10.27 12.87
C GLN A 36 -4.78 -10.60 12.46
N PRO A 37 -3.91 -9.63 12.64
CA PRO A 37 -2.48 -9.82 12.27
C PRO A 37 -1.71 -10.53 13.41
N ALA A 38 -1.12 -9.79 14.33
CA ALA A 38 -0.36 -10.44 15.44
C ALA A 38 -1.03 -10.17 16.80
N MET A 39 -2.30 -9.83 16.80
CA MET A 39 -3.01 -9.57 18.09
C MET A 39 -3.64 -10.86 18.64
N GLN A 40 -4.27 -11.63 17.78
CA GLN A 40 -4.91 -12.90 18.24
C GLN A 40 -4.23 -14.11 17.57
N ALA A 1 7.73 27.67 -17.43
CA ALA A 1 7.01 26.42 -17.03
C ALA A 1 7.77 25.70 -15.92
N SER A 2 7.07 25.23 -14.92
CA SER A 2 7.74 24.51 -13.79
C SER A 2 7.06 23.15 -13.55
N ARG A 3 7.72 22.08 -13.89
CA ARG A 3 7.12 20.72 -13.69
C ARG A 3 7.79 19.98 -12.51
N ALA A 4 8.95 20.43 -12.07
CA ALA A 4 9.64 19.75 -10.94
C ALA A 4 8.74 19.70 -9.70
N ALA A 5 8.18 20.82 -9.31
CA ALA A 5 7.28 20.85 -8.11
C ALA A 5 6.10 19.90 -8.31
N LEU A 6 5.56 19.83 -9.50
CA LEU A 6 4.40 18.91 -9.77
C LEU A 6 4.82 17.45 -9.56
N ILE A 7 6.01 17.09 -9.99
CA ILE A 7 6.48 15.69 -9.81
C ILE A 7 6.79 15.42 -8.32
N GLU A 8 7.39 16.38 -7.65
CA GLU A 8 7.72 16.19 -6.20
C GLU A 8 6.44 15.88 -5.40
N GLU A 9 5.38 16.62 -5.65
CA GLU A 9 4.10 16.38 -4.92
C GLU A 9 3.61 14.95 -5.19
N GLY A 10 3.61 14.52 -6.43
CA GLY A 10 3.16 13.14 -6.76
C GLY A 10 4.18 12.12 -6.25
N GLN A 11 5.44 12.47 -6.28
CA GLN A 11 6.50 11.52 -5.78
C GLN A 11 6.23 11.14 -4.32
N ARG A 12 5.91 12.11 -3.49
CA ARG A 12 5.62 11.81 -2.05
C ARG A 12 4.39 10.91 -1.94
N ILE A 13 3.34 11.23 -2.66
CA ILE A 13 2.10 10.39 -2.61
C ILE A 13 2.37 9.02 -3.24
N ALA A 14 3.08 8.99 -4.35
CA ALA A 14 3.39 7.69 -5.03
C ALA A 14 4.11 6.73 -4.07
N GLU A 15 4.97 7.24 -3.22
CA GLU A 15 5.69 6.35 -2.26
C GLU A 15 4.73 5.90 -1.14
N MET A 16 3.97 6.81 -0.59
CA MET A 16 3.01 6.45 0.50
C MET A 16 1.98 5.44 -0.03
N LEU A 17 1.46 5.67 -1.22
CA LEU A 17 0.46 4.72 -1.80
C LEU A 17 1.13 3.36 -2.06
N LYS A 18 2.37 3.36 -2.46
CA LYS A 18 3.10 2.08 -2.73
C LYS A 18 3.15 1.23 -1.45
N SER A 19 3.47 1.84 -0.34
CA SER A 19 3.54 1.08 0.94
C SER A 19 2.13 0.64 1.38
N LYS A 20 1.15 1.48 1.17
CA LYS A 20 -0.25 1.12 1.57
C LYS A 20 -0.75 -0.09 0.77
N ILE A 21 -0.49 -0.13 -0.52
CA ILE A 21 -0.95 -1.29 -1.35
C ILE A 21 -0.26 -2.58 -0.89
N GLN A 22 0.96 -2.49 -0.44
CA GLN A 22 1.68 -3.71 0.04
C GLN A 22 1.17 -4.11 1.44
N GLY A 23 0.77 -3.15 2.23
CA GLY A 23 0.26 -3.47 3.61
C GLY A 23 -1.01 -4.33 3.51
N LEU A 24 -2.00 -3.87 2.77
CA LEU A 24 -3.27 -4.66 2.65
C LEU A 24 -3.00 -6.01 1.95
N LEU A 25 -2.00 -6.08 1.11
CA LEU A 25 -1.69 -7.37 0.42
C LEU A 25 -1.29 -8.44 1.43
N GLN A 26 -0.47 -8.09 2.40
CA GLN A 26 -0.03 -9.08 3.43
C GLN A 26 -1.05 -9.16 4.56
N GLN A 27 -1.56 -8.03 5.01
CA GLN A 27 -2.55 -8.04 6.13
C GLN A 27 -3.79 -8.86 5.77
N ALA A 28 -4.28 -8.72 4.56
CA ALA A 28 -5.50 -9.50 4.14
C ALA A 28 -5.24 -11.01 4.21
N SER A 29 -4.06 -11.44 3.86
CA SER A 29 -3.74 -12.90 3.91
C SER A 29 -3.27 -13.32 5.30
N LYS A 30 -2.54 -12.47 5.99
CA LYS A 30 -2.06 -12.83 7.36
C LYS A 30 -3.24 -12.92 8.34
N GLN A 31 -4.31 -12.20 8.09
CA GLN A 31 -5.50 -12.25 9.02
C GLN A 31 -5.81 -13.69 9.42
N ALA A 32 -5.82 -14.60 8.49
CA ALA A 32 -6.12 -16.03 8.82
C ALA A 32 -4.83 -16.84 9.04
N GLN A 33 -3.72 -16.42 8.47
CA GLN A 33 -2.46 -17.20 8.64
C GLN A 33 -1.43 -16.47 9.53
N ASP A 34 -1.88 -15.72 10.51
CA ASP A 34 -0.92 -15.01 11.41
C ASP A 34 -1.17 -15.40 12.87
N ILE A 35 -1.89 -14.60 13.62
CA ILE A 35 -2.17 -14.95 15.05
C ILE A 35 -3.29 -14.06 15.61
N GLN A 36 -4.52 -14.34 15.25
CA GLN A 36 -5.66 -13.51 15.74
C GLN A 36 -6.19 -14.07 17.08
N PRO A 37 -6.24 -13.22 18.07
CA PRO A 37 -6.73 -13.63 19.41
C PRO A 37 -8.26 -13.85 19.42
N ALA A 38 -8.94 -13.47 18.36
CA ALA A 38 -10.43 -13.66 18.31
C ALA A 38 -10.78 -15.15 18.47
N MET A 39 -9.93 -16.04 18.01
CA MET A 39 -10.23 -17.50 18.13
C MET A 39 -9.85 -18.01 19.53
N GLN A 40 -8.69 -17.63 20.01
CA GLN A 40 -8.26 -18.09 21.37
C GLN A 40 -7.31 -17.05 22.02
N ALA A 1 -1.36 26.93 -11.29
CA ALA A 1 -0.69 25.79 -10.60
C ALA A 1 0.62 25.43 -11.28
N SER A 2 1.67 25.19 -10.53
CA SER A 2 2.98 24.83 -11.14
C SER A 2 2.97 23.38 -11.65
N ARG A 3 3.60 23.12 -12.77
CA ARG A 3 3.63 21.74 -13.32
C ARG A 3 4.74 20.92 -12.65
N ALA A 4 5.88 21.54 -12.42
CA ALA A 4 7.00 20.81 -11.75
C ALA A 4 6.57 20.34 -10.35
N ALA A 5 5.75 21.12 -9.69
CA ALA A 5 5.27 20.74 -8.32
C ALA A 5 4.66 19.33 -8.34
N LEU A 6 3.98 18.97 -9.40
CA LEU A 6 3.37 17.60 -9.49
C LEU A 6 4.47 16.53 -9.42
N ILE A 7 5.60 16.77 -10.04
CA ILE A 7 6.71 15.77 -10.02
C ILE A 7 7.32 15.71 -8.61
N GLU A 8 7.65 16.84 -8.04
CA GLU A 8 8.25 16.86 -6.67
C GLU A 8 7.26 16.30 -5.64
N GLU A 9 6.05 16.80 -5.63
CA GLU A 9 5.03 16.28 -4.66
C GLU A 9 4.66 14.83 -5.00
N GLY A 10 4.59 14.50 -6.28
CA GLY A 10 4.25 13.11 -6.69
C GLY A 10 5.25 12.12 -6.11
N GLN A 11 6.51 12.50 -6.01
CA GLN A 11 7.54 11.57 -5.45
C GLN A 11 7.11 11.10 -4.04
N ARG A 12 6.63 12.00 -3.23
CA ARG A 12 6.17 11.61 -1.85
C ARG A 12 4.79 10.93 -1.94
N ILE A 13 3.94 11.39 -2.82
CA ILE A 13 2.58 10.76 -2.96
C ILE A 13 2.75 9.30 -3.41
N ALA A 14 3.60 9.06 -4.38
CA ALA A 14 3.84 7.67 -4.86
C ALA A 14 4.39 6.79 -3.72
N GLU A 15 5.31 7.32 -2.95
CA GLU A 15 5.89 6.53 -1.82
C GLU A 15 4.77 6.12 -0.83
N MET A 16 3.87 7.03 -0.54
CA MET A 16 2.75 6.70 0.40
C MET A 16 1.89 5.57 -0.18
N LEU A 17 1.58 5.63 -1.45
CA LEU A 17 0.75 4.56 -2.07
C LEU A 17 1.49 3.22 -2.04
N LYS A 18 2.78 3.24 -2.25
CA LYS A 18 3.58 1.98 -2.22
C LYS A 18 3.51 1.34 -0.82
N SER A 19 3.55 2.15 0.21
CA SER A 19 3.48 1.59 1.60
C SER A 19 2.09 0.98 1.83
N LYS A 20 1.06 1.63 1.35
CA LYS A 20 -0.32 1.09 1.52
C LYS A 20 -0.47 -0.24 0.78
N ILE A 21 0.07 -0.34 -0.40
CA ILE A 21 -0.04 -1.63 -1.18
C ILE A 21 0.71 -2.75 -0.44
N GLN A 22 1.77 -2.42 0.25
CA GLN A 22 2.54 -3.46 1.00
C GLN A 22 1.67 -4.01 2.14
N GLY A 23 0.93 -3.16 2.81
CA GLY A 23 0.05 -3.63 3.92
C GLY A 23 -1.06 -4.51 3.34
N LEU A 24 -1.59 -4.13 2.19
CA LEU A 24 -2.67 -4.95 1.56
C LEU A 24 -2.13 -6.35 1.20
N LEU A 25 -0.92 -6.43 0.74
CA LEU A 25 -0.32 -7.76 0.38
C LEU A 25 -0.21 -8.64 1.62
N GLN A 26 0.10 -8.06 2.76
CA GLN A 26 0.21 -8.86 4.01
C GLN A 26 -1.19 -9.18 4.57
N GLN A 27 -2.19 -8.41 4.20
CA GLN A 27 -3.58 -8.67 4.70
C GLN A 27 -4.08 -10.05 4.24
N ALA A 28 -3.52 -10.58 3.19
CA ALA A 28 -3.96 -11.93 2.69
C ALA A 28 -3.89 -12.95 3.82
N SER A 29 -2.84 -12.91 4.61
CA SER A 29 -2.70 -13.86 5.75
C SER A 29 -3.29 -13.22 7.03
N LYS A 30 -3.24 -11.91 7.12
CA LYS A 30 -3.79 -11.21 8.33
C LYS A 30 -5.30 -11.40 8.43
N GLN A 31 -6.01 -11.29 7.33
CA GLN A 31 -7.50 -11.47 7.35
C GLN A 31 -7.89 -12.81 8.01
N ALA A 32 -7.03 -13.81 7.92
CA ALA A 32 -7.35 -15.13 8.55
C ALA A 32 -7.27 -15.02 10.08
N GLN A 33 -6.34 -14.22 10.58
CA GLN A 33 -6.20 -14.05 12.05
C GLN A 33 -6.68 -12.65 12.50
N ASP A 34 -7.64 -12.07 11.82
CA ASP A 34 -8.14 -10.71 12.20
C ASP A 34 -9.14 -10.82 13.36
N ILE A 35 -10.21 -11.55 13.18
CA ILE A 35 -11.22 -11.69 14.28
C ILE A 35 -11.07 -13.06 14.95
N GLN A 36 -9.86 -13.40 15.34
CA GLN A 36 -9.62 -14.71 16.01
C GLN A 36 -9.00 -14.49 17.40
N PRO A 37 -9.83 -14.05 18.32
CA PRO A 37 -9.36 -13.81 19.72
C PRO A 37 -9.15 -15.13 20.48
N ALA A 38 -9.62 -16.23 19.94
CA ALA A 38 -9.46 -17.54 20.65
C ALA A 38 -8.17 -18.26 20.21
N MET A 39 -7.23 -17.55 19.64
CA MET A 39 -5.94 -18.21 19.21
C MET A 39 -4.92 -18.16 20.34
N GLN A 40 -4.72 -17.01 20.94
CA GLN A 40 -3.74 -16.88 22.06
C GLN A 40 -4.46 -16.54 23.37
N ALA A 1 2.95 28.16 -5.54
CA ALA A 1 2.76 27.66 -6.93
C ALA A 1 4.11 27.31 -7.56
N SER A 2 4.21 26.16 -8.18
CA SER A 2 5.50 25.75 -8.81
C SER A 2 5.24 24.91 -10.07
N ARG A 3 6.19 24.87 -10.97
CA ARG A 3 6.00 24.08 -12.23
C ARG A 3 6.63 22.68 -12.08
N ALA A 4 7.79 22.59 -11.47
CA ALA A 4 8.46 21.26 -11.29
C ALA A 4 7.96 20.57 -10.02
N ALA A 5 7.40 21.31 -9.08
CA ALA A 5 6.90 20.69 -7.81
C ALA A 5 5.85 19.61 -8.10
N LEU A 6 4.88 19.90 -8.94
CA LEU A 6 3.82 18.88 -9.25
C LEU A 6 4.46 17.59 -9.77
N ILE A 7 5.60 17.67 -10.42
CA ILE A 7 6.26 16.43 -10.93
C ILE A 7 6.76 15.60 -9.75
N GLU A 8 7.45 16.22 -8.82
CA GLU A 8 7.95 15.48 -7.63
C GLU A 8 6.78 15.15 -6.69
N GLU A 9 5.79 16.00 -6.64
CA GLU A 9 4.60 15.76 -5.75
C GLU A 9 4.06 14.34 -5.98
N GLY A 10 3.96 13.92 -7.23
CA GLY A 10 3.45 12.55 -7.53
C GLY A 10 4.41 11.52 -6.93
N GLN A 11 5.69 11.77 -7.02
CA GLN A 11 6.70 10.82 -6.45
C GLN A 11 6.42 10.63 -4.94
N ARG A 12 6.14 11.72 -4.24
CA ARG A 12 5.83 11.61 -2.78
C ARG A 12 4.55 10.80 -2.58
N ILE A 13 3.53 11.08 -3.35
CA ILE A 13 2.24 10.31 -3.23
C ILE A 13 2.48 8.84 -3.60
N ALA A 14 3.25 8.61 -4.64
CA ALA A 14 3.54 7.20 -5.07
C ALA A 14 4.22 6.43 -3.93
N GLU A 15 5.16 7.06 -3.25
CA GLU A 15 5.85 6.38 -2.10
C GLU A 15 4.84 6.04 -1.00
N MET A 16 4.01 6.99 -0.63
CA MET A 16 2.99 6.73 0.43
C MET A 16 1.98 5.67 -0.05
N LEU A 17 1.60 5.74 -1.31
CA LEU A 17 0.63 4.72 -1.85
C LEU A 17 1.22 3.31 -1.73
N LYS A 18 2.50 3.18 -2.00
CA LYS A 18 3.16 1.84 -1.88
C LYS A 18 3.13 1.36 -0.42
N SER A 19 3.32 2.26 0.51
CA SER A 19 3.29 1.88 1.96
C SER A 19 1.89 1.38 2.34
N LYS A 20 0.86 2.01 1.81
CA LYS A 20 -0.53 1.58 2.11
C LYS A 20 -0.79 0.18 1.55
N ILE A 21 -0.26 -0.10 0.38
CA ILE A 21 -0.46 -1.46 -0.23
C ILE A 21 0.31 -2.51 0.58
N GLN A 22 1.46 -2.14 1.11
CA GLN A 22 2.26 -3.10 1.93
C GLN A 22 1.47 -3.50 3.18
N GLY A 23 0.82 -2.56 3.82
CA GLY A 23 0.01 -2.89 5.03
C GLY A 23 -1.16 -3.79 4.62
N LEU A 24 -1.74 -3.54 3.46
CA LEU A 24 -2.87 -4.40 2.98
C LEU A 24 -2.37 -5.83 2.77
N LEU A 25 -1.17 -6.00 2.27
CA LEU A 25 -0.62 -7.37 2.04
C LEU A 25 -0.40 -8.07 3.38
N GLN A 26 0.05 -7.34 4.39
CA GLN A 26 0.27 -7.95 5.74
C GLN A 26 -1.05 -8.48 6.31
N GLN A 27 -2.10 -7.69 6.23
CA GLN A 27 -3.43 -8.15 6.74
C GLN A 27 -3.96 -9.30 5.89
N ALA A 28 -3.65 -9.29 4.61
CA ALA A 28 -4.12 -10.39 3.71
C ALA A 28 -3.55 -11.74 4.15
N SER A 29 -2.41 -11.73 4.79
CA SER A 29 -1.80 -13.02 5.26
C SER A 29 -2.75 -13.71 6.22
N LYS A 30 -3.21 -13.01 7.24
CA LYS A 30 -4.17 -13.63 8.21
C LYS A 30 -5.53 -13.83 7.55
N GLN A 31 -5.94 -12.91 6.71
CA GLN A 31 -7.26 -13.04 6.00
C GLN A 31 -7.23 -14.28 5.09
N ALA A 32 -6.12 -14.54 4.45
CA ALA A 32 -6.02 -15.75 3.56
C ALA A 32 -6.21 -17.02 4.39
N GLN A 33 -5.78 -17.01 5.62
CA GLN A 33 -5.93 -18.21 6.50
C GLN A 33 -7.24 -18.14 7.32
N ASP A 34 -8.06 -17.14 7.08
CA ASP A 34 -9.34 -17.03 7.84
C ASP A 34 -10.36 -16.22 7.03
N ILE A 35 -11.06 -16.87 6.13
CA ILE A 35 -12.07 -16.15 5.29
C ILE A 35 -13.45 -16.21 5.98
N GLN A 36 -13.48 -16.25 7.29
CA GLN A 36 -14.78 -16.30 8.03
C GLN A 36 -14.65 -15.55 9.36
N PRO A 37 -15.77 -15.04 9.84
CA PRO A 37 -15.78 -14.29 11.12
C PRO A 37 -15.57 -15.23 12.33
N ALA A 38 -16.61 -15.90 12.78
CA ALA A 38 -16.46 -16.82 13.96
C ALA A 38 -16.59 -18.29 13.53
N MET A 39 -16.41 -18.59 12.27
CA MET A 39 -16.52 -20.01 11.81
C MET A 39 -15.26 -20.80 12.14
N GLN A 40 -14.13 -20.15 12.24
CA GLN A 40 -12.85 -20.86 12.56
C GLN A 40 -12.54 -20.74 14.06
N ALA A 1 -1.71 25.37 -15.36
CA ALA A 1 -1.32 24.51 -14.20
C ALA A 1 0.10 23.94 -14.41
N SER A 2 0.82 23.71 -13.34
CA SER A 2 2.20 23.16 -13.49
C SER A 2 2.14 21.64 -13.72
N ARG A 3 3.02 21.13 -14.54
CA ARG A 3 3.03 19.66 -14.82
C ARG A 3 4.22 18.98 -14.12
N ALA A 4 5.40 19.52 -14.29
CA ALA A 4 6.62 18.92 -13.66
C ALA A 4 6.44 18.83 -12.13
N ALA A 5 6.01 19.90 -11.51
CA ALA A 5 5.81 19.88 -10.02
C ALA A 5 4.80 18.78 -9.63
N LEU A 6 3.71 18.67 -10.36
CA LEU A 6 2.69 17.62 -10.05
C LEU A 6 3.34 16.23 -10.04
N ILE A 7 4.23 15.97 -10.97
CA ILE A 7 4.90 14.63 -11.02
C ILE A 7 5.80 14.46 -9.79
N GLU A 8 6.53 15.47 -9.42
CA GLU A 8 7.42 15.37 -8.21
C GLU A 8 6.58 15.13 -6.95
N GLU A 9 5.46 15.83 -6.83
CA GLU A 9 4.59 15.64 -5.63
C GLU A 9 4.03 14.21 -5.59
N GLY A 10 3.67 13.66 -6.74
CA GLY A 10 3.14 12.26 -6.78
C GLY A 10 4.22 11.29 -6.30
N GLN A 11 5.45 11.50 -6.71
CA GLN A 11 6.56 10.60 -6.26
C GLN A 11 6.65 10.63 -4.73
N ARG A 12 6.50 11.79 -4.13
CA ARG A 12 6.56 11.88 -2.65
C ARG A 12 5.39 11.12 -2.03
N ILE A 13 4.20 11.31 -2.53
CA ILE A 13 3.01 10.58 -1.98
C ILE A 13 3.12 9.09 -2.33
N ALA A 14 3.61 8.78 -3.51
CA ALA A 14 3.76 7.34 -3.91
C ALA A 14 4.62 6.58 -2.89
N GLU A 15 5.66 7.20 -2.39
CA GLU A 15 6.53 6.50 -1.38
C GLU A 15 5.78 6.38 -0.06
N MET A 16 5.17 7.46 0.40
CA MET A 16 4.40 7.41 1.68
C MET A 16 3.27 6.37 1.57
N LEU A 17 2.65 6.28 0.41
CA LEU A 17 1.55 5.28 0.23
C LEU A 17 2.12 3.86 0.20
N LYS A 18 3.34 3.71 -0.26
CA LYS A 18 3.98 2.35 -0.32
C LYS A 18 4.01 1.73 1.08
N SER A 19 4.37 2.50 2.08
CA SER A 19 4.40 1.95 3.48
C SER A 19 3.00 1.55 3.91
N LYS A 20 2.00 2.34 3.58
CA LYS A 20 0.60 2.02 3.95
C LYS A 20 0.13 0.75 3.21
N ILE A 21 0.43 0.65 1.94
CA ILE A 21 0.01 -0.57 1.16
C ILE A 21 0.76 -1.80 1.66
N GLN A 22 1.97 -1.63 2.13
CA GLN A 22 2.75 -2.79 2.66
C GLN A 22 2.01 -3.44 3.83
N GLY A 23 1.53 -2.64 4.75
CA GLY A 23 0.76 -3.20 5.91
C GLY A 23 -0.55 -3.81 5.41
N LEU A 24 -1.16 -3.20 4.41
CA LEU A 24 -2.43 -3.74 3.86
C LEU A 24 -2.18 -5.10 3.20
N LEU A 25 -1.08 -5.24 2.47
CA LEU A 25 -0.76 -6.55 1.82
C LEU A 25 -0.57 -7.62 2.90
N GLN A 26 0.03 -7.27 4.02
CA GLN A 26 0.24 -8.27 5.11
C GLN A 26 -1.12 -8.70 5.69
N GLN A 27 -2.07 -7.80 5.76
CA GLN A 27 -3.42 -8.17 6.29
C GLN A 27 -4.21 -8.92 5.23
N ALA A 28 -3.98 -8.61 3.98
CA ALA A 28 -4.71 -9.29 2.87
C ALA A 28 -4.31 -10.78 2.80
N SER A 29 -3.11 -11.10 3.21
CA SER A 29 -2.65 -12.52 3.18
C SER A 29 -3.49 -13.38 4.15
N LYS A 30 -3.92 -12.80 5.25
CA LYS A 30 -4.74 -13.58 6.23
C LYS A 30 -6.10 -13.93 5.62
N GLN A 31 -6.73 -12.98 4.94
CA GLN A 31 -8.04 -13.26 4.30
C GLN A 31 -7.88 -14.21 3.11
N ALA A 32 -6.74 -14.18 2.45
CA ALA A 32 -6.52 -15.09 1.28
C ALA A 32 -6.35 -16.55 1.75
N GLN A 33 -5.82 -16.75 2.93
CA GLN A 33 -5.64 -18.14 3.44
C GLN A 33 -6.95 -18.71 4.01
N ASP A 34 -7.90 -17.86 4.36
CA ASP A 34 -9.20 -18.32 4.92
C ASP A 34 -8.98 -19.18 6.18
N ILE A 35 -8.30 -18.63 7.15
CA ILE A 35 -8.05 -19.40 8.41
C ILE A 35 -8.68 -18.66 9.61
N GLN A 36 -9.72 -17.88 9.38
CA GLN A 36 -10.38 -17.14 10.50
C GLN A 36 -11.91 -17.33 10.43
N PRO A 37 -12.37 -18.42 11.00
CA PRO A 37 -13.83 -18.72 10.99
C PRO A 37 -14.58 -17.84 12.00
N ALA A 38 -14.75 -16.58 11.69
CA ALA A 38 -15.47 -15.66 12.63
C ALA A 38 -16.82 -15.23 12.04
N MET A 39 -17.06 -15.48 10.77
CA MET A 39 -18.37 -15.08 10.15
C MET A 39 -19.31 -16.30 10.04
N GLN A 40 -19.07 -17.35 10.79
CA GLN A 40 -19.95 -18.55 10.71
C GLN A 40 -21.29 -18.30 11.43
N ALA A 1 -2.30 28.27 -11.15
CA ALA A 1 -1.82 26.86 -11.06
C ALA A 1 -0.40 26.81 -10.49
N SER A 2 -0.06 25.73 -9.82
CA SER A 2 1.31 25.62 -9.24
C SER A 2 2.08 24.47 -9.92
N ARG A 3 3.30 24.72 -10.33
CA ARG A 3 4.10 23.66 -11.01
C ARG A 3 4.76 22.71 -10.00
N ALA A 4 4.55 22.92 -8.71
CA ALA A 4 5.17 22.03 -7.69
C ALA A 4 4.51 20.63 -7.71
N ALA A 5 3.28 20.55 -8.16
CA ALA A 5 2.58 19.22 -8.21
C ALA A 5 3.37 18.21 -9.04
N LEU A 6 4.14 18.66 -10.01
CA LEU A 6 4.93 17.72 -10.86
C LEU A 6 5.76 16.77 -9.98
N ILE A 7 6.47 17.31 -9.02
CA ILE A 7 7.30 16.44 -8.11
C ILE A 7 6.36 15.66 -7.19
N GLU A 8 5.26 16.24 -6.80
CA GLU A 8 4.29 15.53 -5.90
C GLU A 8 3.73 14.28 -6.60
N GLU A 9 3.59 14.33 -7.91
CA GLU A 9 3.06 13.16 -8.67
C GLU A 9 4.05 11.97 -8.64
N GLY A 10 5.30 12.23 -8.34
CA GLY A 10 6.29 11.11 -8.31
C GLY A 10 6.88 10.96 -6.91
N GLN A 11 7.45 12.01 -6.37
CA GLN A 11 8.06 11.92 -5.01
C GLN A 11 6.99 11.66 -3.94
N ARG A 12 5.97 12.48 -3.87
CA ARG A 12 4.90 12.26 -2.84
C ARG A 12 4.15 10.95 -3.10
N ILE A 13 4.05 10.53 -4.35
CA ILE A 13 3.33 9.25 -4.64
C ILE A 13 4.26 8.05 -4.40
N ALA A 14 5.51 8.15 -4.79
CA ALA A 14 6.46 7.02 -4.58
C ALA A 14 6.43 6.57 -3.11
N GLU A 15 6.57 7.49 -2.19
CA GLU A 15 6.53 7.14 -0.73
C GLU A 15 5.15 6.58 -0.38
N MET A 16 4.10 7.22 -0.84
CA MET A 16 2.72 6.72 -0.56
C MET A 16 2.56 5.30 -1.12
N LEU A 17 3.14 5.04 -2.27
CA LEU A 17 3.04 3.68 -2.88
C LEU A 17 3.66 2.64 -1.95
N LYS A 18 4.80 2.95 -1.39
CA LYS A 18 5.48 2.00 -0.45
C LYS A 18 4.56 1.72 0.75
N SER A 19 3.97 2.75 1.31
CA SER A 19 3.05 2.55 2.47
C SER A 19 1.84 1.71 2.03
N LYS A 20 1.37 1.90 0.82
CA LYS A 20 0.21 1.10 0.32
C LYS A 20 0.60 -0.38 0.22
N ILE A 21 1.82 -0.67 -0.19
CA ILE A 21 2.25 -2.10 -0.31
C ILE A 21 2.30 -2.73 1.09
N GLN A 22 2.72 -1.98 2.08
CA GLN A 22 2.78 -2.52 3.47
C GLN A 22 1.37 -2.84 3.97
N GLY A 23 0.43 -1.96 3.70
CA GLY A 23 -0.98 -2.21 4.13
C GLY A 23 -1.52 -3.45 3.40
N LEU A 24 -1.19 -3.60 2.14
CA LEU A 24 -1.65 -4.78 1.35
C LEU A 24 -1.16 -6.07 2.03
N LEU A 25 0.06 -6.08 2.51
CA LEU A 25 0.60 -7.30 3.19
C LEU A 25 -0.25 -7.60 4.43
N GLN A 26 -0.59 -6.59 5.19
CA GLN A 26 -1.44 -6.80 6.41
C GLN A 26 -2.86 -7.19 5.98
N GLN A 27 -3.36 -6.60 4.93
CA GLN A 27 -4.74 -6.92 4.44
C GLN A 27 -4.81 -8.40 4.00
N ALA A 28 -3.74 -8.91 3.46
CA ALA A 28 -3.71 -10.33 3.00
C ALA A 28 -3.77 -11.28 4.20
N SER A 29 -3.28 -10.86 5.34
CA SER A 29 -3.29 -11.73 6.56
C SER A 29 -4.74 -12.11 6.91
N LYS A 30 -5.65 -11.17 6.85
CA LYS A 30 -7.09 -11.47 7.16
C LYS A 30 -7.61 -12.56 6.21
N GLN A 31 -7.21 -12.51 4.96
CA GLN A 31 -7.67 -13.55 3.98
C GLN A 31 -7.14 -14.93 4.39
N ALA A 32 -5.92 -15.00 4.83
CA ALA A 32 -5.34 -16.30 5.28
C ALA A 32 -5.93 -16.72 6.63
N GLN A 33 -6.35 -15.77 7.43
CA GLN A 33 -6.93 -16.10 8.77
C GLN A 33 -8.47 -16.11 8.69
N ASP A 34 -9.03 -16.45 7.56
CA ASP A 34 -10.53 -16.48 7.42
C ASP A 34 -11.13 -17.51 8.39
N ILE A 35 -10.53 -18.68 8.47
CA ILE A 35 -11.05 -19.73 9.40
C ILE A 35 -10.12 -19.89 10.60
N GLN A 36 -9.60 -18.80 11.12
CA GLN A 36 -8.69 -18.88 12.29
C GLN A 36 -9.48 -18.74 13.60
N PRO A 37 -9.22 -19.65 14.53
CA PRO A 37 -9.91 -19.62 15.83
C PRO A 37 -9.40 -18.46 16.71
N ALA A 38 -10.03 -18.23 17.82
CA ALA A 38 -9.58 -17.12 18.72
C ALA A 38 -8.84 -17.68 19.96
N MET A 39 -8.37 -18.91 19.89
CA MET A 39 -7.65 -19.50 21.06
C MET A 39 -6.15 -19.15 21.00
N GLN A 40 -5.57 -19.16 19.82
CA GLN A 40 -4.11 -18.84 19.67
C GLN A 40 -3.25 -19.84 20.46
N ALA A 1 3.83 27.51 -11.27
CA ALA A 1 3.19 26.17 -11.47
C ALA A 1 3.66 25.54 -12.79
N SER A 2 4.05 24.29 -12.77
CA SER A 2 4.53 23.62 -14.01
C SER A 2 4.38 22.10 -13.88
N ARG A 3 4.62 21.37 -14.95
CA ARG A 3 4.50 19.88 -14.89
C ARG A 3 5.44 19.30 -13.83
N ALA A 4 6.52 19.99 -13.53
CA ALA A 4 7.47 19.50 -12.48
C ALA A 4 6.76 19.43 -11.12
N ALA A 5 5.88 20.37 -10.85
CA ALA A 5 5.14 20.35 -9.55
C ALA A 5 4.31 19.07 -9.43
N LEU A 6 3.66 18.66 -10.50
CA LEU A 6 2.84 17.41 -10.47
C LEU A 6 3.75 16.20 -10.23
N ILE A 7 4.95 16.22 -10.74
CA ILE A 7 5.89 15.07 -10.53
C ILE A 7 6.34 15.02 -9.06
N GLU A 8 6.50 16.17 -8.44
CA GLU A 8 6.95 16.20 -7.01
C GLU A 8 5.85 15.67 -6.08
N GLU A 9 4.62 16.11 -6.26
CA GLU A 9 3.52 15.62 -5.36
C GLU A 9 3.32 14.11 -5.55
N GLY A 10 3.57 13.59 -6.72
CA GLY A 10 3.41 12.11 -6.95
C GLY A 10 4.54 11.37 -6.23
N GLN A 11 5.74 11.93 -6.25
CA GLN A 11 6.89 11.26 -5.55
C GLN A 11 6.55 11.06 -4.08
N ARG A 12 6.04 12.08 -3.43
CA ARG A 12 5.67 11.96 -1.99
C ARG A 12 4.51 10.96 -1.83
N ILE A 13 3.53 11.01 -2.71
CA ILE A 13 2.39 10.04 -2.61
C ILE A 13 2.91 8.62 -2.86
N ALA A 14 3.78 8.46 -3.84
CA ALA A 14 4.35 7.11 -4.13
C ALA A 14 5.09 6.57 -2.91
N GLU A 15 5.81 7.43 -2.20
CA GLU A 15 6.55 6.98 -0.98
C GLU A 15 5.56 6.47 0.07
N MET A 16 4.55 7.26 0.37
CA MET A 16 3.53 6.83 1.38
C MET A 16 2.76 5.61 0.87
N LEU A 17 2.52 5.53 -0.41
CA LEU A 17 1.79 4.35 -0.98
C LEU A 17 2.65 3.09 -0.87
N LYS A 18 3.95 3.22 -0.96
CA LYS A 18 4.84 2.02 -0.85
C LYS A 18 4.62 1.33 0.50
N SER A 19 4.63 2.08 1.58
CA SER A 19 4.40 1.45 2.92
C SER A 19 2.93 1.04 3.05
N LYS A 20 2.03 1.79 2.46
CA LYS A 20 0.58 1.45 2.53
C LYS A 20 0.32 0.11 1.82
N ILE A 21 0.83 -0.04 0.62
CA ILE A 21 0.62 -1.31 -0.14
C ILE A 21 1.26 -2.49 0.62
N GLN A 22 2.36 -2.25 1.29
CA GLN A 22 3.02 -3.35 2.05
C GLN A 22 2.13 -3.79 3.22
N GLY A 23 1.54 -2.85 3.93
CA GLY A 23 0.64 -3.21 5.06
C GLY A 23 -0.66 -3.80 4.52
N LEU A 24 -1.19 -3.24 3.45
CA LEU A 24 -2.46 -3.76 2.85
C LEU A 24 -2.24 -5.21 2.38
N LEU A 25 -1.18 -5.47 1.67
CA LEU A 25 -0.91 -6.87 1.18
C LEU A 25 -0.76 -7.82 2.37
N GLN A 26 -0.11 -7.38 3.41
CA GLN A 26 0.07 -8.25 4.63
C GLN A 26 -1.30 -8.56 5.24
N GLN A 27 -2.17 -7.58 5.35
CA GLN A 27 -3.52 -7.83 5.93
C GLN A 27 -4.31 -8.77 5.03
N ALA A 28 -4.17 -8.65 3.73
CA ALA A 28 -4.90 -9.54 2.79
C ALA A 28 -4.51 -11.00 3.06
N SER A 29 -3.24 -11.23 3.32
CA SER A 29 -2.77 -12.62 3.62
C SER A 29 -3.40 -13.09 4.93
N LYS A 30 -3.46 -12.24 5.92
CA LYS A 30 -4.07 -12.62 7.23
C LYS A 30 -5.58 -12.80 7.06
N GLN A 31 -6.20 -11.99 6.23
CA GLN A 31 -7.66 -12.10 5.99
C GLN A 31 -7.98 -13.40 5.24
N ALA A 32 -7.12 -13.81 4.34
CA ALA A 32 -7.37 -15.08 3.59
C ALA A 32 -7.03 -16.30 4.47
N GLN A 33 -6.51 -16.09 5.65
CA GLN A 33 -6.15 -17.24 6.55
C GLN A 33 -7.41 -17.94 7.07
N ASP A 34 -8.36 -17.20 7.62
CA ASP A 34 -9.59 -17.85 8.16
C ASP A 34 -10.78 -16.88 8.15
N ILE A 35 -10.74 -15.85 8.99
CA ILE A 35 -11.87 -14.84 9.08
C ILE A 35 -13.24 -15.52 8.93
N GLN A 36 -13.47 -16.61 9.63
CA GLN A 36 -14.78 -17.30 9.53
C GLN A 36 -15.72 -16.86 10.66
N PRO A 37 -16.85 -16.29 10.27
CA PRO A 37 -17.84 -15.81 11.26
C PRO A 37 -18.65 -16.98 11.84
N ALA A 38 -18.00 -17.87 12.54
CA ALA A 38 -18.71 -19.04 13.14
C ALA A 38 -18.92 -18.82 14.64
N MET A 39 -17.89 -18.40 15.34
CA MET A 39 -18.03 -18.16 16.81
C MET A 39 -18.53 -16.73 17.07
N GLN A 40 -18.21 -15.80 16.18
CA GLN A 40 -18.64 -14.36 16.34
C GLN A 40 -18.54 -13.89 17.81
N ALA A 1 8.64 28.73 -9.05
CA ALA A 1 7.44 27.97 -9.52
C ALA A 1 7.81 27.09 -10.73
N SER A 2 8.64 26.11 -10.53
CA SER A 2 9.04 25.21 -11.66
C SER A 2 7.95 24.16 -11.92
N ARG A 3 7.94 23.59 -13.10
CA ARG A 3 6.91 22.56 -13.44
C ARG A 3 7.29 21.20 -12.83
N ALA A 4 8.57 20.90 -12.79
CA ALA A 4 9.03 19.60 -12.21
C ALA A 4 8.66 19.51 -10.72
N ALA A 5 8.54 20.64 -10.05
CA ALA A 5 8.19 20.63 -8.58
C ALA A 5 6.88 19.87 -8.36
N LEU A 6 5.85 20.16 -9.13
CA LEU A 6 4.55 19.46 -8.97
C LEU A 6 4.73 17.95 -9.20
N ILE A 7 5.54 17.57 -10.16
CA ILE A 7 5.77 16.12 -10.43
C ILE A 7 6.44 15.46 -9.21
N GLU A 8 7.37 16.14 -8.58
CA GLU A 8 8.05 15.56 -7.38
C GLU A 8 7.04 15.36 -6.25
N GLU A 9 6.20 16.34 -6.00
CA GLU A 9 5.18 16.22 -4.90
C GLU A 9 4.29 14.98 -5.14
N GLY A 10 3.88 14.76 -6.37
CA GLY A 10 3.02 13.57 -6.67
C GLY A 10 3.82 12.30 -6.41
N GLN A 11 5.06 12.26 -6.81
CA GLN A 11 5.90 11.04 -6.58
C GLN A 11 6.02 10.78 -5.07
N ARG A 12 6.15 11.82 -4.28
CA ARG A 12 6.25 11.65 -2.80
C ARG A 12 4.96 11.01 -2.27
N ILE A 13 3.82 11.44 -2.77
CA ILE A 13 2.52 10.87 -2.31
C ILE A 13 2.35 9.47 -2.92
N ALA A 14 2.70 9.31 -4.18
CA ALA A 14 2.57 7.97 -4.84
C ALA A 14 3.38 6.91 -4.09
N GLU A 15 4.57 7.25 -3.65
CA GLU A 15 5.41 6.27 -2.90
C GLU A 15 4.72 5.88 -1.59
N MET A 16 4.22 6.84 -0.86
CA MET A 16 3.51 6.52 0.43
C MET A 16 2.30 5.63 0.15
N LEU A 17 1.62 5.87 -0.95
CA LEU A 17 0.42 5.02 -1.29
C LEU A 17 0.87 3.58 -1.59
N LYS A 18 1.99 3.42 -2.23
CA LYS A 18 2.49 2.05 -2.56
C LYS A 18 2.72 1.26 -1.26
N SER A 19 3.31 1.90 -0.27
CA SER A 19 3.55 1.20 1.03
C SER A 19 2.22 0.94 1.74
N LYS A 20 1.28 1.85 1.63
CA LYS A 20 -0.05 1.67 2.29
C LYS A 20 -0.73 0.41 1.72
N ILE A 21 -0.65 0.22 0.43
CA ILE A 21 -1.28 -0.98 -0.21
C ILE A 21 -0.53 -2.25 0.25
N GLN A 22 0.76 -2.15 0.40
CA GLN A 22 1.55 -3.34 0.85
C GLN A 22 1.13 -3.75 2.26
N GLY A 23 0.95 -2.79 3.15
CA GLY A 23 0.53 -3.11 4.54
C GLY A 23 -0.86 -3.78 4.50
N LEU A 24 -1.74 -3.30 3.65
CA LEU A 24 -3.10 -3.92 3.55
C LEU A 24 -2.98 -5.37 3.10
N LEU A 25 -2.16 -5.64 2.11
CA LEU A 25 -1.99 -7.04 1.62
C LEU A 25 -1.43 -7.92 2.75
N GLN A 26 -0.53 -7.40 3.55
CA GLN A 26 0.05 -8.20 4.67
C GLN A 26 -1.04 -8.49 5.73
N GLN A 27 -1.94 -7.56 5.94
CA GLN A 27 -3.02 -7.80 6.95
C GLN A 27 -3.97 -8.91 6.45
N ALA A 28 -4.16 -9.00 5.15
CA ALA A 28 -5.05 -10.05 4.60
C ALA A 28 -4.31 -11.40 4.47
N SER A 29 -3.02 -11.40 4.60
CA SER A 29 -2.25 -12.68 4.49
C SER A 29 -2.52 -13.60 5.71
N LYS A 30 -2.75 -13.02 6.86
CA LYS A 30 -3.02 -13.85 8.08
C LYS A 30 -4.32 -14.65 7.92
N GLN A 31 -5.40 -14.01 7.54
CA GLN A 31 -6.69 -14.75 7.35
C GLN A 31 -6.54 -15.89 6.35
N ALA A 32 -5.77 -15.69 5.30
CA ALA A 32 -5.58 -16.76 4.27
C ALA A 32 -4.59 -17.83 4.76
N GLN A 33 -3.65 -17.46 5.60
CA GLN A 33 -2.65 -18.46 6.10
C GLN A 33 -3.21 -19.21 7.31
N ASP A 34 -3.73 -18.48 8.28
CA ASP A 34 -4.29 -19.14 9.50
C ASP A 34 -5.60 -19.87 9.17
N ILE A 35 -6.29 -19.46 8.14
CA ILE A 35 -7.59 -20.12 7.75
C ILE A 35 -8.55 -20.11 8.94
N GLN A 36 -9.11 -18.96 9.23
CA GLN A 36 -10.06 -18.86 10.38
C GLN A 36 -11.49 -19.18 9.92
N PRO A 37 -12.29 -19.65 10.85
CA PRO A 37 -13.69 -20.01 10.54
C PRO A 37 -14.55 -18.74 10.33
N ALA A 38 -15.81 -18.91 10.03
CA ALA A 38 -16.70 -17.73 9.83
C ALA A 38 -17.41 -17.35 11.13
N MET A 39 -16.91 -17.78 12.26
CA MET A 39 -17.56 -17.43 13.56
C MET A 39 -16.88 -16.20 14.18
N GLN A 40 -15.58 -16.24 14.34
CA GLN A 40 -14.86 -15.08 14.93
C GLN A 40 -13.48 -14.93 14.26
N ALA A 1 4.72 27.12 -15.15
CA ALA A 1 4.03 25.81 -15.37
C ALA A 1 5.07 24.69 -15.57
N SER A 2 5.09 23.73 -14.68
CA SER A 2 6.08 22.61 -14.81
C SER A 2 5.42 21.27 -14.44
N ARG A 3 5.13 20.44 -15.41
CA ARG A 3 4.49 19.13 -15.12
C ARG A 3 5.44 18.22 -14.31
N ALA A 4 6.70 18.19 -14.67
CA ALA A 4 7.68 17.33 -13.93
C ALA A 4 7.68 17.70 -12.44
N ALA A 5 7.63 18.97 -12.12
CA ALA A 5 7.62 19.40 -10.68
C ALA A 5 6.37 18.85 -9.98
N LEU A 6 5.24 18.90 -10.62
CA LEU A 6 3.98 18.36 -9.99
C LEU A 6 4.09 16.84 -9.81
N ILE A 7 4.65 16.15 -10.78
CA ILE A 7 4.80 14.67 -10.66
C ILE A 7 5.69 14.31 -9.46
N GLU A 8 6.77 15.03 -9.27
CA GLU A 8 7.66 14.74 -8.11
C GLU A 8 6.91 14.97 -6.79
N GLU A 9 6.14 16.03 -6.70
CA GLU A 9 5.36 16.30 -5.46
C GLU A 9 4.40 15.15 -5.17
N GLY A 10 3.69 14.68 -6.17
CA GLY A 10 2.74 13.54 -5.96
C GLY A 10 3.52 12.26 -5.72
N GLN A 11 4.60 12.05 -6.44
CA GLN A 11 5.41 10.80 -6.26
C GLN A 11 5.87 10.67 -4.80
N ARG A 12 6.28 11.77 -4.19
CA ARG A 12 6.72 11.71 -2.77
C ARG A 12 5.56 11.25 -1.87
N ILE A 13 4.42 11.89 -1.98
CA ILE A 13 3.24 11.49 -1.14
C ILE A 13 2.76 10.09 -1.57
N ALA A 14 2.74 9.81 -2.85
CA ALA A 14 2.29 8.47 -3.32
C ALA A 14 3.20 7.37 -2.76
N GLU A 15 4.51 7.56 -2.81
CA GLU A 15 5.45 6.53 -2.28
C GLU A 15 5.18 6.28 -0.80
N MET A 16 4.90 7.31 -0.04
CA MET A 16 4.60 7.14 1.42
C MET A 16 3.34 6.28 1.60
N LEU A 17 2.40 6.40 0.69
CA LEU A 17 1.15 5.58 0.79
C LEU A 17 1.41 4.15 0.32
N LYS A 18 2.29 3.99 -0.64
CA LYS A 18 2.60 2.61 -1.17
C LYS A 18 2.97 1.66 -0.02
N SER A 19 3.88 2.08 0.84
CA SER A 19 4.28 1.21 1.99
C SER A 19 3.06 0.93 2.89
N LYS A 20 2.21 1.91 3.09
CA LYS A 20 1.01 1.71 3.95
C LYS A 20 0.06 0.68 3.31
N ILE A 21 -0.05 0.68 2.00
CA ILE A 21 -0.94 -0.30 1.31
C ILE A 21 -0.35 -1.71 1.44
N GLN A 22 0.95 -1.81 1.47
CA GLN A 22 1.60 -3.15 1.60
C GLN A 22 1.34 -3.73 2.99
N GLY A 23 1.47 -2.93 4.03
CA GLY A 23 1.22 -3.44 5.40
C GLY A 23 -0.24 -3.88 5.53
N LEU A 24 -1.15 -3.11 4.99
CA LEU A 24 -2.61 -3.48 5.07
C LEU A 24 -2.87 -4.73 4.23
N LEU A 25 -2.32 -4.81 3.05
CA LEU A 25 -2.54 -6.01 2.19
C LEU A 25 -1.86 -7.25 2.79
N GLN A 26 -0.73 -7.06 3.44
CA GLN A 26 -0.03 -8.24 4.07
C GLN A 26 -0.97 -8.93 5.06
N GLN A 27 -1.67 -8.16 5.87
CA GLN A 27 -2.61 -8.77 6.85
C GLN A 27 -3.81 -9.38 6.13
N ALA A 28 -4.21 -8.80 5.02
CA ALA A 28 -5.36 -9.35 4.25
C ALA A 28 -4.90 -10.49 3.32
N SER A 29 -3.62 -10.67 3.17
CA SER A 29 -3.10 -11.76 2.28
C SER A 29 -3.04 -13.08 3.05
N LYS A 30 -2.51 -13.06 4.25
CA LYS A 30 -2.41 -14.32 5.05
C LYS A 30 -3.81 -14.92 5.27
N GLN A 31 -4.77 -14.11 5.63
CA GLN A 31 -6.15 -14.63 5.86
C GLN A 31 -6.76 -15.16 4.55
N ALA A 32 -6.35 -14.63 3.42
CA ALA A 32 -6.90 -15.12 2.11
C ALA A 32 -6.21 -16.41 1.68
N GLN A 33 -5.01 -16.66 2.16
CA GLN A 33 -4.27 -17.91 1.77
C GLN A 33 -5.02 -19.15 2.27
N ASP A 34 -5.36 -19.19 3.54
CA ASP A 34 -6.09 -20.39 4.08
C ASP A 34 -7.55 -20.04 4.36
N ILE A 35 -7.82 -18.87 4.91
CA ILE A 35 -9.22 -18.44 5.23
C ILE A 35 -9.94 -19.45 6.16
N GLN A 36 -9.20 -20.34 6.79
CA GLN A 36 -9.86 -21.33 7.71
C GLN A 36 -8.93 -21.69 8.87
N PRO A 37 -9.45 -21.59 10.08
CA PRO A 37 -8.65 -21.93 11.29
C PRO A 37 -8.46 -23.45 11.40
N ALA A 38 -9.33 -24.23 10.82
CA ALA A 38 -9.19 -25.72 10.89
C ALA A 38 -8.75 -26.29 9.55
N MET A 39 -8.16 -25.49 8.70
CA MET A 39 -7.69 -26.00 7.36
C MET A 39 -6.49 -26.93 7.53
N GLN A 40 -5.52 -26.53 8.32
CA GLN A 40 -4.29 -27.37 8.54
C GLN A 40 -3.61 -27.71 7.20
N ALA A 1 3.61 29.09 -11.77
CA ALA A 1 3.09 27.70 -11.71
C ALA A 1 4.18 26.73 -11.24
N SER A 2 3.80 25.62 -10.67
CA SER A 2 4.82 24.64 -10.18
C SER A 2 4.92 23.44 -11.13
N ARG A 3 6.03 23.27 -11.80
CA ARG A 3 6.20 22.13 -12.74
C ARG A 3 7.17 21.11 -12.15
N ALA A 4 8.42 21.50 -11.95
CA ALA A 4 9.43 20.57 -11.36
C ALA A 4 8.98 20.11 -9.97
N ALA A 5 8.53 21.03 -9.14
CA ALA A 5 8.08 20.66 -7.78
C ALA A 5 6.85 19.73 -7.85
N LEU A 6 5.99 19.95 -8.82
CA LEU A 6 4.77 19.08 -8.98
C LEU A 6 5.18 17.64 -9.26
N ILE A 7 6.25 17.43 -10.00
CA ILE A 7 6.72 16.04 -10.30
C ILE A 7 7.02 15.31 -8.99
N GLU A 8 7.74 15.94 -8.10
CA GLU A 8 8.07 15.30 -6.79
C GLU A 8 6.81 15.20 -5.92
N GLU A 9 5.90 16.13 -6.04
CA GLU A 9 4.64 16.08 -5.23
C GLU A 9 3.92 14.75 -5.46
N GLY A 10 3.76 14.36 -6.70
CA GLY A 10 3.07 13.07 -7.00
C GLY A 10 3.97 11.90 -6.59
N GLN A 11 5.27 12.04 -6.76
CA GLN A 11 6.19 10.93 -6.38
C GLN A 11 6.10 10.66 -4.86
N ARG A 12 6.05 11.71 -4.07
CA ARG A 12 5.94 11.52 -2.59
C ARG A 12 4.63 10.79 -2.23
N ILE A 13 3.56 11.13 -2.91
CA ILE A 13 2.25 10.45 -2.63
C ILE A 13 2.23 9.07 -3.28
N ALA A 14 2.74 8.96 -4.49
CA ALA A 14 2.76 7.62 -5.19
C ALA A 14 3.46 6.56 -4.32
N GLU A 15 4.61 6.89 -3.77
CA GLU A 15 5.34 5.90 -2.90
C GLU A 15 4.48 5.57 -1.66
N MET A 16 3.98 6.59 -1.00
CA MET A 16 3.12 6.34 0.21
C MET A 16 1.87 5.55 -0.19
N LEU A 17 1.32 5.84 -1.35
CA LEU A 17 0.11 5.09 -1.82
C LEU A 17 0.42 3.60 -1.95
N LYS A 18 1.59 3.28 -2.45
CA LYS A 18 1.98 1.83 -2.60
C LYS A 18 2.15 1.19 -1.21
N SER A 19 2.79 1.90 -0.30
CA SER A 19 2.98 1.33 1.08
C SER A 19 1.62 0.99 1.71
N LYS A 20 0.61 1.77 1.43
CA LYS A 20 -0.75 1.49 2.00
C LYS A 20 -1.37 0.27 1.29
N ILE A 21 -1.31 0.23 -0.01
CA ILE A 21 -1.88 -0.93 -0.77
C ILE A 21 -1.12 -2.22 -0.42
N GLN A 22 0.16 -2.12 -0.25
CA GLN A 22 0.98 -3.32 0.10
C GLN A 22 0.83 -3.65 1.59
N GLY A 23 0.78 -2.65 2.42
CA GLY A 23 0.61 -2.89 3.89
C GLY A 23 -0.73 -3.59 4.13
N LEU A 24 -1.76 -3.17 3.44
CA LEU A 24 -3.10 -3.84 3.60
C LEU A 24 -3.02 -5.31 3.19
N LEU A 25 -2.12 -5.63 2.29
CA LEU A 25 -1.97 -7.06 1.84
C LEU A 25 -1.21 -7.87 2.89
N GLN A 26 -0.25 -7.25 3.55
CA GLN A 26 0.54 -7.99 4.60
C GLN A 26 -0.39 -8.56 5.67
N GLN A 27 -1.25 -7.73 6.24
CA GLN A 27 -2.20 -8.23 7.29
C GLN A 27 -3.20 -9.23 6.67
N ALA A 28 -3.49 -9.08 5.40
CA ALA A 28 -4.44 -10.02 4.73
C ALA A 28 -3.83 -11.43 4.63
N SER A 29 -2.52 -11.50 4.53
CA SER A 29 -1.84 -12.82 4.42
C SER A 29 -2.12 -13.68 5.67
N LYS A 30 -2.01 -13.09 6.83
CA LYS A 30 -2.28 -13.84 8.10
C LYS A 30 -3.77 -14.16 8.21
N GLN A 31 -4.62 -13.25 7.78
CA GLN A 31 -6.09 -13.49 7.87
C GLN A 31 -6.51 -14.60 6.88
N ALA A 32 -5.84 -14.71 5.75
CA ALA A 32 -6.21 -15.76 4.76
C ALA A 32 -5.54 -17.09 5.09
N GLN A 33 -4.25 -17.09 5.36
CA GLN A 33 -3.54 -18.37 5.67
C GLN A 33 -3.46 -18.59 7.19
N ASP A 34 -3.00 -17.61 7.92
CA ASP A 34 -2.89 -17.75 9.42
C ASP A 34 -2.02 -18.97 9.79
N ILE A 35 -1.04 -19.29 8.98
CA ILE A 35 -0.16 -20.46 9.28
C ILE A 35 1.19 -20.35 8.54
N GLN A 36 1.71 -19.15 8.40
CA GLN A 36 3.02 -18.98 7.70
C GLN A 36 3.83 -17.85 8.35
N PRO A 37 5.14 -17.95 8.27
CA PRO A 37 6.03 -16.92 8.85
C PRO A 37 6.05 -15.66 7.97
N ALA A 38 5.23 -14.69 8.30
CA ALA A 38 5.18 -13.44 7.49
C ALA A 38 5.75 -12.24 8.27
N MET A 39 6.54 -12.49 9.29
CA MET A 39 7.11 -11.36 10.10
C MET A 39 8.12 -10.55 9.26
N GLN A 40 9.00 -11.23 8.57
CA GLN A 40 10.00 -10.51 7.72
C GLN A 40 9.86 -10.93 6.26
N ALA A 1 0.35 26.23 -14.32
CA ALA A 1 1.24 25.18 -14.90
C ALA A 1 2.45 24.94 -14.00
N SER A 2 2.64 23.71 -13.58
CA SER A 2 3.81 23.39 -12.70
C SER A 2 4.44 22.06 -13.08
N ARG A 3 5.74 22.01 -13.21
CA ARG A 3 6.42 20.74 -13.59
C ARG A 3 7.18 20.17 -12.38
N ALA A 4 8.09 20.94 -11.82
CA ALA A 4 8.87 20.46 -10.64
C ALA A 4 7.91 20.06 -9.50
N ALA A 5 6.98 20.90 -9.17
CA ALA A 5 6.00 20.57 -8.07
C ALA A 5 5.15 19.36 -8.47
N LEU A 6 4.76 19.26 -9.72
CA LEU A 6 3.93 18.10 -10.17
C LEU A 6 4.70 16.79 -9.96
N ILE A 7 5.93 16.73 -10.37
CA ILE A 7 6.74 15.48 -10.18
C ILE A 7 7.09 15.30 -8.69
N GLU A 8 7.40 16.37 -8.01
CA GLU A 8 7.74 16.26 -6.55
C GLU A 8 6.54 15.73 -5.76
N GLU A 9 5.38 16.30 -5.98
CA GLU A 9 4.16 15.83 -5.24
C GLU A 9 3.83 14.38 -5.62
N GLY A 10 4.01 14.02 -6.87
CA GLY A 10 3.72 12.62 -7.30
C GLY A 10 4.65 11.65 -6.57
N GLN A 11 5.92 11.98 -6.49
CA GLN A 11 6.88 11.07 -5.77
C GLN A 11 6.45 10.90 -4.31
N ARG A 12 6.03 11.96 -3.67
CA ARG A 12 5.60 11.86 -2.25
C ARG A 12 4.34 10.97 -2.13
N ILE A 13 3.42 11.10 -3.06
CA ILE A 13 2.19 10.27 -3.02
C ILE A 13 2.51 8.84 -3.49
N ALA A 14 3.33 8.71 -4.51
CA ALA A 14 3.69 7.35 -5.02
C ALA A 14 4.26 6.49 -3.89
N GLU A 15 5.09 7.06 -3.04
CA GLU A 15 5.68 6.28 -1.91
C GLU A 15 4.59 6.01 -0.86
N MET A 16 3.88 7.04 -0.45
CA MET A 16 2.81 6.86 0.58
C MET A 16 1.77 5.83 0.09
N LEU A 17 1.42 5.87 -1.17
CA LEU A 17 0.43 4.90 -1.72
C LEU A 17 1.06 3.51 -1.83
N LYS A 18 2.31 3.45 -2.19
CA LYS A 18 3.01 2.12 -2.32
C LYS A 18 3.03 1.41 -0.96
N SER A 19 3.49 2.10 0.07
CA SER A 19 3.55 1.47 1.43
C SER A 19 2.16 1.02 1.88
N LYS A 20 1.12 1.75 1.53
CA LYS A 20 -0.26 1.34 1.93
C LYS A 20 -0.64 0.04 1.23
N ILE A 21 -0.25 -0.13 -0.01
CA ILE A 21 -0.58 -1.39 -0.75
C ILE A 21 0.22 -2.57 -0.16
N GLN A 22 1.41 -2.31 0.30
CA GLN A 22 2.24 -3.40 0.90
C GLN A 22 1.64 -3.84 2.24
N GLY A 23 1.22 -2.90 3.05
CA GLY A 23 0.60 -3.25 4.37
C GLY A 23 -0.69 -4.05 4.13
N LEU A 24 -1.51 -3.60 3.21
CA LEU A 24 -2.79 -4.33 2.91
C LEU A 24 -2.49 -5.77 2.47
N LEU A 25 -1.45 -5.96 1.70
CA LEU A 25 -1.11 -7.34 1.23
C LEU A 25 -0.75 -8.23 2.42
N GLN A 26 0.11 -7.76 3.29
CA GLN A 26 0.50 -8.56 4.49
C GLN A 26 -0.72 -8.77 5.40
N GLN A 27 -1.50 -7.73 5.60
CA GLN A 27 -2.70 -7.85 6.47
C GLN A 27 -3.71 -8.82 5.84
N ALA A 28 -3.84 -8.79 4.54
CA ALA A 28 -4.80 -9.71 3.84
C ALA A 28 -4.37 -11.16 4.04
N SER A 29 -3.10 -11.44 3.90
CA SER A 29 -2.61 -12.84 4.09
C SER A 29 -2.89 -13.31 5.52
N LYS A 30 -2.69 -12.47 6.49
CA LYS A 30 -2.96 -12.86 7.92
C LYS A 30 -4.47 -13.10 8.11
N GLN A 31 -5.30 -12.32 7.48
CA GLN A 31 -6.78 -12.51 7.62
C GLN A 31 -7.20 -13.86 7.02
N ALA A 32 -6.57 -14.27 5.95
CA ALA A 32 -6.93 -15.59 5.32
C ALA A 32 -6.42 -16.76 6.17
N GLN A 33 -5.28 -16.60 6.80
CA GLN A 33 -4.73 -17.70 7.64
C GLN A 33 -5.36 -17.71 9.04
N ASP A 34 -5.76 -16.56 9.54
CA ASP A 34 -6.38 -16.50 10.90
C ASP A 34 -7.90 -16.58 10.81
N ILE A 35 -8.44 -17.33 9.87
CA ILE A 35 -9.93 -17.45 9.75
C ILE A 35 -10.33 -18.92 9.62
N GLN A 36 -9.65 -19.80 10.31
CA GLN A 36 -10.00 -21.26 10.22
C GLN A 36 -10.13 -21.85 11.63
N PRO A 37 -11.10 -22.72 11.80
CA PRO A 37 -11.32 -23.36 13.12
C PRO A 37 -10.21 -24.37 13.45
N ALA A 38 -9.75 -25.11 12.47
CA ALA A 38 -8.66 -26.11 12.72
C ALA A 38 -7.32 -25.40 12.97
N MET A 39 -7.17 -24.18 12.51
CA MET A 39 -5.89 -23.45 12.72
C MET A 39 -6.01 -22.45 13.89
N GLN A 40 -7.08 -21.69 13.93
CA GLN A 40 -7.25 -20.69 15.03
C GLN A 40 -8.48 -21.05 15.88
N ALA A 1 -2.55 20.10 -20.25
CA ALA A 1 -2.46 19.46 -18.90
C ALA A 1 -1.55 18.22 -18.95
N SER A 2 -0.66 18.08 -18.01
CA SER A 2 0.25 16.90 -17.99
C SER A 2 0.40 16.37 -16.56
N ARG A 3 0.75 15.11 -16.42
CA ARG A 3 0.92 14.52 -15.06
C ARG A 3 2.38 14.63 -14.58
N ALA A 4 3.23 15.31 -15.32
CA ALA A 4 4.66 15.45 -14.89
C ALA A 4 4.74 16.12 -13.51
N ALA A 5 4.01 17.20 -13.33
CA ALA A 5 4.02 17.89 -12.00
C ALA A 5 3.36 17.00 -10.94
N LEU A 6 2.38 16.23 -11.32
CA LEU A 6 1.70 15.31 -10.34
C LEU A 6 2.72 14.33 -9.76
N ILE A 7 3.61 13.84 -10.57
CA ILE A 7 4.65 12.88 -10.07
C ILE A 7 5.70 13.64 -9.24
N GLU A 8 5.98 14.88 -9.58
CA GLU A 8 6.98 15.67 -8.81
C GLU A 8 6.60 15.74 -7.33
N GLU A 9 5.38 16.11 -7.03
CA GLU A 9 4.94 16.18 -5.60
C GLU A 9 4.44 14.81 -5.12
N GLY A 10 3.87 14.03 -6.02
CA GLY A 10 3.34 12.69 -5.65
C GLY A 10 4.46 11.80 -5.09
N GLN A 11 5.69 11.99 -5.52
CA GLN A 11 6.81 11.14 -5.00
C GLN A 11 6.89 11.22 -3.46
N ARG A 12 6.51 12.34 -2.89
CA ARG A 12 6.53 12.48 -1.40
C ARG A 12 5.47 11.57 -0.78
N ILE A 13 4.27 11.62 -1.31
CA ILE A 13 3.17 10.74 -0.77
C ILE A 13 3.39 9.29 -1.23
N ALA A 14 3.93 9.11 -2.42
CA ALA A 14 4.16 7.73 -2.94
C ALA A 14 5.00 6.90 -1.94
N GLU A 15 6.12 7.42 -1.51
CA GLU A 15 6.96 6.67 -0.53
C GLU A 15 6.19 6.46 0.79
N MET A 16 5.50 7.46 1.26
CA MET A 16 4.71 7.33 2.52
C MET A 16 3.61 6.27 2.35
N LEU A 17 2.93 6.29 1.23
CA LEU A 17 1.85 5.29 0.99
C LEU A 17 2.45 3.90 0.69
N LYS A 18 3.63 3.88 0.10
CA LYS A 18 4.29 2.57 -0.22
C LYS A 18 4.52 1.77 1.07
N SER A 19 5.15 2.36 2.06
CA SER A 19 5.40 1.64 3.35
C SER A 19 4.07 1.27 4.00
N LYS A 20 3.10 2.14 3.95
CA LYS A 20 1.77 1.84 4.55
C LYS A 20 1.09 0.67 3.81
N ILE A 21 1.15 0.68 2.50
CA ILE A 21 0.52 -0.42 1.71
C ILE A 21 1.22 -1.75 2.01
N GLN A 22 2.50 -1.72 2.32
CA GLN A 22 3.22 -2.98 2.64
C GLN A 22 2.56 -3.69 3.82
N GLY A 23 2.30 -2.97 4.89
CA GLY A 23 1.62 -3.59 6.07
C GLY A 23 0.17 -3.90 5.71
N LEU A 24 -0.46 -3.04 4.95
CA LEU A 24 -1.89 -3.28 4.55
C LEU A 24 -1.97 -4.55 3.70
N LEU A 25 -1.04 -4.72 2.78
CA LEU A 25 -1.04 -5.94 1.90
C LEU A 25 -0.83 -7.21 2.73
N GLN A 26 -0.02 -7.13 3.77
CA GLN A 26 0.23 -8.35 4.62
C GLN A 26 -1.10 -8.91 5.13
N GLN A 27 -1.99 -8.06 5.60
CA GLN A 27 -3.31 -8.54 6.10
C GLN A 27 -4.29 -8.70 4.93
N ALA A 28 -4.15 -7.89 3.91
CA ALA A 28 -5.08 -7.99 2.74
C ALA A 28 -4.85 -9.32 1.99
N SER A 29 -3.62 -9.69 1.77
CA SER A 29 -3.33 -10.96 1.05
C SER A 29 -3.87 -12.15 1.85
N LYS A 30 -3.70 -12.13 3.15
CA LYS A 30 -4.22 -13.25 4.00
C LYS A 30 -5.74 -13.33 3.88
N GLN A 31 -6.41 -12.21 3.91
CA GLN A 31 -7.90 -12.21 3.77
C GLN A 31 -8.31 -12.60 2.35
N ALA A 32 -7.51 -12.23 1.38
CA ALA A 32 -7.84 -12.58 -0.05
C ALA A 32 -7.50 -14.06 -0.32
N GLN A 33 -6.54 -14.61 0.39
CA GLN A 33 -6.16 -16.04 0.17
C GLN A 33 -7.17 -17.01 0.81
N ASP A 34 -8.24 -16.51 1.39
CA ASP A 34 -9.25 -17.42 2.02
C ASP A 34 -9.95 -18.28 0.96
N ILE A 35 -10.02 -17.80 -0.27
CA ILE A 35 -10.69 -18.57 -1.37
C ILE A 35 -12.17 -18.82 -1.04
N GLN A 36 -13.01 -17.85 -1.28
CA GLN A 36 -14.47 -18.00 -0.99
C GLN A 36 -15.21 -18.48 -2.24
N PRO A 37 -15.88 -19.61 -2.12
CA PRO A 37 -16.64 -20.18 -3.26
C PRO A 37 -17.93 -19.40 -3.51
N ALA A 38 -18.30 -19.22 -4.74
CA ALA A 38 -19.56 -18.46 -5.07
C ALA A 38 -20.75 -19.42 -5.22
N MET A 39 -20.64 -20.64 -4.74
CA MET A 39 -21.76 -21.62 -4.86
C MET A 39 -22.72 -21.49 -3.67
N GLN A 40 -22.22 -21.08 -2.52
CA GLN A 40 -23.08 -20.93 -1.30
C GLN A 40 -23.82 -22.25 -0.99
N ALA A 1 3.37 27.24 -14.70
CA ALA A 1 3.64 26.47 -13.45
C ALA A 1 4.99 25.74 -13.54
N SER A 2 5.54 25.33 -12.42
CA SER A 2 6.85 24.61 -12.45
C SER A 2 6.66 23.16 -12.89
N ARG A 3 7.68 22.57 -13.47
CA ARG A 3 7.57 21.14 -13.92
C ARG A 3 8.31 20.21 -12.94
N ALA A 4 9.32 20.72 -12.25
CA ALA A 4 10.07 19.86 -11.29
C ALA A 4 9.30 19.73 -9.97
N ALA A 5 8.71 20.80 -9.50
CA ALA A 5 7.93 20.74 -8.22
C ALA A 5 6.78 19.74 -8.35
N LEU A 6 6.09 19.75 -9.46
CA LEU A 6 4.94 18.80 -9.66
C LEU A 6 5.39 17.35 -9.46
N ILE A 7 6.63 17.04 -9.77
CA ILE A 7 7.13 15.64 -9.60
C ILE A 7 7.03 15.23 -8.12
N GLU A 8 7.52 16.06 -7.23
CA GLU A 8 7.44 15.71 -5.77
C GLU A 8 5.98 15.70 -5.30
N GLU A 9 5.17 16.62 -5.78
CA GLU A 9 3.73 16.65 -5.37
C GLU A 9 3.05 15.31 -5.65
N GLY A 10 3.47 14.60 -6.67
CA GLY A 10 2.85 13.28 -6.99
C GLY A 10 3.71 12.15 -6.42
N GLN A 11 5.02 12.26 -6.51
CA GLN A 11 5.92 11.19 -5.98
C GLN A 11 5.63 10.92 -4.50
N ARG A 12 5.41 11.95 -3.71
CA ARG A 12 5.12 11.74 -2.26
C ARG A 12 3.90 10.84 -2.09
N ILE A 13 2.81 11.16 -2.73
CA ILE A 13 1.58 10.32 -2.61
C ILE A 13 1.78 9.00 -3.37
N ALA A 14 2.42 9.04 -4.52
CA ALA A 14 2.66 7.78 -5.30
C ALA A 14 3.42 6.76 -4.43
N GLU A 15 4.49 7.17 -3.82
CA GLU A 15 5.27 6.22 -2.95
C GLU A 15 4.45 5.85 -1.71
N MET A 16 3.82 6.82 -1.09
CA MET A 16 2.99 6.52 0.13
C MET A 16 1.85 5.57 -0.23
N LEU A 17 1.26 5.72 -1.39
CA LEU A 17 0.15 4.81 -1.80
C LEU A 17 0.67 3.39 -2.02
N LYS A 18 1.88 3.27 -2.52
CA LYS A 18 2.47 1.90 -2.75
C LYS A 18 2.77 1.22 -1.41
N SER A 19 3.36 1.94 -0.48
CA SER A 19 3.68 1.34 0.85
C SER A 19 2.40 0.90 1.56
N LYS A 20 1.34 1.68 1.46
CA LYS A 20 0.06 1.32 2.13
C LYS A 20 -0.53 0.05 1.50
N ILE A 21 -0.44 -0.09 0.20
CA ILE A 21 -0.99 -1.31 -0.47
C ILE A 21 -0.17 -2.55 -0.07
N GLN A 22 1.11 -2.39 0.12
CA GLN A 22 1.97 -3.54 0.51
C GLN A 22 1.56 -4.08 1.90
N GLY A 23 1.37 -3.20 2.84
CA GLY A 23 0.96 -3.65 4.22
C GLY A 23 -0.43 -4.28 4.16
N LEU A 24 -1.32 -3.74 3.36
CA LEU A 24 -2.69 -4.33 3.26
C LEU A 24 -2.62 -5.76 2.70
N LEU A 25 -1.80 -5.98 1.70
CA LEU A 25 -1.68 -7.35 1.11
C LEU A 25 -1.10 -8.33 2.15
N GLN A 26 -0.11 -7.89 2.90
CA GLN A 26 0.49 -8.78 3.95
C GLN A 26 -0.53 -9.06 5.05
N GLN A 27 -1.28 -8.05 5.45
CA GLN A 27 -2.31 -8.26 6.52
C GLN A 27 -3.48 -9.07 5.97
N ALA A 28 -3.77 -8.96 4.70
CA ALA A 28 -4.90 -9.73 4.10
C ALA A 28 -4.57 -11.22 4.13
N SER A 29 -3.33 -11.57 3.88
CA SER A 29 -2.92 -13.01 3.90
C SER A 29 -2.88 -13.53 5.34
N LYS A 30 -2.30 -12.76 6.24
CA LYS A 30 -2.22 -13.19 7.67
C LYS A 30 -3.63 -13.23 8.29
N GLN A 31 -4.49 -12.31 7.92
CA GLN A 31 -5.87 -12.30 8.48
C GLN A 31 -6.68 -13.50 7.98
N ALA A 32 -6.25 -14.13 6.91
CA ALA A 32 -7.00 -15.32 6.39
C ALA A 32 -6.53 -16.61 7.08
N GLN A 33 -5.49 -16.55 7.88
CA GLN A 33 -4.99 -17.77 8.58
C GLN A 33 -5.32 -17.74 10.08
N ASP A 34 -6.12 -16.80 10.54
CA ASP A 34 -6.46 -16.75 12.00
C ASP A 34 -7.98 -16.60 12.22
N ILE A 35 -8.78 -17.02 11.27
CA ILE A 35 -10.26 -16.92 11.43
C ILE A 35 -10.83 -18.24 11.93
N GLN A 36 -10.21 -18.85 12.92
CA GLN A 36 -10.72 -20.14 13.47
C GLN A 36 -10.85 -20.04 14.99
N PRO A 37 -12.06 -19.80 15.45
CA PRO A 37 -12.31 -19.69 16.92
C PRO A 37 -12.18 -21.05 17.62
N ALA A 38 -12.23 -22.14 16.88
CA ALA A 38 -12.10 -23.50 17.50
C ALA A 38 -10.72 -23.66 18.14
N MET A 39 -9.71 -23.06 17.55
CA MET A 39 -8.32 -23.18 18.12
C MET A 39 -8.15 -22.18 19.27
N GLN A 40 -8.51 -20.94 19.06
CA GLN A 40 -8.38 -19.92 20.14
C GLN A 40 -9.68 -19.14 20.31
N ALA A 1 5.34 27.53 -7.70
CA ALA A 1 4.77 26.24 -8.22
C ALA A 1 5.18 26.04 -9.68
N SER A 2 5.83 24.94 -9.98
CA SER A 2 6.26 24.68 -11.39
C SER A 2 5.82 23.27 -11.82
N ARG A 3 5.84 23.00 -13.10
CA ARG A 3 5.43 21.64 -13.59
C ARG A 3 6.35 20.58 -12.99
N ALA A 4 7.65 20.82 -13.00
CA ALA A 4 8.60 19.82 -12.40
C ALA A 4 8.34 19.67 -10.90
N ALA A 5 8.16 20.77 -10.20
CA ALA A 5 7.89 20.69 -8.73
C ALA A 5 6.64 19.86 -8.46
N LEU A 6 5.60 20.05 -9.24
CA LEU A 6 4.34 19.27 -9.05
C LEU A 6 4.64 17.76 -9.12
N ILE A 7 5.50 17.36 -10.02
CA ILE A 7 5.86 15.92 -10.15
C ILE A 7 6.71 15.49 -8.95
N GLU A 8 7.57 16.36 -8.47
CA GLU A 8 8.43 16.03 -7.29
C GLU A 8 7.55 15.74 -6.06
N GLU A 9 6.41 16.38 -5.98
CA GLU A 9 5.50 16.15 -4.82
C GLU A 9 4.65 14.88 -5.03
N GLY A 10 4.14 14.70 -6.23
CA GLY A 10 3.30 13.50 -6.51
C GLY A 10 4.10 12.21 -6.31
N GLN A 11 5.29 12.13 -6.83
CA GLN A 11 6.12 10.89 -6.65
C GLN A 11 6.30 10.56 -5.15
N ARG A 12 6.39 11.57 -4.32
CA ARG A 12 6.56 11.31 -2.86
C ARG A 12 5.23 10.78 -2.26
N ILE A 13 4.12 11.32 -2.70
CA ILE A 13 2.80 10.84 -2.17
C ILE A 13 2.46 9.47 -2.79
N ALA A 14 2.61 9.35 -4.09
CA ALA A 14 2.31 8.05 -4.76
C ALA A 14 3.18 6.93 -4.17
N GLU A 15 4.46 7.19 -3.97
CA GLU A 15 5.36 6.15 -3.38
C GLU A 15 4.87 5.76 -1.98
N MET A 16 4.50 6.73 -1.17
CA MET A 16 4.00 6.41 0.20
C MET A 16 2.69 5.61 0.09
N LEU A 17 1.85 5.96 -0.86
CA LEU A 17 0.57 5.22 -1.05
C LEU A 17 0.86 3.74 -1.36
N LYS A 18 1.92 3.49 -2.08
CA LYS A 18 2.30 2.08 -2.41
C LYS A 18 2.52 1.30 -1.11
N SER A 19 3.18 1.91 -0.15
CA SER A 19 3.43 1.22 1.15
C SER A 19 2.10 0.99 1.89
N LYS A 20 1.18 1.92 1.78
CA LYS A 20 -0.15 1.75 2.46
C LYS A 20 -0.87 0.53 1.87
N ILE A 21 -0.82 0.37 0.57
CA ILE A 21 -1.49 -0.80 -0.08
C ILE A 21 -0.78 -2.10 0.33
N GLN A 22 0.52 -2.04 0.53
CA GLN A 22 1.28 -3.25 0.94
C GLN A 22 0.81 -3.72 2.32
N GLY A 23 0.64 -2.82 3.25
CA GLY A 23 0.16 -3.20 4.61
C GLY A 23 -1.25 -3.80 4.51
N LEU A 24 -2.08 -3.23 3.65
CA LEU A 24 -3.46 -3.78 3.47
C LEU A 24 -3.39 -5.25 3.05
N LEU A 25 -2.50 -5.57 2.14
CA LEU A 25 -2.35 -6.99 1.68
C LEU A 25 -1.71 -7.84 2.78
N GLN A 26 -0.80 -7.27 3.54
CA GLN A 26 -0.13 -8.04 4.64
C GLN A 26 -1.19 -8.61 5.60
N GLN A 27 -2.19 -7.84 5.93
CA GLN A 27 -3.26 -8.34 6.85
C GLN A 27 -4.03 -9.50 6.18
N ALA A 28 -4.23 -9.41 4.89
CA ALA A 28 -4.95 -10.50 4.16
C ALA A 28 -4.10 -11.78 4.17
N SER A 29 -2.80 -11.64 4.17
CA SER A 29 -1.91 -12.84 4.21
C SER A 29 -2.14 -13.62 5.50
N LYS A 30 -2.31 -12.92 6.60
CA LYS A 30 -2.56 -13.62 7.90
C LYS A 30 -3.95 -14.27 7.87
N GLN A 31 -4.95 -13.56 7.41
CA GLN A 31 -6.32 -14.14 7.34
C GLN A 31 -6.31 -15.45 6.52
N ALA A 32 -5.50 -15.52 5.50
CA ALA A 32 -5.43 -16.75 4.67
C ALA A 32 -4.78 -17.90 5.46
N GLN A 33 -3.88 -17.57 6.37
CA GLN A 33 -3.20 -18.62 7.19
C GLN A 33 -3.80 -18.71 8.60
N ASP A 34 -4.89 -18.01 8.86
CA ASP A 34 -5.52 -18.07 10.21
C ASP A 34 -6.86 -18.81 10.16
N ILE A 35 -7.15 -19.49 9.07
CA ILE A 35 -8.43 -20.24 8.96
C ILE A 35 -8.27 -21.41 7.96
N GLN A 36 -7.37 -22.32 8.23
CA GLN A 36 -7.16 -23.48 7.32
C GLN A 36 -7.35 -24.80 8.08
N PRO A 37 -7.56 -25.86 7.33
CA PRO A 37 -7.76 -27.20 7.96
C PRO A 37 -6.43 -27.75 8.50
N ALA A 38 -6.20 -27.58 9.78
CA ALA A 38 -4.92 -28.08 10.38
C ALA A 38 -5.04 -29.59 10.69
N MET A 39 -6.18 -30.02 11.21
CA MET A 39 -6.36 -31.46 11.52
C MET A 39 -7.05 -32.18 10.36
N GLN A 40 -8.14 -31.63 9.86
CA GLN A 40 -8.86 -32.28 8.73
C GLN A 40 -9.47 -31.20 7.82
N ALA A 1 -1.54 24.61 -11.92
CA ALA A 1 -0.92 23.25 -12.00
C ALA A 1 0.30 23.27 -12.94
N SER A 2 1.40 22.71 -12.52
CA SER A 2 2.62 22.70 -13.38
C SER A 2 3.25 21.30 -13.42
N ARG A 3 4.02 21.00 -14.43
CA ARG A 3 4.66 19.64 -14.51
C ARG A 3 5.58 19.42 -13.31
N ALA A 4 6.40 20.40 -12.98
CA ALA A 4 7.32 20.24 -11.81
C ALA A 4 6.50 20.01 -10.53
N ALA A 5 5.42 20.75 -10.36
CA ALA A 5 4.56 20.56 -9.15
C ALA A 5 3.94 19.17 -9.16
N LEU A 6 3.52 18.70 -10.32
CA LEU A 6 2.91 17.33 -10.40
C LEU A 6 3.92 16.27 -9.93
N ILE A 7 5.18 16.43 -10.29
CA ILE A 7 6.22 15.45 -9.85
C ILE A 7 6.44 15.53 -8.35
N GLU A 8 6.41 16.73 -7.78
CA GLU A 8 6.63 16.88 -6.31
C GLU A 8 5.53 16.11 -5.55
N GLU A 9 4.29 16.27 -5.93
CA GLU A 9 3.19 15.54 -5.23
C GLU A 9 3.27 14.04 -5.54
N GLY A 10 3.47 13.68 -6.78
CA GLY A 10 3.56 12.23 -7.15
C GLY A 10 4.76 11.60 -6.44
N GLN A 11 5.86 12.31 -6.35
CA GLN A 11 7.06 11.77 -5.64
C GLN A 11 6.71 11.49 -4.17
N ARG A 12 5.98 12.39 -3.54
CA ARG A 12 5.59 12.18 -2.12
C ARG A 12 4.59 11.02 -2.03
N ILE A 13 3.65 10.97 -2.95
CA ILE A 13 2.65 9.86 -2.94
C ILE A 13 3.35 8.54 -3.23
N ALA A 14 4.28 8.54 -4.16
CA ALA A 14 5.04 7.28 -4.49
C ALA A 14 5.73 6.74 -3.24
N GLU A 15 6.28 7.61 -2.41
CA GLU A 15 6.96 7.15 -1.17
C GLU A 15 5.94 6.47 -0.24
N MET A 16 4.80 7.08 -0.04
CA MET A 16 3.75 6.45 0.83
C MET A 16 3.10 5.28 0.10
N LEU A 17 3.05 5.32 -1.22
CA LEU A 17 2.43 4.21 -2.01
C LEU A 17 3.13 2.89 -1.69
N LYS A 18 4.43 2.89 -1.59
CA LYS A 18 5.17 1.64 -1.26
C LYS A 18 4.73 1.12 0.11
N SER A 19 4.60 2.00 1.07
CA SER A 19 4.15 1.58 2.43
C SER A 19 2.71 1.04 2.35
N LYS A 20 1.88 1.65 1.53
CA LYS A 20 0.47 1.17 1.38
C LYS A 20 0.47 -0.24 0.81
N ILE A 21 1.32 -0.52 -0.16
CA ILE A 21 1.37 -1.90 -0.75
C ILE A 21 1.73 -2.93 0.33
N GLN A 22 2.58 -2.56 1.24
CA GLN A 22 2.96 -3.50 2.34
C GLN A 22 1.77 -3.71 3.30
N GLY A 23 1.09 -2.64 3.66
CA GLY A 23 -0.08 -2.77 4.57
C GLY A 23 -1.14 -3.66 3.92
N LEU A 24 -1.40 -3.47 2.65
CA LEU A 24 -2.42 -4.30 1.94
C LEU A 24 -2.01 -5.78 1.99
N LEU A 25 -0.75 -6.06 1.80
CA LEU A 25 -0.26 -7.48 1.85
C LEU A 25 -0.55 -8.10 3.23
N GLN A 26 -0.32 -7.35 4.28
CA GLN A 26 -0.59 -7.89 5.65
C GLN A 26 -2.09 -8.14 5.82
N GLN A 27 -2.91 -7.26 5.30
CA GLN A 27 -4.40 -7.46 5.43
C GLN A 27 -4.83 -8.72 4.66
N ALA A 28 -4.26 -8.94 3.50
CA ALA A 28 -4.61 -10.15 2.70
C ALA A 28 -4.27 -11.43 3.48
N SER A 29 -3.12 -11.46 4.12
CA SER A 29 -2.73 -12.66 4.91
C SER A 29 -3.69 -12.83 6.10
N LYS A 30 -4.09 -11.75 6.72
CA LYS A 30 -5.04 -11.84 7.87
C LYS A 30 -6.37 -12.42 7.41
N GLN A 31 -6.87 -11.99 6.27
CA GLN A 31 -8.16 -12.53 5.76
C GLN A 31 -8.03 -14.03 5.43
N ALA A 32 -6.86 -14.44 4.96
CA ALA A 32 -6.67 -15.89 4.65
C ALA A 32 -6.87 -16.71 5.93
N GLN A 33 -6.36 -16.22 7.04
CA GLN A 33 -6.53 -16.94 8.35
C GLN A 33 -8.01 -16.90 8.78
N ASP A 34 -8.72 -15.85 8.45
CA ASP A 34 -10.16 -15.74 8.83
C ASP A 34 -10.96 -16.89 8.20
N ILE A 35 -10.52 -17.40 7.07
CA ILE A 35 -11.26 -18.53 6.40
C ILE A 35 -10.59 -19.87 6.75
N GLN A 36 -9.83 -19.93 7.83
CA GLN A 36 -9.16 -21.21 8.22
C GLN A 36 -9.66 -21.67 9.59
N PRO A 37 -10.77 -22.39 9.58
CA PRO A 37 -11.36 -22.90 10.85
C PRO A 37 -10.48 -24.03 11.42
N ALA A 38 -10.50 -24.20 12.72
CA ALA A 38 -9.68 -25.28 13.36
C ALA A 38 -10.57 -26.50 13.67
N MET A 39 -11.72 -26.28 14.24
CA MET A 39 -12.63 -27.41 14.58
C MET A 39 -13.37 -27.91 13.33
N GLN A 40 -13.55 -27.05 12.34
CA GLN A 40 -14.26 -27.48 11.10
C GLN A 40 -13.26 -27.72 9.96
N ALA A 1 3.04 25.98 -12.81
CA ALA A 1 3.01 24.48 -12.90
C ALA A 1 4.12 23.97 -13.82
N SER A 2 4.78 22.91 -13.44
CA SER A 2 5.88 22.36 -14.29
C SER A 2 5.76 20.85 -14.41
N ARG A 3 6.31 20.28 -15.46
CA ARG A 3 6.22 18.78 -15.65
C ARG A 3 6.83 18.07 -14.43
N ALA A 4 8.01 18.47 -14.02
CA ALA A 4 8.66 17.83 -12.83
C ALA A 4 7.81 18.07 -11.58
N ALA A 5 7.31 19.28 -11.40
CA ALA A 5 6.46 19.59 -10.21
C ALA A 5 5.23 18.67 -10.17
N LEU A 6 4.61 18.45 -11.30
CA LEU A 6 3.41 17.56 -11.35
C LEU A 6 3.77 16.16 -10.81
N ILE A 7 4.99 15.73 -11.01
CA ILE A 7 5.41 14.39 -10.50
C ILE A 7 5.81 14.49 -9.02
N GLU A 8 6.41 15.60 -8.63
CA GLU A 8 6.84 15.77 -7.21
C GLU A 8 5.64 15.67 -6.26
N GLU A 9 4.59 16.41 -6.52
CA GLU A 9 3.39 16.36 -5.62
C GLU A 9 2.84 14.93 -5.50
N GLY A 10 3.07 14.10 -6.49
CA GLY A 10 2.56 12.69 -6.43
C GLY A 10 3.64 11.78 -5.86
N GLN A 11 4.85 11.88 -6.36
CA GLN A 11 5.96 11.00 -5.86
C GLN A 11 6.13 11.13 -4.34
N ARG A 12 5.99 12.32 -3.80
CA ARG A 12 6.14 12.51 -2.32
C ARG A 12 5.09 11.66 -1.56
N ILE A 13 3.86 11.69 -1.99
CA ILE A 13 2.81 10.88 -1.31
C ILE A 13 2.84 9.43 -1.80
N ALA A 14 3.13 9.22 -3.07
CA ALA A 14 3.18 7.83 -3.61
C ALA A 14 4.15 6.98 -2.79
N GLU A 15 5.32 7.50 -2.49
CA GLU A 15 6.31 6.72 -1.69
C GLU A 15 5.74 6.42 -0.29
N MET A 16 5.14 7.41 0.33
CA MET A 16 4.56 7.20 1.70
C MET A 16 3.36 6.23 1.62
N LEU A 17 2.52 6.39 0.63
CA LEU A 17 1.34 5.47 0.50
C LEU A 17 1.78 4.07 0.04
N LYS A 18 2.89 3.99 -0.67
CA LYS A 18 3.38 2.67 -1.16
C LYS A 18 3.63 1.72 0.02
N SER A 19 4.37 2.16 1.01
CA SER A 19 4.65 1.29 2.19
C SER A 19 3.33 0.95 2.92
N LYS A 20 2.39 1.86 2.93
CA LYS A 20 1.09 1.59 3.63
C LYS A 20 0.32 0.47 2.90
N ILE A 21 0.22 0.57 1.59
CA ILE A 21 -0.51 -0.49 0.82
C ILE A 21 0.23 -1.83 0.92
N GLN A 22 1.53 -1.80 0.99
CA GLN A 22 2.31 -3.08 1.09
C GLN A 22 1.98 -3.78 2.41
N GLY A 23 1.94 -3.04 3.50
CA GLY A 23 1.60 -3.67 4.82
C GLY A 23 0.15 -4.14 4.80
N LEU A 24 -0.73 -3.39 4.18
CA LEU A 24 -2.17 -3.80 4.11
C LEU A 24 -2.30 -5.15 3.40
N LEU A 25 -1.57 -5.35 2.34
CA LEU A 25 -1.64 -6.66 1.61
C LEU A 25 -1.08 -7.78 2.49
N GLN A 26 -0.02 -7.51 3.21
CA GLN A 26 0.57 -8.56 4.11
C GLN A 26 -0.46 -8.98 5.17
N GLN A 27 -1.31 -8.08 5.59
CA GLN A 27 -2.35 -8.44 6.61
C GLN A 27 -3.56 -9.05 5.91
N ALA A 28 -3.91 -8.55 4.76
CA ALA A 28 -5.08 -9.09 4.01
C ALA A 28 -4.81 -10.51 3.51
N SER A 29 -3.57 -10.81 3.19
CA SER A 29 -3.23 -12.18 2.70
C SER A 29 -3.58 -13.22 3.77
N LYS A 30 -3.43 -12.88 5.03
CA LYS A 30 -3.78 -13.84 6.12
C LYS A 30 -5.30 -14.06 6.16
N GLN A 31 -6.07 -13.05 5.89
CA GLN A 31 -7.56 -13.21 5.91
C GLN A 31 -8.00 -14.19 4.81
N ALA A 32 -7.25 -14.26 3.73
CA ALA A 32 -7.61 -15.19 2.61
C ALA A 32 -6.92 -16.56 2.75
N GLN A 33 -5.65 -16.57 3.07
CA GLN A 33 -4.93 -17.89 3.19
C GLN A 33 -4.62 -18.25 4.65
N ASP A 34 -5.27 -17.62 5.60
CA ASP A 34 -5.03 -17.96 7.04
C ASP A 34 -6.26 -17.61 7.89
N ILE A 35 -7.43 -17.99 7.44
CA ILE A 35 -8.68 -17.69 8.22
C ILE A 35 -8.69 -18.45 9.56
N GLN A 36 -7.92 -19.51 9.66
CA GLN A 36 -7.86 -20.28 10.94
C GLN A 36 -6.47 -20.15 11.55
N PRO A 37 -6.30 -19.15 12.39
CA PRO A 37 -4.98 -18.90 13.04
C PRO A 37 -4.70 -19.98 14.09
N ALA A 38 -3.79 -20.89 13.78
CA ALA A 38 -3.44 -21.97 14.76
C ALA A 38 -2.50 -21.44 15.85
N MET A 39 -1.97 -20.25 15.70
CA MET A 39 -1.05 -19.70 16.74
C MET A 39 -1.85 -18.93 17.81
N GLN A 40 -2.66 -17.99 17.41
CA GLN A 40 -3.47 -17.21 18.39
C GLN A 40 -4.79 -16.78 17.77
N ALA A 1 2.97 29.21 -13.35
CA ALA A 1 2.56 27.79 -13.13
C ALA A 1 3.58 27.08 -12.25
N SER A 2 3.31 25.84 -11.88
CA SER A 2 4.27 25.08 -11.02
C SER A 2 4.57 23.71 -11.66
N ARG A 3 5.79 23.51 -12.08
CA ARG A 3 6.15 22.20 -12.71
C ARG A 3 7.03 21.37 -11.77
N ALA A 4 8.10 21.95 -11.28
CA ALA A 4 9.00 21.20 -10.34
C ALA A 4 8.22 20.73 -9.10
N ALA A 5 7.43 21.61 -8.53
CA ALA A 5 6.62 21.22 -7.32
C ALA A 5 5.63 20.11 -7.69
N LEU A 6 5.09 20.14 -8.89
CA LEU A 6 4.12 19.08 -9.31
C LEU A 6 4.78 17.69 -9.24
N ILE A 7 6.00 17.58 -9.68
CA ILE A 7 6.69 16.24 -9.61
C ILE A 7 7.09 15.93 -8.17
N GLU A 8 7.43 16.93 -7.39
CA GLU A 8 7.82 16.69 -5.96
C GLU A 8 6.68 15.98 -5.21
N GLU A 9 5.48 16.47 -5.34
CA GLU A 9 4.33 15.82 -4.63
C GLU A 9 4.02 14.45 -5.26
N GLY A 10 4.08 14.34 -6.56
CA GLY A 10 3.80 13.04 -7.24
C GLY A 10 4.78 11.97 -6.73
N GLN A 11 6.04 12.32 -6.60
CA GLN A 11 7.05 11.32 -6.09
C GLN A 11 6.68 10.90 -4.67
N ARG A 12 6.34 11.84 -3.83
CA ARG A 12 5.95 11.50 -2.42
C ARG A 12 4.69 10.64 -2.44
N ILE A 13 3.73 11.01 -3.26
CA ILE A 13 2.46 10.20 -3.34
C ILE A 13 2.77 8.82 -3.93
N ALA A 14 3.63 8.77 -4.94
CA ALA A 14 3.98 7.45 -5.56
C ALA A 14 4.49 6.49 -4.47
N GLU A 15 5.31 6.97 -3.56
CA GLU A 15 5.82 6.09 -2.47
C GLU A 15 4.67 5.69 -1.55
N MET A 16 3.81 6.62 -1.21
CA MET A 16 2.64 6.32 -0.32
C MET A 16 1.75 5.24 -0.97
N LEU A 17 1.58 5.30 -2.27
CA LEU A 17 0.74 4.27 -2.96
C LEU A 17 1.39 2.89 -2.85
N LYS A 18 2.68 2.82 -3.02
CA LYS A 18 3.40 1.51 -2.92
C LYS A 18 3.21 0.91 -1.51
N SER A 19 3.34 1.73 -0.49
CA SER A 19 3.16 1.22 0.91
C SER A 19 1.70 0.79 1.13
N LYS A 20 0.75 1.48 0.54
CA LYS A 20 -0.68 1.11 0.73
C LYS A 20 -0.95 -0.29 0.16
N ILE A 21 -0.48 -0.57 -1.03
CA ILE A 21 -0.70 -1.92 -1.64
C ILE A 21 -0.02 -3.01 -0.79
N GLN A 22 1.11 -2.69 -0.22
CA GLN A 22 1.83 -3.69 0.64
C GLN A 22 1.02 -3.95 1.91
N GLY A 23 0.49 -2.91 2.52
CA GLY A 23 -0.32 -3.09 3.76
C GLY A 23 -1.55 -3.97 3.45
N LEU A 24 -2.15 -3.77 2.30
CA LEU A 24 -3.33 -4.60 1.92
C LEU A 24 -2.94 -6.08 1.83
N LEU A 25 -1.78 -6.36 1.29
CA LEU A 25 -1.31 -7.78 1.18
C LEU A 25 -1.16 -8.38 2.58
N GLN A 26 -0.65 -7.62 3.52
CA GLN A 26 -0.48 -8.13 4.91
C GLN A 26 -1.85 -8.26 5.60
N GLN A 27 -2.79 -7.43 5.24
CA GLN A 27 -4.15 -7.52 5.86
C GLN A 27 -4.77 -8.88 5.56
N ALA A 28 -4.78 -9.27 4.31
CA ALA A 28 -5.34 -10.61 3.94
C ALA A 28 -4.52 -11.73 4.60
N SER A 29 -3.22 -11.57 4.61
CA SER A 29 -2.34 -12.61 5.24
C SER A 29 -2.57 -12.65 6.76
N LYS A 30 -2.91 -11.53 7.36
CA LYS A 30 -3.15 -11.50 8.84
C LYS A 30 -4.25 -12.50 9.22
N GLN A 31 -5.34 -12.52 8.49
CA GLN A 31 -6.43 -13.49 8.80
C GLN A 31 -5.92 -14.93 8.64
N ALA A 32 -5.10 -15.16 7.64
CA ALA A 32 -4.53 -16.53 7.43
C ALA A 32 -3.52 -16.86 8.53
N GLN A 33 -2.80 -15.86 9.00
CA GLN A 33 -1.79 -16.11 10.08
C GLN A 33 -2.49 -16.34 11.43
N ASP A 34 -3.66 -15.77 11.62
CA ASP A 34 -4.41 -15.94 12.91
C ASP A 34 -4.62 -17.43 13.22
N ILE A 35 -5.02 -18.20 12.24
CA ILE A 35 -5.25 -19.65 12.49
C ILE A 35 -4.18 -20.50 11.77
N GLN A 36 -2.97 -20.01 11.69
CA GLN A 36 -1.89 -20.79 11.01
C GLN A 36 -1.12 -21.65 12.03
N PRO A 37 -1.07 -22.93 11.76
CA PRO A 37 -0.36 -23.88 12.67
C PRO A 37 1.16 -23.72 12.51
N ALA A 38 1.88 -23.68 13.60
CA ALA A 38 3.37 -23.55 13.53
C ALA A 38 4.03 -24.93 13.55
N MET A 39 3.60 -25.79 14.44
CA MET A 39 4.20 -27.16 14.52
C MET A 39 3.32 -28.19 13.77
N GLN A 40 2.08 -27.85 13.50
CA GLN A 40 1.18 -28.81 12.78
C GLN A 40 0.95 -28.35 11.33
N ALA A 1 -1.02 21.58 -13.40
CA ALA A 1 0.33 21.08 -13.76
C ALA A 1 1.38 22.19 -13.59
N SER A 2 2.34 21.99 -12.71
CA SER A 2 3.39 23.03 -12.49
C SER A 2 4.77 22.35 -12.37
N ARG A 3 5.83 23.12 -12.48
CA ARG A 3 7.20 22.53 -12.38
C ARG A 3 7.39 21.88 -11.00
N ALA A 4 7.02 22.56 -9.96
CA ALA A 4 7.20 21.98 -8.58
C ALA A 4 6.11 20.92 -8.31
N ALA A 5 4.92 21.14 -8.81
CA ALA A 5 3.81 20.16 -8.58
C ALA A 5 4.18 18.78 -9.17
N LEU A 6 4.80 18.76 -10.32
CA LEU A 6 5.18 17.44 -10.95
C LEU A 6 6.12 16.66 -10.01
N ILE A 7 7.12 17.31 -9.46
CA ILE A 7 8.07 16.60 -8.54
C ILE A 7 7.32 16.06 -7.31
N GLU A 8 6.39 16.81 -6.78
CA GLU A 8 5.63 16.32 -5.58
C GLU A 8 4.57 15.30 -6.00
N GLU A 9 3.99 15.46 -7.17
CA GLU A 9 2.94 14.50 -7.64
C GLU A 9 3.47 13.07 -7.61
N GLY A 10 4.68 12.85 -8.10
CA GLY A 10 5.26 11.47 -8.09
C GLY A 10 5.58 11.06 -6.65
N GLN A 11 6.25 11.93 -5.91
CA GLN A 11 6.60 11.58 -4.50
C GLN A 11 5.32 11.34 -3.68
N ARG A 12 4.24 11.99 -4.00
CA ARG A 12 2.97 11.79 -3.25
C ARG A 12 2.38 10.40 -3.54
N ILE A 13 2.52 9.92 -4.74
CA ILE A 13 1.96 8.58 -5.10
C ILE A 13 3.01 7.47 -4.88
N ALA A 14 4.14 7.57 -5.55
CA ALA A 14 5.20 6.52 -5.41
C ALA A 14 5.57 6.27 -3.94
N GLU A 15 5.86 7.30 -3.19
CA GLU A 15 6.24 7.11 -1.75
C GLU A 15 5.06 6.52 -0.97
N MET A 16 3.89 7.09 -1.10
CA MET A 16 2.69 6.56 -0.35
C MET A 16 2.37 5.13 -0.79
N LEU A 17 2.45 4.85 -2.07
CA LEU A 17 2.15 3.47 -2.57
C LEU A 17 3.15 2.46 -1.98
N LYS A 18 4.37 2.88 -1.76
CA LYS A 18 5.40 1.95 -1.19
C LYS A 18 4.94 1.45 0.19
N SER A 19 4.53 2.36 1.05
CA SER A 19 4.05 1.93 2.40
C SER A 19 2.66 1.29 2.29
N LYS A 20 1.86 1.76 1.37
CA LYS A 20 0.48 1.19 1.19
C LYS A 20 0.58 -0.31 0.82
N ILE A 21 1.56 -0.68 0.03
CA ILE A 21 1.71 -2.12 -0.35
C ILE A 21 2.02 -2.96 0.90
N GLN A 22 2.77 -2.43 1.82
CA GLN A 22 3.10 -3.18 3.06
C GLN A 22 1.87 -3.27 3.96
N GLY A 23 1.12 -2.20 4.08
CA GLY A 23 -0.10 -2.22 4.95
C GLY A 23 -1.15 -3.16 4.34
N LEU A 24 -1.35 -3.06 3.05
CA LEU A 24 -2.37 -3.95 2.38
C LEU A 24 -2.02 -5.42 2.62
N LEU A 25 -0.75 -5.76 2.54
CA LEU A 25 -0.33 -7.18 2.77
C LEU A 25 -0.60 -7.59 4.23
N GLN A 26 -0.44 -6.67 5.15
CA GLN A 26 -0.69 -7.01 6.59
C GLN A 26 -2.16 -7.40 6.80
N GLN A 27 -3.07 -6.76 6.10
CA GLN A 27 -4.51 -7.11 6.25
C GLN A 27 -4.87 -8.29 5.34
N ALA A 28 -4.18 -8.44 4.24
CA ALA A 28 -4.48 -9.56 3.30
C ALA A 28 -3.76 -10.86 3.72
N SER A 29 -3.16 -10.89 4.89
CA SER A 29 -2.45 -12.13 5.34
C SER A 29 -3.41 -13.05 6.09
N LYS A 30 -4.00 -12.59 7.16
CA LYS A 30 -4.95 -13.45 7.94
C LYS A 30 -6.21 -13.74 7.13
N GLN A 31 -6.74 -12.76 6.45
CA GLN A 31 -7.97 -12.97 5.63
C GLN A 31 -7.70 -14.03 4.55
N ALA A 32 -6.50 -14.07 4.01
CA ALA A 32 -6.16 -15.09 2.97
C ALA A 32 -5.95 -16.46 3.61
N GLN A 33 -5.46 -16.50 4.83
CA GLN A 33 -5.23 -17.82 5.52
C GLN A 33 -6.56 -18.48 5.89
N ASP A 34 -7.64 -17.72 5.95
CA ASP A 34 -8.96 -18.33 6.32
C ASP A 34 -9.34 -19.42 5.32
N ILE A 35 -9.74 -19.04 4.13
CA ILE A 35 -10.12 -20.05 3.08
C ILE A 35 -10.45 -19.35 1.75
N GLN A 36 -11.19 -18.28 1.79
CA GLN A 36 -11.54 -17.55 0.54
C GLN A 36 -11.73 -16.04 0.81
N PRO A 37 -11.44 -15.24 -0.19
CA PRO A 37 -11.60 -13.78 -0.05
C PRO A 37 -13.08 -13.39 -0.07
N ALA A 38 -13.39 -12.14 0.19
CA ALA A 38 -14.82 -11.70 0.19
C ALA A 38 -15.18 -11.00 -1.14
N MET A 39 -14.42 -11.23 -2.19
CA MET A 39 -14.74 -10.57 -3.50
C MET A 39 -15.45 -11.56 -4.44
N GLN A 40 -16.01 -12.63 -3.91
CA GLN A 40 -16.72 -13.62 -4.78
C GLN A 40 -17.85 -14.30 -3.99
N ALA A 1 -2.58 24.25 -16.73
CA ALA A 1 -1.56 23.28 -17.25
C ALA A 1 -0.53 22.96 -16.18
N SER A 2 -0.49 21.73 -15.72
CA SER A 2 0.51 21.36 -14.66
C SER A 2 1.18 20.02 -15.01
N ARG A 3 2.42 20.06 -15.41
CA ARG A 3 3.14 18.80 -15.77
C ARG A 3 4.16 18.44 -14.69
N ALA A 4 5.04 19.34 -14.35
CA ALA A 4 6.07 19.06 -13.30
C ALA A 4 5.38 18.75 -11.96
N ALA A 5 4.42 19.54 -11.57
CA ALA A 5 3.71 19.30 -10.28
C ALA A 5 3.05 17.92 -10.26
N LEU A 6 2.59 17.45 -11.40
CA LEU A 6 1.94 16.10 -11.48
C LEU A 6 2.90 15.03 -10.95
N ILE A 7 4.14 15.06 -11.38
CA ILE A 7 5.13 14.04 -10.91
C ILE A 7 5.54 14.36 -9.46
N GLU A 8 5.63 15.61 -9.12
CA GLU A 8 6.02 15.99 -7.72
C GLU A 8 4.99 15.46 -6.72
N GLU A 9 3.73 15.51 -7.06
CA GLU A 9 2.66 15.01 -6.13
C GLU A 9 2.87 13.52 -5.81
N GLY A 10 3.31 12.74 -6.77
CA GLY A 10 3.51 11.29 -6.51
C GLY A 10 5.01 11.00 -6.28
N GLN A 11 5.79 11.98 -5.93
CA GLN A 11 7.25 11.74 -5.70
C GLN A 11 7.48 11.29 -4.25
N ARG A 12 7.03 12.08 -3.30
CA ARG A 12 7.21 11.70 -1.86
C ARG A 12 6.07 10.78 -1.41
N ILE A 13 4.96 10.78 -2.11
CA ILE A 13 3.81 9.89 -1.73
C ILE A 13 4.06 8.46 -2.22
N ALA A 14 4.74 8.30 -3.35
CA ALA A 14 5.02 6.93 -3.88
C ALA A 14 5.74 6.08 -2.83
N GLU A 15 6.82 6.60 -2.27
CA GLU A 15 7.57 5.83 -1.23
C GLU A 15 6.69 5.63 0.01
N MET A 16 5.98 6.66 0.44
CA MET A 16 5.08 6.52 1.62
C MET A 16 3.99 5.49 1.33
N LEU A 17 3.53 5.43 0.09
CA LEU A 17 2.47 4.44 -0.26
C LEU A 17 3.05 3.02 -0.21
N LYS A 18 4.32 2.87 -0.53
CA LYS A 18 4.94 1.51 -0.49
C LYS A 18 4.89 0.96 0.94
N SER A 19 5.27 1.75 1.91
CA SER A 19 5.21 1.28 3.33
C SER A 19 3.75 1.27 3.82
N LYS A 20 2.95 2.20 3.37
CA LYS A 20 1.52 2.24 3.77
C LYS A 20 0.78 1.00 3.25
N ILE A 21 1.02 0.63 2.02
CA ILE A 21 0.35 -0.58 1.45
C ILE A 21 0.78 -1.84 2.24
N GLN A 22 2.01 -1.87 2.70
CA GLN A 22 2.48 -3.05 3.48
C GLN A 22 1.68 -3.16 4.79
N GLY A 23 1.44 -2.05 5.44
CA GLY A 23 0.64 -2.08 6.72
C GLY A 23 -0.79 -2.50 6.40
N LEU A 24 -1.32 -2.05 5.29
CA LEU A 24 -2.73 -2.43 4.91
C LEU A 24 -2.75 -3.88 4.41
N LEU A 25 -1.69 -4.34 3.81
CA LEU A 25 -1.64 -5.75 3.29
C LEU A 25 -1.75 -6.76 4.45
N GLN A 26 -1.50 -6.35 5.68
CA GLN A 26 -1.61 -7.31 6.83
C GLN A 26 -2.95 -8.04 6.79
N GLN A 27 -4.04 -7.31 6.65
CA GLN A 27 -5.38 -7.97 6.60
C GLN A 27 -5.60 -8.61 5.21
N ALA A 28 -5.13 -7.98 4.18
CA ALA A 28 -5.31 -8.54 2.80
C ALA A 28 -4.46 -9.80 2.61
N SER A 29 -3.40 -9.96 3.37
CA SER A 29 -2.55 -11.18 3.25
C SER A 29 -3.35 -12.45 3.54
N LYS A 30 -4.29 -12.37 4.45
CA LYS A 30 -5.13 -13.58 4.77
C LYS A 30 -5.97 -13.97 3.55
N GLN A 31 -6.49 -12.99 2.84
CA GLN A 31 -7.30 -13.30 1.62
C GLN A 31 -6.39 -13.84 0.51
N ALA A 32 -5.16 -13.37 0.45
CA ALA A 32 -4.21 -13.86 -0.60
C ALA A 32 -3.66 -15.24 -0.24
N GLN A 33 -3.54 -15.52 1.04
CA GLN A 33 -3.01 -16.86 1.47
C GLN A 33 -3.88 -18.00 0.92
N ASP A 34 -5.17 -17.75 0.74
CA ASP A 34 -6.08 -18.81 0.21
C ASP A 34 -5.63 -19.30 -1.17
N ILE A 35 -5.56 -18.43 -2.14
CA ILE A 35 -5.14 -18.86 -3.52
C ILE A 35 -4.42 -17.71 -4.27
N GLN A 36 -3.79 -16.82 -3.55
CA GLN A 36 -3.08 -15.69 -4.23
C GLN A 36 -1.62 -15.65 -3.77
N PRO A 37 -0.78 -16.41 -4.44
CA PRO A 37 0.66 -16.48 -4.10
C PRO A 37 1.37 -15.18 -4.52
N ALA A 38 1.61 -14.29 -3.59
CA ALA A 38 2.30 -13.01 -3.92
C ALA A 38 3.76 -13.05 -3.43
N MET A 39 3.99 -13.53 -2.24
CA MET A 39 5.39 -13.61 -1.71
C MET A 39 5.92 -15.04 -1.87
N GLN A 40 5.15 -16.03 -1.52
CA GLN A 40 5.60 -17.45 -1.66
C GLN A 40 4.67 -18.21 -2.61
N ALA A 1 -2.98 25.35 -12.46
CA ALA A 1 -1.53 25.06 -12.25
C ALA A 1 -1.09 23.87 -13.12
N SER A 2 0.18 23.73 -13.35
CA SER A 2 0.67 22.59 -14.19
C SER A 2 0.83 21.33 -13.33
N ARG A 3 0.51 20.19 -13.87
CA ARG A 3 0.63 18.92 -13.08
C ARG A 3 2.09 18.43 -13.02
N ALA A 4 2.97 19.02 -13.81
CA ALA A 4 4.42 18.60 -13.80
C ALA A 4 4.97 18.63 -12.36
N ALA A 5 4.65 19.64 -11.60
CA ALA A 5 5.15 19.72 -10.19
C ALA A 5 4.60 18.54 -9.38
N LEU A 6 3.36 18.17 -9.60
CA LEU A 6 2.77 17.02 -8.85
C LEU A 6 3.46 15.71 -9.26
N ILE A 7 3.89 15.60 -10.49
CA ILE A 7 4.58 14.33 -10.93
C ILE A 7 5.94 14.22 -10.23
N GLU A 8 6.64 15.32 -10.08
CA GLU A 8 7.97 15.27 -9.40
C GLU A 8 7.76 15.06 -7.90
N GLU A 9 6.94 15.87 -7.27
CA GLU A 9 6.68 15.70 -5.82
C GLU A 9 5.90 14.39 -5.56
N GLY A 10 5.14 13.95 -6.52
CA GLY A 10 4.35 12.68 -6.36
C GLY A 10 5.29 11.51 -6.05
N GLN A 11 6.52 11.54 -6.51
CA GLN A 11 7.46 10.41 -6.23
C GLN A 11 7.60 10.21 -4.71
N ARG A 12 7.54 11.28 -3.94
CA ARG A 12 7.65 11.15 -2.46
C ARG A 12 6.29 10.73 -1.88
N ILE A 13 5.23 11.32 -2.36
CA ILE A 13 3.87 10.96 -1.86
C ILE A 13 3.56 9.49 -2.20
N ALA A 14 3.95 9.04 -3.36
CA ALA A 14 3.70 7.63 -3.77
C ALA A 14 4.47 6.67 -2.84
N GLU A 15 5.68 7.00 -2.47
CA GLU A 15 6.47 6.12 -1.56
C GLU A 15 5.79 6.03 -0.19
N MET A 16 5.30 7.14 0.31
CA MET A 16 4.62 7.13 1.64
C MET A 16 3.32 6.32 1.54
N LEU A 17 2.54 6.56 0.52
CA LEU A 17 1.26 5.80 0.34
C LEU A 17 1.58 4.31 0.13
N LYS A 18 2.64 4.01 -0.59
CA LYS A 18 3.03 2.59 -0.84
C LYS A 18 3.27 1.88 0.50
N SER A 19 3.92 2.55 1.43
CA SER A 19 4.18 1.92 2.77
C SER A 19 2.85 1.63 3.47
N LYS A 20 1.91 2.54 3.39
CA LYS A 20 0.57 2.31 4.04
C LYS A 20 -0.15 1.16 3.33
N ILE A 21 -0.06 1.09 2.02
CA ILE A 21 -0.74 -0.01 1.27
C ILE A 21 -0.11 -1.35 1.66
N GLN A 22 1.18 -1.37 1.91
CA GLN A 22 1.87 -2.63 2.32
C GLN A 22 1.33 -3.10 3.68
N GLY A 23 1.05 -2.17 4.57
CA GLY A 23 0.51 -2.56 5.91
C GLY A 23 -0.82 -3.27 5.72
N LEU A 24 -1.67 -2.77 4.84
CA LEU A 24 -2.98 -3.44 4.58
C LEU A 24 -2.75 -4.81 3.92
N LEU A 25 -1.67 -4.95 3.19
CA LEU A 25 -1.37 -6.26 2.51
C LEU A 25 -1.33 -7.39 3.55
N GLN A 26 -0.78 -7.13 4.72
CA GLN A 26 -0.73 -8.20 5.77
C GLN A 26 -2.15 -8.60 6.17
N GLN A 27 -3.02 -7.64 6.37
CA GLN A 27 -4.43 -7.96 6.75
C GLN A 27 -5.14 -8.67 5.60
N ALA A 28 -4.80 -8.34 4.38
CA ALA A 28 -5.44 -9.00 3.20
C ALA A 28 -4.80 -10.37 2.93
N SER A 29 -3.53 -10.52 3.27
CA SER A 29 -2.84 -11.83 3.06
C SER A 29 -3.40 -12.91 3.99
N LYS A 30 -4.19 -12.54 4.98
CA LYS A 30 -4.76 -13.56 5.91
C LYS A 30 -5.45 -14.68 5.13
N GLN A 31 -6.23 -14.33 4.13
CA GLN A 31 -6.93 -15.37 3.31
C GLN A 31 -5.98 -15.88 2.21
N ALA A 32 -5.15 -15.02 1.68
CA ALA A 32 -4.21 -15.44 0.59
C ALA A 32 -3.11 -16.37 1.14
N GLN A 33 -2.88 -16.38 2.43
CA GLN A 33 -1.82 -17.26 3.01
C GLN A 33 -2.13 -18.74 2.75
N ASP A 34 -3.31 -19.19 3.09
CA ASP A 34 -3.68 -20.62 2.87
C ASP A 34 -5.20 -20.78 2.69
N ILE A 35 -5.82 -19.87 1.97
CA ILE A 35 -7.30 -19.94 1.76
C ILE A 35 -8.03 -20.09 3.10
N GLN A 36 -8.02 -19.05 3.90
CA GLN A 36 -8.70 -19.12 5.23
C GLN A 36 -10.20 -19.39 5.06
N PRO A 37 -10.69 -20.38 5.78
CA PRO A 37 -12.13 -20.74 5.70
C PRO A 37 -12.99 -19.71 6.46
N ALA A 38 -13.33 -18.62 5.81
CA ALA A 38 -14.16 -17.57 6.47
C ALA A 38 -15.65 -17.90 6.32
N MET A 39 -16.08 -18.28 5.14
CA MET A 39 -17.52 -18.61 4.93
C MET A 39 -17.71 -20.14 4.95
N GLN A 40 -16.96 -20.85 4.15
CA GLN A 40 -17.08 -22.34 4.13
C GLN A 40 -15.84 -22.99 4.76
N ALA A 1 2.00 27.97 -14.45
CA ALA A 1 1.54 26.79 -13.65
C ALA A 1 1.54 25.53 -14.51
N SER A 2 2.06 24.45 -14.00
CA SER A 2 2.11 23.17 -14.78
C SER A 2 1.95 21.96 -13.85
N ARG A 3 1.35 20.91 -14.33
CA ARG A 3 1.17 19.69 -13.49
C ARG A 3 2.41 18.80 -13.52
N ALA A 4 3.40 19.15 -14.33
CA ALA A 4 4.65 18.31 -14.40
C ALA A 4 5.26 18.15 -13.00
N ALA A 5 5.37 19.23 -12.26
CA ALA A 5 5.94 19.14 -10.88
C ALA A 5 5.00 18.33 -9.96
N LEU A 6 3.71 18.44 -10.18
CA LEU A 6 2.73 17.67 -9.34
C LEU A 6 2.98 16.17 -9.48
N ILE A 7 3.28 15.72 -10.69
CA ILE A 7 3.56 14.27 -10.89
C ILE A 7 4.95 13.91 -10.34
N GLU A 8 5.89 14.82 -10.45
CA GLU A 8 7.28 14.55 -9.92
C GLU A 8 7.24 14.41 -8.39
N GLU A 9 6.44 15.21 -7.73
CA GLU A 9 6.36 15.12 -6.24
C GLU A 9 5.55 13.89 -5.82
N GLY A 10 4.59 13.48 -6.62
CA GLY A 10 3.76 12.28 -6.28
C GLY A 10 4.67 11.07 -6.02
N GLN A 11 5.78 11.00 -6.71
CA GLN A 11 6.72 9.84 -6.50
C GLN A 11 7.16 9.77 -5.03
N ARG A 12 7.55 10.89 -4.47
CA ARG A 12 7.97 10.90 -3.03
C ARG A 12 6.75 10.63 -2.12
N ILE A 13 5.64 11.26 -2.41
CA ILE A 13 4.41 11.05 -1.56
C ILE A 13 3.98 9.57 -1.65
N ALA A 14 3.96 9.01 -2.84
CA ALA A 14 3.56 7.58 -2.99
C ALA A 14 4.53 6.67 -2.24
N GLU A 15 5.81 7.02 -2.22
CA GLU A 15 6.81 6.17 -1.49
C GLU A 15 6.41 6.07 0.00
N MET A 16 6.07 7.17 0.60
CA MET A 16 5.66 7.14 2.04
C MET A 16 4.31 6.42 2.17
N LEU A 17 3.43 6.61 1.21
CA LEU A 17 2.10 5.93 1.26
C LEU A 17 2.24 4.42 0.98
N LYS A 18 3.34 4.02 0.38
CA LYS A 18 3.57 2.56 0.09
C LYS A 18 3.46 1.74 1.38
N SER A 19 4.14 2.17 2.42
CA SER A 19 4.08 1.41 3.72
C SER A 19 2.65 1.45 4.28
N LYS A 20 1.98 2.58 4.16
CA LYS A 20 0.58 2.69 4.68
C LYS A 20 -0.32 1.67 3.97
N ILE A 21 -0.13 1.49 2.69
CA ILE A 21 -0.96 0.50 1.94
C ILE A 21 -0.61 -0.92 2.38
N GLN A 22 0.64 -1.16 2.69
CA GLN A 22 1.08 -2.52 3.14
C GLN A 22 0.43 -2.87 4.48
N GLY A 23 0.19 -1.89 5.33
CA GLY A 23 -0.44 -2.16 6.65
C GLY A 23 -1.76 -2.92 6.45
N LEU A 24 -2.61 -2.45 5.56
CA LEU A 24 -3.89 -3.15 5.30
C LEU A 24 -3.65 -4.43 4.49
N LEU A 25 -2.62 -4.43 3.65
CA LEU A 25 -2.32 -5.65 2.84
C LEU A 25 -1.86 -6.81 3.74
N GLN A 26 -1.28 -6.51 4.88
CA GLN A 26 -0.81 -7.59 5.80
C GLN A 26 -1.94 -8.59 6.10
N GLN A 27 -3.16 -8.11 6.24
CA GLN A 27 -4.29 -9.04 6.53
C GLN A 27 -4.86 -9.63 5.23
N ALA A 28 -4.87 -8.87 4.17
CA ALA A 28 -5.40 -9.37 2.87
C ALA A 28 -4.41 -10.33 2.20
N SER A 29 -3.14 -10.13 2.39
CA SER A 29 -2.13 -11.03 1.76
C SER A 29 -2.25 -12.45 2.32
N LYS A 30 -2.39 -12.60 3.62
CA LYS A 30 -2.53 -13.95 4.23
C LYS A 30 -3.87 -14.59 3.83
N GLN A 31 -4.89 -13.81 3.58
CA GLN A 31 -6.21 -14.39 3.19
C GLN A 31 -6.07 -15.17 1.88
N ALA A 32 -5.36 -14.63 0.92
CA ALA A 32 -5.19 -15.33 -0.40
C ALA A 32 -3.91 -16.17 -0.42
N GLN A 33 -2.96 -15.91 0.44
CA GLN A 33 -1.69 -16.69 0.44
C GLN A 33 -1.72 -17.82 1.49
N ASP A 34 -2.37 -17.61 2.60
CA ASP A 34 -2.42 -18.67 3.66
C ASP A 34 -3.76 -19.41 3.61
N ILE A 35 -4.12 -19.94 2.47
CA ILE A 35 -5.41 -20.70 2.36
C ILE A 35 -5.17 -22.21 2.60
N GLN A 36 -4.05 -22.56 3.20
CA GLN A 36 -3.77 -24.01 3.46
C GLN A 36 -2.99 -24.17 4.78
N PRO A 37 -3.65 -23.87 5.87
CA PRO A 37 -3.02 -23.99 7.21
C PRO A 37 -2.88 -25.46 7.62
N ALA A 38 -1.74 -25.84 8.14
CA ALA A 38 -1.53 -27.26 8.56
C ALA A 38 -1.62 -27.41 10.09
N MET A 39 -2.26 -26.47 10.75
CA MET A 39 -2.38 -26.57 12.25
C MET A 39 -3.56 -27.47 12.64
N GLN A 40 -4.64 -27.42 11.89
CA GLN A 40 -5.82 -28.27 12.22
C GLN A 40 -5.84 -29.50 11.28
N ALA A 1 -5.50 17.65 -16.75
CA ALA A 1 -4.56 16.92 -15.85
C ALA A 1 -3.11 17.39 -16.11
N SER A 2 -2.36 17.59 -15.07
CA SER A 2 -0.94 18.04 -15.24
C SER A 2 0.02 17.07 -14.56
N ARG A 3 0.84 16.40 -15.33
CA ARG A 3 1.80 15.40 -14.75
C ARG A 3 2.94 16.13 -14.01
N ALA A 4 3.20 17.37 -14.35
CA ALA A 4 4.31 18.13 -13.68
C ALA A 4 4.11 18.11 -12.15
N ALA A 5 2.95 18.46 -11.69
CA ALA A 5 2.68 18.47 -10.21
C ALA A 5 2.56 17.03 -9.70
N LEU A 6 1.98 16.15 -10.48
CA LEU A 6 1.83 14.73 -10.05
C LEU A 6 3.20 14.12 -9.69
N ILE A 7 4.23 14.49 -10.41
CA ILE A 7 5.59 13.95 -10.12
C ILE A 7 6.24 14.74 -8.98
N GLU A 8 6.15 16.05 -9.01
CA GLU A 8 6.76 16.88 -7.93
C GLU A 8 6.16 16.50 -6.57
N GLU A 9 4.86 16.54 -6.44
CA GLU A 9 4.22 16.18 -5.15
C GLU A 9 4.18 14.65 -4.98
N GLY A 10 4.02 13.93 -6.07
CA GLY A 10 3.98 12.44 -5.99
C GLY A 10 5.29 11.89 -5.43
N GLN A 11 6.39 12.57 -5.65
CA GLN A 11 7.71 12.07 -5.13
C GLN A 11 7.64 11.85 -3.61
N ARG A 12 7.01 12.75 -2.89
CA ARG A 12 6.89 12.59 -1.41
C ARG A 12 5.80 11.56 -1.07
N ILE A 13 4.71 11.57 -1.80
CA ILE A 13 3.61 10.58 -1.52
C ILE A 13 4.06 9.17 -1.92
N ALA A 14 4.83 9.05 -2.97
CA ALA A 14 5.30 7.70 -3.41
C ALA A 14 6.06 6.99 -2.28
N GLU A 15 6.92 7.71 -1.59
CA GLU A 15 7.68 7.09 -0.46
C GLU A 15 6.69 6.59 0.61
N MET A 16 5.67 7.36 0.90
CA MET A 16 4.67 6.95 1.92
C MET A 16 3.79 5.82 1.35
N LEU A 17 3.47 5.89 0.09
CA LEU A 17 2.61 4.82 -0.53
C LEU A 17 3.35 3.48 -0.54
N LYS A 18 4.66 3.50 -0.62
CA LYS A 18 5.44 2.23 -0.60
C LYS A 18 5.12 1.45 0.68
N SER A 19 5.09 2.13 1.81
CA SER A 19 4.76 1.44 3.09
C SER A 19 3.26 1.12 3.12
N LYS A 20 2.45 1.97 2.53
CA LYS A 20 0.97 1.72 2.50
C LYS A 20 0.69 0.43 1.74
N ILE A 21 1.41 0.17 0.66
CA ILE A 21 1.20 -1.08 -0.12
C ILE A 21 1.65 -2.29 0.70
N GLN A 22 2.68 -2.13 1.49
CA GLN A 22 3.17 -3.27 2.34
C GLN A 22 2.07 -3.69 3.32
N GLY A 23 1.51 -2.74 4.04
CA GLY A 23 0.43 -3.08 5.01
C GLY A 23 -0.77 -3.65 4.25
N LEU A 24 -1.10 -3.09 3.12
CA LEU A 24 -2.25 -3.61 2.31
C LEU A 24 -2.01 -5.08 1.95
N LEU A 25 -0.82 -5.43 1.52
CA LEU A 25 -0.52 -6.85 1.17
C LEU A 25 -0.73 -7.74 2.40
N GLN A 26 -0.33 -7.28 3.56
CA GLN A 26 -0.51 -8.09 4.80
C GLN A 26 -2.01 -8.28 5.08
N GLN A 27 -2.79 -7.24 4.92
CA GLN A 27 -4.27 -7.34 5.15
C GLN A 27 -4.91 -8.31 4.15
N ALA A 28 -4.43 -8.29 2.93
CA ALA A 28 -4.98 -9.22 1.89
C ALA A 28 -4.75 -10.68 2.31
N SER A 29 -3.63 -10.95 2.92
CA SER A 29 -3.34 -12.35 3.38
C SER A 29 -4.16 -12.67 4.63
N LYS A 30 -4.37 -11.69 5.48
CA LYS A 30 -5.17 -11.93 6.73
C LYS A 30 -6.53 -12.54 6.39
N GLN A 31 -7.31 -11.89 5.56
CA GLN A 31 -8.65 -12.45 5.18
C GLN A 31 -8.49 -13.76 4.40
N ALA A 32 -7.43 -13.89 3.63
CA ALA A 32 -7.21 -15.15 2.86
C ALA A 32 -6.96 -16.34 3.80
N GLN A 33 -6.32 -16.09 4.92
CA GLN A 33 -6.05 -17.20 5.90
C GLN A 33 -7.35 -17.62 6.59
N ASP A 34 -8.36 -16.77 6.60
CA ASP A 34 -9.64 -17.13 7.27
C ASP A 34 -10.60 -17.79 6.26
N ILE A 35 -11.24 -17.01 5.42
CA ILE A 35 -12.20 -17.58 4.40
C ILE A 35 -13.18 -18.55 5.08
N GLN A 36 -13.68 -18.20 6.23
CA GLN A 36 -14.64 -19.10 6.96
C GLN A 36 -15.67 -18.26 7.74
N PRO A 37 -16.74 -18.90 8.13
CA PRO A 37 -17.80 -18.21 8.90
C PRO A 37 -17.33 -17.96 10.34
N ALA A 38 -16.87 -16.76 10.62
CA ALA A 38 -16.38 -16.45 12.01
C ALA A 38 -17.55 -16.29 12.99
N MET A 39 -18.76 -16.16 12.49
CA MET A 39 -19.94 -16.01 13.41
C MET A 39 -20.36 -17.39 13.96
N GLN A 40 -20.45 -18.38 13.11
CA GLN A 40 -20.85 -19.75 13.57
C GLN A 40 -20.11 -20.84 12.77
N ALA A 1 -3.47 22.67 -18.83
CA ALA A 1 -2.35 22.81 -17.86
C ALA A 1 -1.47 21.56 -17.87
N SER A 2 -0.23 21.68 -17.47
CA SER A 2 0.69 20.50 -17.47
C SER A 2 0.43 19.64 -16.23
N ARG A 3 0.52 18.34 -16.36
CA ARG A 3 0.28 17.44 -15.20
C ARG A 3 1.62 16.96 -14.59
N ALA A 4 2.74 17.44 -15.09
CA ALA A 4 4.07 17.02 -14.53
C ALA A 4 4.22 17.50 -13.08
N ALA A 5 3.67 18.64 -12.76
CA ALA A 5 3.76 19.17 -11.36
C ALA A 5 3.23 18.15 -10.36
N LEU A 6 2.18 17.43 -10.72
CA LEU A 6 1.63 16.40 -9.78
C LEU A 6 2.66 15.31 -9.51
N ILE A 7 3.42 14.93 -10.52
CA ILE A 7 4.46 13.88 -10.32
C ILE A 7 5.60 14.43 -9.46
N GLU A 8 5.91 15.70 -9.60
CA GLU A 8 7.00 16.31 -8.77
C GLU A 8 6.65 16.21 -7.28
N GLU A 9 5.40 16.41 -6.93
CA GLU A 9 4.99 16.32 -5.49
C GLU A 9 4.80 14.84 -5.09
N GLY A 10 4.63 13.95 -6.04
CA GLY A 10 4.43 12.51 -5.71
C GLY A 10 5.73 11.88 -5.19
N GLN A 11 6.87 12.51 -5.38
CA GLN A 11 8.14 11.90 -4.89
C GLN A 11 8.07 11.61 -3.37
N ARG A 12 7.47 12.48 -2.60
CA ARG A 12 7.36 12.24 -1.13
C ARG A 12 6.15 11.36 -0.84
N ILE A 13 5.07 11.52 -1.57
CA ILE A 13 3.86 10.69 -1.35
C ILE A 13 4.12 9.23 -1.76
N ALA A 14 4.89 9.01 -2.80
CA ALA A 14 5.19 7.62 -3.25
C ALA A 14 5.85 6.82 -2.11
N GLU A 15 6.81 7.40 -1.43
CA GLU A 15 7.47 6.67 -0.30
C GLU A 15 6.48 6.43 0.84
N MET A 16 5.68 7.42 1.16
CA MET A 16 4.67 7.25 2.26
C MET A 16 3.58 6.25 1.84
N LEU A 17 3.21 6.26 0.58
CA LEU A 17 2.16 5.30 0.10
C LEU A 17 2.74 3.90 -0.03
N LYS A 18 4.03 3.78 -0.24
CA LYS A 18 4.67 2.44 -0.37
C LYS A 18 4.45 1.60 0.89
N SER A 19 4.72 2.18 2.05
CA SER A 19 4.52 1.42 3.32
C SER A 19 3.03 1.11 3.53
N LYS A 20 2.16 2.02 3.11
CA LYS A 20 0.69 1.79 3.28
C LYS A 20 0.25 0.57 2.44
N ILE A 21 0.65 0.52 1.19
CA ILE A 21 0.27 -0.64 0.32
C ILE A 21 0.88 -1.93 0.87
N GLN A 22 2.06 -1.85 1.46
CA GLN A 22 2.71 -3.07 2.01
C GLN A 22 1.83 -3.66 3.13
N GLY A 23 1.40 -2.84 4.06
CA GLY A 23 0.52 -3.33 5.15
C GLY A 23 -0.80 -3.85 4.55
N LEU A 24 -1.29 -3.20 3.52
CA LEU A 24 -2.55 -3.65 2.87
C LEU A 24 -2.36 -5.06 2.27
N LEU A 25 -1.22 -5.31 1.67
CA LEU A 25 -0.96 -6.65 1.07
C LEU A 25 -0.88 -7.72 2.17
N GLN A 26 -0.24 -7.39 3.28
CA GLN A 26 -0.13 -8.38 4.39
C GLN A 26 -1.52 -8.72 4.95
N GLN A 27 -2.36 -7.73 5.11
CA GLN A 27 -3.74 -8.00 5.64
C GLN A 27 -4.54 -8.83 4.63
N ALA A 28 -4.34 -8.58 3.35
CA ALA A 28 -5.08 -9.35 2.30
C ALA A 28 -4.68 -10.83 2.38
N SER A 29 -3.42 -11.11 2.58
CA SER A 29 -2.96 -12.53 2.68
C SER A 29 -3.61 -13.20 3.90
N LYS A 30 -3.73 -12.49 4.99
CA LYS A 30 -4.37 -13.06 6.22
C LYS A 30 -5.88 -13.15 6.03
N GLN A 31 -6.47 -12.15 5.41
CA GLN A 31 -7.95 -12.17 5.18
C GLN A 31 -8.34 -13.39 4.32
N ALA A 32 -7.53 -13.73 3.35
CA ALA A 32 -7.84 -14.92 2.49
C ALA A 32 -7.62 -16.22 3.26
N GLN A 33 -6.65 -16.23 4.14
CA GLN A 33 -6.37 -17.47 4.94
C GLN A 33 -6.89 -17.31 6.39
N ASP A 34 -7.95 -16.57 6.57
CA ASP A 34 -8.50 -16.36 7.95
C ASP A 34 -9.42 -17.52 8.36
N ILE A 35 -10.23 -18.02 7.45
CA ILE A 35 -11.15 -19.15 7.81
C ILE A 35 -10.88 -20.37 6.91
N GLN A 36 -11.29 -20.31 5.67
CA GLN A 36 -11.08 -21.48 4.76
C GLN A 36 -10.86 -20.98 3.31
N PRO A 37 -9.83 -21.50 2.69
CA PRO A 37 -9.52 -21.11 1.29
C PRO A 37 -10.46 -21.82 0.29
N ALA A 38 -10.14 -21.79 -0.97
CA ALA A 38 -11.02 -22.45 -2.00
C ALA A 38 -10.57 -23.90 -2.24
N MET A 39 -9.28 -24.15 -2.26
CA MET A 39 -8.78 -25.54 -2.51
C MET A 39 -9.01 -26.41 -1.26
N GLN A 40 -8.39 -26.07 -0.15
CA GLN A 40 -8.57 -26.88 1.08
C GLN A 40 -8.88 -25.96 2.28
N ALA A 1 -6.12 20.82 -8.97
CA ALA A 1 -5.55 20.01 -10.09
C ALA A 1 -4.01 20.15 -10.11
N SER A 2 -3.31 19.05 -10.14
CA SER A 2 -1.81 19.12 -10.17
C SER A 2 -1.25 18.18 -11.24
N ARG A 3 -0.65 18.72 -12.27
CA ARG A 3 -0.08 17.86 -13.34
C ARG A 3 1.46 17.86 -13.27
N ALA A 4 2.07 19.02 -13.21
CA ALA A 4 3.57 19.08 -13.14
C ALA A 4 4.05 18.67 -11.74
N ALA A 5 3.42 19.19 -10.71
CA ALA A 5 3.84 18.82 -9.31
C ALA A 5 3.65 17.31 -9.06
N LEU A 6 2.74 16.68 -9.78
CA LEU A 6 2.52 15.21 -9.58
C LEU A 6 3.81 14.42 -9.85
N ILE A 7 4.64 14.88 -10.74
CA ILE A 7 5.91 14.15 -11.03
C ILE A 7 6.94 14.43 -9.92
N GLU A 8 6.98 15.64 -9.41
CA GLU A 8 7.96 15.98 -8.33
C GLU A 8 7.41 15.54 -6.97
N GLU A 9 6.32 16.12 -6.53
CA GLU A 9 5.73 15.74 -5.21
C GLU A 9 5.27 14.28 -5.22
N GLY A 10 4.75 13.82 -6.34
CA GLY A 10 4.28 12.39 -6.42
C GLY A 10 5.46 11.45 -6.16
N GLN A 11 6.65 11.84 -6.54
CA GLN A 11 7.84 10.96 -6.29
C GLN A 11 7.99 10.71 -4.78
N ARG A 12 7.79 11.72 -3.97
CA ARG A 12 7.91 11.55 -2.50
C ARG A 12 6.63 10.91 -1.93
N ILE A 13 5.48 11.33 -2.40
CA ILE A 13 4.19 10.74 -1.91
C ILE A 13 4.12 9.25 -2.27
N ALA A 14 4.59 8.88 -3.44
CA ALA A 14 4.56 7.43 -3.85
C ALA A 14 5.26 6.56 -2.80
N GLU A 15 6.34 7.04 -2.23
CA GLU A 15 7.07 6.24 -1.20
C GLU A 15 6.26 6.23 0.11
N MET A 16 5.68 7.35 0.49
CA MET A 16 4.87 7.39 1.74
C MET A 16 3.61 6.53 1.60
N LEU A 17 2.92 6.64 0.50
CA LEU A 17 1.69 5.82 0.29
C LEU A 17 2.06 4.34 0.13
N LYS A 18 3.27 4.05 -0.30
CA LYS A 18 3.71 2.64 -0.47
C LYS A 18 3.56 1.87 0.85
N SER A 19 3.98 2.47 1.95
CA SER A 19 3.86 1.78 3.27
C SER A 19 2.37 1.55 3.61
N LYS A 20 1.53 2.50 3.29
CA LYS A 20 0.07 2.33 3.58
C LYS A 20 -0.48 1.12 2.81
N ILE A 21 -0.06 0.96 1.57
CA ILE A 21 -0.56 -0.20 0.76
C ILE A 21 0.07 -1.51 1.26
N GLN A 22 1.29 -1.43 1.74
CA GLN A 22 1.97 -2.67 2.24
C GLN A 22 1.17 -3.27 3.42
N GLY A 23 0.77 -2.46 4.35
CA GLY A 23 -0.03 -2.97 5.51
C GLY A 23 -1.37 -3.51 4.98
N LEU A 24 -1.99 -2.79 4.07
CA LEU A 24 -3.30 -3.24 3.49
C LEU A 24 -3.10 -4.58 2.75
N LEU A 25 -2.00 -4.72 2.04
CA LEU A 25 -1.72 -5.99 1.30
C LEU A 25 -1.54 -7.15 2.30
N GLN A 26 -0.88 -6.90 3.41
CA GLN A 26 -0.67 -7.98 4.42
C GLN A 26 -2.02 -8.42 5.01
N GLN A 27 -2.91 -7.48 5.27
CA GLN A 27 -4.25 -7.85 5.83
C GLN A 27 -4.99 -8.77 4.86
N ALA A 28 -4.94 -8.45 3.59
CA ALA A 28 -5.62 -9.30 2.56
C ALA A 28 -4.87 -10.63 2.42
N SER A 29 -3.57 -10.58 2.40
CA SER A 29 -2.76 -11.83 2.27
C SER A 29 -2.98 -12.71 3.50
N LYS A 30 -2.99 -12.13 4.67
CA LYS A 30 -3.21 -12.93 5.92
C LYS A 30 -4.56 -13.65 5.85
N GLN A 31 -5.58 -13.00 5.32
CA GLN A 31 -6.92 -13.65 5.21
C GLN A 31 -6.80 -14.99 4.48
N ALA A 32 -5.92 -15.08 3.50
CA ALA A 32 -5.74 -16.36 2.76
C ALA A 32 -4.62 -17.21 3.40
N GLN A 33 -3.70 -16.58 4.10
CA GLN A 33 -2.59 -17.35 4.75
C GLN A 33 -2.78 -17.45 6.27
N ASP A 34 -4.01 -17.47 6.74
CA ASP A 34 -4.24 -17.57 8.21
C ASP A 34 -5.63 -18.17 8.49
N ILE A 35 -5.93 -19.30 7.90
CA ILE A 35 -7.26 -19.96 8.13
C ILE A 35 -7.06 -21.30 8.84
N GLN A 36 -6.31 -21.30 9.92
CA GLN A 36 -6.07 -22.58 10.67
C GLN A 36 -5.99 -22.31 12.19
N PRO A 37 -7.11 -21.93 12.76
CA PRO A 37 -7.16 -21.65 14.22
C PRO A 37 -7.13 -22.96 15.03
N ALA A 38 -5.96 -23.44 15.36
CA ALA A 38 -5.85 -24.71 16.14
C ALA A 38 -5.85 -24.40 17.65
N MET A 39 -5.09 -23.42 18.07
CA MET A 39 -5.04 -23.07 19.52
C MET A 39 -5.93 -21.85 19.79
N GLN A 40 -5.74 -20.79 19.04
CA GLN A 40 -6.57 -19.56 19.23
C GLN A 40 -7.44 -19.31 17.99
N ALA A 1 -2.18 23.03 -11.23
CA ALA A 1 -1.03 22.55 -10.42
C ALA A 1 0.30 23.04 -11.02
N SER A 2 1.34 23.08 -10.23
CA SER A 2 2.66 23.55 -10.75
C SER A 2 3.38 22.40 -11.46
N ARG A 3 3.88 22.66 -12.66
CA ARG A 3 4.59 21.58 -13.43
C ARG A 3 5.75 21.01 -12.59
N ALA A 4 6.53 21.86 -11.98
CA ALA A 4 7.67 21.37 -11.15
C ALA A 4 7.14 20.67 -9.88
N ALA A 5 6.15 21.25 -9.26
CA ALA A 5 5.58 20.62 -8.00
C ALA A 5 4.89 19.29 -8.33
N LEU A 6 4.43 19.10 -9.54
CA LEU A 6 3.76 17.81 -9.91
C LEU A 6 4.72 16.63 -9.70
N ILE A 7 5.94 16.75 -10.17
CA ILE A 7 6.92 15.64 -9.99
C ILE A 7 7.23 15.46 -8.50
N GLU A 8 7.47 16.53 -7.79
CA GLU A 8 7.76 16.43 -6.33
C GLU A 8 6.52 15.89 -5.59
N GLU A 9 5.36 16.43 -5.88
CA GLU A 9 4.11 15.95 -5.22
C GLU A 9 3.89 14.46 -5.52
N GLY A 10 4.15 14.04 -6.73
CA GLY A 10 3.97 12.60 -7.08
C GLY A 10 4.99 11.74 -6.31
N GLN A 11 6.22 12.20 -6.21
CA GLN A 11 7.25 11.43 -5.46
C GLN A 11 6.79 11.17 -4.02
N ARG A 12 6.17 12.16 -3.40
CA ARG A 12 5.69 11.98 -2.00
C ARG A 12 4.54 10.96 -1.96
N ILE A 13 3.59 11.08 -2.85
CA ILE A 13 2.44 10.11 -2.87
C ILE A 13 2.91 8.74 -3.37
N ALA A 14 3.83 8.71 -4.32
CA ALA A 14 4.33 7.40 -4.85
C ALA A 14 4.87 6.53 -3.71
N GLU A 15 5.70 7.08 -2.86
CA GLU A 15 6.26 6.28 -1.72
C GLU A 15 5.14 5.94 -0.73
N MET A 16 4.29 6.88 -0.43
CA MET A 16 3.16 6.62 0.53
C MET A 16 2.24 5.53 -0.03
N LEU A 17 2.04 5.52 -1.33
CA LEU A 17 1.16 4.48 -1.96
C LEU A 17 1.86 3.11 -1.96
N LYS A 18 3.16 3.10 -2.10
CA LYS A 18 3.91 1.79 -2.12
C LYS A 18 3.71 1.05 -0.78
N SER A 19 3.80 1.75 0.33
CA SER A 19 3.61 1.08 1.65
C SER A 19 2.12 0.73 1.85
N LYS A 20 1.22 1.56 1.37
CA LYS A 20 -0.23 1.27 1.52
C LYS A 20 -0.59 -0.04 0.79
N ILE A 21 -0.13 -0.20 -0.43
CA ILE A 21 -0.42 -1.44 -1.20
C ILE A 21 0.18 -2.66 -0.48
N GLN A 22 1.31 -2.48 0.17
CA GLN A 22 1.96 -3.60 0.90
C GLN A 22 1.09 -4.02 2.10
N GLY A 23 0.54 -3.06 2.79
CA GLY A 23 -0.33 -3.39 3.97
C GLY A 23 -1.57 -4.15 3.49
N LEU A 24 -2.16 -3.73 2.40
CA LEU A 24 -3.37 -4.42 1.88
C LEU A 24 -3.03 -5.88 1.52
N LEU A 25 -1.99 -6.09 0.76
CA LEU A 25 -1.59 -7.48 0.40
C LEU A 25 -1.21 -8.27 1.66
N GLN A 26 -0.49 -7.65 2.56
CA GLN A 26 -0.08 -8.34 3.82
C GLN A 26 -1.33 -8.70 4.65
N GLN A 27 -2.31 -7.82 4.69
CA GLN A 27 -3.56 -8.10 5.45
C GLN A 27 -4.31 -9.27 4.81
N ALA A 28 -4.19 -9.43 3.52
CA ALA A 28 -4.89 -10.56 2.83
C ALA A 28 -4.39 -11.90 3.40
N SER A 29 -3.15 -11.94 3.83
CA SER A 29 -2.58 -13.19 4.42
C SER A 29 -2.73 -13.17 5.94
N LYS A 30 -2.55 -12.02 6.55
CA LYS A 30 -2.68 -11.92 8.05
C LYS A 30 -4.14 -12.09 8.50
N GLN A 31 -5.10 -11.64 7.73
CA GLN A 31 -6.54 -11.78 8.14
C GLN A 31 -6.90 -13.24 8.45
N ALA A 32 -6.14 -14.20 7.97
CA ALA A 32 -6.46 -15.63 8.25
C ALA A 32 -5.73 -16.11 9.51
N GLN A 33 -4.54 -15.61 9.76
CA GLN A 33 -3.77 -16.04 10.97
C GLN A 33 -3.75 -14.93 12.05
N ASP A 34 -4.79 -14.14 12.14
CA ASP A 34 -4.82 -13.05 13.17
C ASP A 34 -5.82 -13.40 14.29
N ILE A 35 -5.86 -14.65 14.71
CA ILE A 35 -6.81 -15.05 15.79
C ILE A 35 -6.06 -15.29 17.13
N GLN A 36 -5.07 -14.47 17.42
CA GLN A 36 -4.31 -14.64 18.70
C GLN A 36 -4.05 -13.27 19.34
N PRO A 37 -4.12 -13.24 20.66
CA PRO A 37 -3.88 -11.98 21.41
C PRO A 37 -2.40 -11.61 21.39
N ALA A 38 -1.98 -10.78 20.47
CA ALA A 38 -0.55 -10.37 20.40
C ALA A 38 -0.34 -9.04 21.12
N MET A 39 -1.15 -8.05 20.82
CA MET A 39 -1.00 -6.73 21.49
C MET A 39 -1.96 -6.63 22.68
N GLN A 40 -3.23 -6.89 22.46
CA GLN A 40 -4.21 -6.83 23.59
C GLN A 40 -5.39 -7.76 23.30
N ALA A 1 -1.20 23.89 -9.86
CA ALA A 1 0.10 23.18 -9.71
C ALA A 1 0.82 23.09 -11.06
N SER A 2 2.09 22.77 -11.04
CA SER A 2 2.85 22.67 -12.33
C SER A 2 2.88 21.21 -12.81
N ARG A 3 3.11 20.99 -14.09
CA ARG A 3 3.14 19.60 -14.62
C ARG A 3 4.29 18.82 -13.97
N ALA A 4 5.49 19.39 -13.98
CA ALA A 4 6.66 18.69 -13.34
C ALA A 4 6.45 18.58 -11.83
N ALA A 5 5.86 19.59 -11.21
CA ALA A 5 5.64 19.54 -9.73
C ALA A 5 4.71 18.36 -9.38
N LEU A 6 3.65 18.19 -10.14
CA LEU A 6 2.71 17.06 -9.85
C LEU A 6 3.44 15.71 -9.96
N ILE A 7 4.33 15.58 -10.92
CA ILE A 7 5.08 14.30 -11.09
C ILE A 7 6.11 14.16 -9.96
N GLU A 8 6.82 15.22 -9.65
CA GLU A 8 7.84 15.14 -8.54
C GLU A 8 7.15 14.88 -7.20
N GLU A 9 6.12 15.63 -6.89
CA GLU A 9 5.39 15.42 -5.60
C GLU A 9 4.62 14.09 -5.65
N GLY A 10 4.06 13.75 -6.79
CA GLY A 10 3.30 12.47 -6.91
C GLY A 10 4.21 11.29 -6.57
N GLN A 11 5.42 11.27 -7.09
CA GLN A 11 6.36 10.15 -6.77
C GLN A 11 6.64 10.11 -5.27
N ARG A 12 6.88 11.26 -4.67
CA ARG A 12 7.14 11.30 -3.19
C ARG A 12 5.88 10.86 -2.43
N ILE A 13 4.75 11.38 -2.79
CA ILE A 13 3.47 10.99 -2.10
C ILE A 13 3.19 9.50 -2.35
N ALA A 14 3.40 9.04 -3.56
CA ALA A 14 3.16 7.60 -3.87
C ALA A 14 4.04 6.70 -2.99
N GLU A 15 5.31 7.02 -2.87
CA GLU A 15 6.23 6.19 -2.02
C GLU A 15 5.74 6.16 -0.57
N MET A 16 5.30 7.28 -0.05
CA MET A 16 4.79 7.32 1.36
C MET A 16 3.51 6.47 1.49
N LEU A 17 2.72 6.42 0.45
CA LEU A 17 1.46 5.61 0.50
C LEU A 17 1.77 4.12 0.34
N LYS A 18 2.87 3.78 -0.28
CA LYS A 18 3.24 2.34 -0.46
C LYS A 18 3.37 1.65 0.91
N SER A 19 4.05 2.29 1.84
CA SER A 19 4.21 1.69 3.20
C SER A 19 2.85 1.64 3.92
N LYS A 20 1.99 2.60 3.65
CA LYS A 20 0.64 2.61 4.31
C LYS A 20 -0.17 1.39 3.86
N ILE A 21 -0.09 1.04 2.60
CA ILE A 21 -0.85 -0.15 2.10
C ILE A 21 -0.16 -1.45 2.57
N GLN A 22 1.12 -1.39 2.81
CA GLN A 22 1.86 -2.61 3.28
C GLN A 22 1.21 -3.17 4.55
N GLY A 23 0.92 -2.33 5.51
CA GLY A 23 0.29 -2.81 6.78
C GLY A 23 -1.07 -3.46 6.45
N LEU A 24 -1.86 -2.83 5.62
CA LEU A 24 -3.19 -3.41 5.24
C LEU A 24 -2.97 -4.68 4.41
N LEU A 25 -2.02 -4.66 3.52
CA LEU A 25 -1.74 -5.86 2.66
C LEU A 25 -1.30 -7.04 3.53
N GLN A 26 -0.65 -6.78 4.64
CA GLN A 26 -0.19 -7.90 5.53
C GLN A 26 -1.38 -8.78 5.94
N GLN A 27 -2.47 -8.18 6.33
CA GLN A 27 -3.67 -8.98 6.73
C GLN A 27 -4.37 -9.54 5.48
N ALA A 28 -4.41 -8.77 4.43
CA ALA A 28 -5.06 -9.24 3.16
C ALA A 28 -4.26 -10.40 2.56
N SER A 29 -2.95 -10.35 2.67
CA SER A 29 -2.09 -11.45 2.13
C SER A 29 -2.48 -12.79 2.77
N LYS A 30 -2.71 -12.79 4.05
CA LYS A 30 -3.11 -14.06 4.74
C LYS A 30 -4.54 -14.45 4.37
N GLN A 31 -5.40 -13.47 4.18
CA GLN A 31 -6.82 -13.78 3.81
C GLN A 31 -6.88 -14.55 2.48
N ALA A 32 -5.96 -14.29 1.58
CA ALA A 32 -5.95 -15.00 0.26
C ALA A 32 -5.19 -16.34 0.35
N GLN A 33 -4.63 -16.67 1.50
CA GLN A 33 -3.88 -17.96 1.62
C GLN A 33 -4.72 -19.03 2.34
N ASP A 34 -6.02 -18.98 2.22
CA ASP A 34 -6.88 -20.01 2.89
C ASP A 34 -7.32 -21.09 1.89
N ILE A 35 -7.48 -20.73 0.63
CA ILE A 35 -7.87 -21.75 -0.40
C ILE A 35 -6.67 -22.05 -1.30
N GLN A 36 -5.53 -22.32 -0.71
CA GLN A 36 -4.31 -22.63 -1.53
C GLN A 36 -4.20 -24.14 -1.81
N PRO A 37 -3.65 -24.46 -2.95
CA PRO A 37 -3.49 -25.89 -3.33
C PRO A 37 -2.37 -26.55 -2.53
N ALA A 38 -2.71 -27.46 -1.65
CA ALA A 38 -1.66 -28.14 -0.83
C ALA A 38 -1.18 -29.41 -1.55
N MET A 39 -2.09 -30.17 -2.10
CA MET A 39 -1.70 -31.42 -2.82
C MET A 39 -1.65 -31.18 -4.35
N GLN A 40 -1.54 -29.94 -4.77
CA GLN A 40 -1.49 -29.64 -6.23
C GLN A 40 -0.41 -28.59 -6.51
N ALA A 1 3.08 25.74 -12.10
CA ALA A 1 3.06 24.24 -12.17
C ALA A 1 3.95 23.74 -13.31
N SER A 2 4.48 22.55 -13.20
CA SER A 2 5.36 22.00 -14.28
C SER A 2 5.24 20.48 -14.33
N ARG A 3 5.72 19.87 -15.40
CA ARG A 3 5.64 18.38 -15.51
C ARG A 3 6.42 17.72 -14.37
N ALA A 4 7.65 18.16 -14.14
CA ALA A 4 8.46 17.57 -13.03
C ALA A 4 7.78 17.81 -11.68
N ALA A 5 7.30 19.01 -11.46
CA ALA A 5 6.61 19.33 -10.16
C ALA A 5 5.40 18.41 -9.96
N LEU A 6 4.63 18.18 -11.01
CA LEU A 6 3.43 17.28 -10.89
C LEU A 6 3.86 15.88 -10.43
N ILE A 7 4.87 15.32 -11.06
CA ILE A 7 5.35 13.96 -10.65
C ILE A 7 5.94 14.00 -9.23
N GLU A 8 6.62 15.08 -8.90
CA GLU A 8 7.20 15.21 -7.53
C GLU A 8 6.09 15.19 -6.47
N GLU A 9 5.01 15.91 -6.70
CA GLU A 9 3.89 15.93 -5.72
C GLU A 9 3.29 14.52 -5.59
N GLY A 10 3.04 13.86 -6.71
CA GLY A 10 2.47 12.49 -6.66
C GLY A 10 3.47 11.54 -5.99
N GLN A 11 4.73 11.67 -6.32
CA GLN A 11 5.78 10.80 -5.71
C GLN A 11 5.76 10.93 -4.17
N ARG A 12 5.52 12.12 -3.67
CA ARG A 12 5.48 12.32 -2.18
C ARG A 12 4.33 11.51 -1.57
N ILE A 13 3.17 11.55 -2.18
CA ILE A 13 2.01 10.79 -1.63
C ILE A 13 2.10 9.31 -2.04
N ALA A 14 2.43 9.04 -3.28
CA ALA A 14 2.53 7.62 -3.75
C ALA A 14 3.61 6.86 -2.96
N GLU A 15 4.77 7.45 -2.77
CA GLU A 15 5.85 6.76 -2.00
C GLU A 15 5.46 6.63 -0.53
N MET A 16 4.99 7.70 0.07
CA MET A 16 4.59 7.64 1.52
C MET A 16 3.41 6.67 1.71
N LEU A 17 2.52 6.60 0.75
CA LEU A 17 1.36 5.67 0.87
C LEU A 17 1.78 4.24 0.47
N LYS A 18 2.72 4.12 -0.42
CA LYS A 18 3.21 2.77 -0.85
C LYS A 18 3.66 1.94 0.35
N SER A 19 4.43 2.53 1.23
CA SER A 19 4.91 1.78 2.44
C SER A 19 3.72 1.33 3.30
N LYS A 20 2.71 2.16 3.42
CA LYS A 20 1.51 1.78 4.24
C LYS A 20 0.74 0.64 3.56
N ILE A 21 0.59 0.70 2.25
CA ILE A 21 -0.15 -0.39 1.54
C ILE A 21 0.62 -1.71 1.63
N GLN A 22 1.93 -1.65 1.70
CA GLN A 22 2.74 -2.91 1.81
C GLN A 22 2.32 -3.70 3.05
N GLY A 23 2.27 -3.04 4.19
CA GLY A 23 1.86 -3.75 5.44
C GLY A 23 0.38 -4.12 5.36
N LEU A 24 -0.44 -3.24 4.80
CA LEU A 24 -1.91 -3.55 4.68
C LEU A 24 -2.13 -4.76 3.78
N LEU A 25 -1.41 -4.84 2.68
CA LEU A 25 -1.57 -6.01 1.76
C LEU A 25 -1.09 -7.30 2.44
N GLN A 26 -0.03 -7.23 3.20
CA GLN A 26 0.48 -8.46 3.90
C GLN A 26 -0.57 -8.96 4.89
N GLN A 27 -1.24 -8.08 5.58
CA GLN A 27 -2.28 -8.51 6.57
C GLN A 27 -3.52 -9.04 5.83
N ALA A 28 -3.73 -8.61 4.61
CA ALA A 28 -4.91 -9.10 3.83
C ALA A 28 -4.60 -10.46 3.19
N SER A 29 -3.34 -10.79 3.04
CA SER A 29 -2.96 -12.10 2.42
C SER A 29 -3.50 -13.27 3.26
N LYS A 30 -3.26 -13.26 4.56
CA LYS A 30 -3.77 -14.37 5.42
C LYS A 30 -5.31 -14.36 5.47
N GLN A 31 -5.93 -13.22 5.21
CA GLN A 31 -7.43 -13.16 5.23
C GLN A 31 -8.00 -13.77 3.95
N ALA A 32 -7.32 -13.60 2.84
CA ALA A 32 -7.82 -14.18 1.55
C ALA A 32 -7.69 -15.71 1.57
N GLN A 33 -6.57 -16.21 2.06
CA GLN A 33 -6.37 -17.70 2.11
C GLN A 33 -7.04 -18.27 3.37
N ASP A 34 -6.78 -17.68 4.51
CA ASP A 34 -7.38 -18.18 5.80
C ASP A 34 -7.04 -19.66 6.05
N ILE A 35 -5.88 -20.09 5.61
CA ILE A 35 -5.47 -21.52 5.83
C ILE A 35 -3.95 -21.60 6.04
N GLN A 36 -3.47 -21.09 7.15
CA GLN A 36 -2.00 -21.13 7.42
C GLN A 36 -1.58 -22.50 7.96
N PRO A 37 -0.64 -23.12 7.29
CA PRO A 37 -0.14 -24.46 7.71
C PRO A 37 0.79 -24.32 8.92
N ALA A 38 0.89 -25.37 9.71
CA ALA A 38 1.77 -25.32 10.92
C ALA A 38 3.20 -25.79 10.57
N MET A 39 3.46 -26.13 9.33
CA MET A 39 4.83 -26.58 8.93
C MET A 39 5.58 -25.44 8.24
N GLN A 40 4.97 -24.80 7.28
CA GLN A 40 5.65 -23.68 6.56
C GLN A 40 5.09 -22.33 7.02
N ALA A 1 1.76 21.82 -19.84
CA ALA A 1 1.66 21.04 -18.58
C ALA A 1 2.54 19.78 -18.67
N SER A 2 3.06 19.33 -17.55
CA SER A 2 3.92 18.11 -17.57
C SER A 2 3.52 17.16 -16.43
N ARG A 3 3.38 15.89 -16.72
CA ARG A 3 2.98 14.91 -15.67
C ARG A 3 4.12 14.72 -14.65
N ALA A 4 5.36 14.83 -15.07
CA ALA A 4 6.51 14.65 -14.14
C ALA A 4 6.36 15.60 -12.93
N ALA A 5 6.07 16.85 -13.18
CA ALA A 5 5.90 17.82 -12.04
C ALA A 5 4.86 17.30 -11.05
N LEU A 6 3.74 16.81 -11.54
CA LEU A 6 2.69 16.28 -10.62
C LEU A 6 3.23 15.06 -9.84
N ILE A 7 4.00 14.23 -10.50
CA ILE A 7 4.57 13.02 -9.81
C ILE A 7 5.65 13.45 -8.81
N GLU A 8 6.42 14.46 -9.14
CA GLU A 8 7.50 14.93 -8.20
C GLU A 8 6.91 15.25 -6.82
N GLU A 9 5.80 15.95 -6.78
CA GLU A 9 5.18 16.29 -5.46
C GLU A 9 4.29 15.12 -4.99
N GLY A 10 3.61 14.47 -5.90
CA GLY A 10 2.72 13.33 -5.52
C GLY A 10 3.57 12.20 -4.91
N GLN A 11 4.76 11.98 -5.42
CA GLN A 11 5.63 10.90 -4.87
C GLN A 11 5.92 11.13 -3.39
N ARG A 12 6.13 12.37 -2.99
CA ARG A 12 6.43 12.66 -1.55
C ARG A 12 5.32 12.07 -0.65
N ILE A 13 4.08 12.20 -1.05
CA ILE A 13 2.96 11.64 -0.24
C ILE A 13 2.70 10.18 -0.65
N ALA A 14 2.80 9.88 -1.92
CA ALA A 14 2.56 8.48 -2.39
C ALA A 14 3.57 7.50 -1.79
N GLU A 15 4.83 7.87 -1.74
CA GLU A 15 5.87 6.95 -1.16
C GLU A 15 5.48 6.53 0.27
N MET A 16 5.06 7.48 1.09
CA MET A 16 4.66 7.15 2.48
C MET A 16 3.42 6.25 2.47
N LEU A 17 2.46 6.54 1.62
CA LEU A 17 1.22 5.69 1.55
C LEU A 17 1.55 4.31 0.98
N LYS A 18 2.41 4.25 -0.02
CA LYS A 18 2.78 2.95 -0.62
C LYS A 18 3.51 2.07 0.40
N SER A 19 4.31 2.65 1.25
CA SER A 19 5.03 1.83 2.28
C SER A 19 4.02 1.21 3.24
N LYS A 20 2.98 1.94 3.57
CA LYS A 20 1.95 1.40 4.51
C LYS A 20 1.00 0.45 3.75
N ILE A 21 0.61 0.79 2.55
CA ILE A 21 -0.31 -0.09 1.77
C ILE A 21 0.37 -1.41 1.39
N GLN A 22 1.66 -1.41 1.19
CA GLN A 22 2.37 -2.67 0.84
C GLN A 22 2.31 -3.65 2.01
N GLY A 23 2.61 -3.19 3.20
CA GLY A 23 2.56 -4.08 4.40
C GLY A 23 1.11 -4.47 4.67
N LEU A 24 0.19 -3.54 4.55
CA LEU A 24 -1.25 -3.87 4.79
C LEU A 24 -1.76 -4.87 3.74
N LEU A 25 -1.36 -4.70 2.50
CA LEU A 25 -1.81 -5.64 1.42
C LEU A 25 -1.31 -7.06 1.72
N GLN A 26 -0.08 -7.19 2.17
CA GLN A 26 0.46 -8.55 2.50
C GLN A 26 -0.38 -9.19 3.59
N GLN A 27 -0.73 -8.44 4.60
CA GLN A 27 -1.58 -8.98 5.72
C GLN A 27 -3.00 -9.22 5.20
N ALA A 28 -3.48 -8.36 4.35
CA ALA A 28 -4.86 -8.51 3.80
C ALA A 28 -4.91 -9.70 2.83
N SER A 29 -3.86 -9.91 2.08
CA SER A 29 -3.83 -11.05 1.10
C SER A 29 -4.06 -12.37 1.83
N LYS A 30 -3.39 -12.58 2.95
CA LYS A 30 -3.56 -13.85 3.71
C LYS A 30 -4.93 -13.85 4.41
N GLN A 31 -5.28 -12.77 5.07
CA GLN A 31 -6.60 -12.69 5.75
C GLN A 31 -7.75 -12.94 4.74
N ALA A 32 -7.58 -12.47 3.52
CA ALA A 32 -8.64 -12.68 2.49
C ALA A 32 -8.88 -14.18 2.26
N GLN A 33 -7.82 -14.96 2.18
CA GLN A 33 -7.98 -16.43 1.96
C GLN A 33 -8.54 -17.10 3.23
N ASP A 34 -8.32 -16.52 4.38
CA ASP A 34 -8.85 -17.13 5.65
C ASP A 34 -10.37 -16.95 5.74
N ILE A 35 -10.91 -15.92 5.14
CA ILE A 35 -12.39 -15.70 5.21
C ILE A 35 -13.06 -16.03 3.85
N GLN A 36 -12.68 -17.14 3.24
CA GLN A 36 -13.29 -17.52 1.93
C GLN A 36 -14.05 -18.85 2.07
N PRO A 37 -15.34 -18.79 1.91
CA PRO A 37 -16.19 -20.00 2.00
C PRO A 37 -16.00 -20.90 0.77
N ALA A 38 -15.99 -22.19 0.95
CA ALA A 38 -15.80 -23.12 -0.20
C ALA A 38 -17.15 -23.70 -0.65
N MET A 39 -17.97 -24.12 0.28
CA MET A 39 -19.31 -24.68 -0.08
C MET A 39 -20.33 -23.56 -0.31
N GLN A 40 -20.25 -22.50 0.46
CA GLN A 40 -21.20 -21.37 0.29
C GLN A 40 -20.44 -20.03 0.19
N ALA A 1 -4.55 20.94 -8.51
CA ALA A 1 -3.76 20.35 -9.64
C ALA A 1 -2.60 21.28 -10.02
N SER A 2 -1.51 20.72 -10.47
CA SER A 2 -0.33 21.57 -10.86
C SER A 2 0.49 20.86 -11.96
N ARG A 3 1.47 21.54 -12.50
CA ARG A 3 2.30 20.93 -13.58
C ARG A 3 3.69 20.55 -13.05
N ALA A 4 4.37 21.47 -12.40
CA ALA A 4 5.73 21.17 -11.87
C ALA A 4 5.64 20.30 -10.60
N ALA A 5 4.81 20.69 -9.65
CA ALA A 5 4.67 19.89 -8.39
C ALA A 5 4.22 18.45 -8.70
N LEU A 6 3.49 18.27 -9.79
CA LEU A 6 3.01 16.89 -10.16
C LEU A 6 4.18 15.89 -10.20
N ILE A 7 5.32 16.31 -10.69
CA ILE A 7 6.51 15.39 -10.74
C ILE A 7 7.16 15.29 -9.35
N GLU A 8 7.43 16.41 -8.72
CA GLU A 8 8.07 16.39 -7.38
C GLU A 8 7.15 15.70 -6.35
N GLU A 9 5.92 16.14 -6.24
CA GLU A 9 4.98 15.51 -5.26
C GLU A 9 4.65 14.08 -5.72
N GLY A 10 4.53 13.86 -7.01
CA GLY A 10 4.22 12.49 -7.52
C GLY A 10 5.24 11.50 -6.93
N GLN A 11 6.50 11.85 -6.95
CA GLN A 11 7.55 10.95 -6.38
C GLN A 11 7.41 10.90 -4.86
N ARG A 12 7.15 12.02 -4.24
CA ARG A 12 6.99 12.07 -2.74
C ARG A 12 5.78 11.21 -2.32
N ILE A 13 4.68 11.34 -3.02
CA ILE A 13 3.46 10.54 -2.67
C ILE A 13 3.60 9.12 -3.22
N ALA A 14 4.27 8.92 -4.33
CA ALA A 14 4.42 7.55 -4.91
C ALA A 14 4.97 6.59 -3.85
N GLU A 15 6.08 6.92 -3.24
CA GLU A 15 6.66 6.02 -2.18
C GLU A 15 5.74 5.98 -0.95
N MET A 16 5.06 7.07 -0.66
CA MET A 16 4.12 7.08 0.51
C MET A 16 2.98 6.08 0.27
N LEU A 17 2.64 5.83 -0.97
CA LEU A 17 1.56 4.84 -1.28
C LEU A 17 2.09 3.41 -1.19
N LYS A 18 3.38 3.23 -1.37
CA LYS A 18 3.97 1.86 -1.28
C LYS A 18 3.77 1.29 0.13
N SER A 19 4.02 2.08 1.14
CA SER A 19 3.82 1.59 2.54
C SER A 19 2.34 1.35 2.81
N LYS A 20 1.47 2.17 2.25
CA LYS A 20 0.00 1.99 2.47
C LYS A 20 -0.43 0.61 1.94
N ILE A 21 0.08 0.21 0.80
CA ILE A 21 -0.28 -1.13 0.23
C ILE A 21 0.32 -2.23 1.11
N GLN A 22 1.46 -1.98 1.70
CA GLN A 22 2.10 -3.01 2.60
C GLN A 22 1.17 -3.31 3.77
N GLY A 23 0.63 -2.28 4.40
CA GLY A 23 -0.30 -2.51 5.55
C GLY A 23 -1.56 -3.22 5.04
N LEU A 24 -2.05 -2.83 3.89
CA LEU A 24 -3.27 -3.48 3.32
C LEU A 24 -2.96 -4.95 3.02
N LEU A 25 -1.81 -5.23 2.47
CA LEU A 25 -1.44 -6.66 2.16
C LEU A 25 -1.36 -7.47 3.46
N GLN A 26 -0.87 -6.88 4.52
CA GLN A 26 -0.77 -7.62 5.83
C GLN A 26 -2.18 -7.94 6.35
N GLN A 27 -3.13 -7.06 6.12
CA GLN A 27 -4.53 -7.33 6.59
C GLN A 27 -5.13 -8.49 5.80
N ALA A 28 -4.77 -8.62 4.55
CA ALA A 28 -5.30 -9.73 3.71
C ALA A 28 -4.48 -11.02 3.91
N SER A 29 -3.43 -10.96 4.69
CA SER A 29 -2.60 -12.19 4.93
C SER A 29 -3.39 -13.25 5.70
N LYS A 30 -4.31 -12.83 6.55
CA LYS A 30 -5.11 -13.82 7.33
C LYS A 30 -5.89 -14.75 6.39
N GLN A 31 -6.45 -14.21 5.34
CA GLN A 31 -7.21 -15.07 4.37
C GLN A 31 -6.25 -16.02 3.66
N ALA A 32 -5.08 -15.55 3.30
CA ALA A 32 -4.08 -16.43 2.61
C ALA A 32 -3.71 -17.61 3.52
N GLN A 33 -3.63 -17.39 4.81
CA GLN A 33 -3.29 -18.49 5.75
C GLN A 33 -4.44 -19.51 5.80
N ASP A 34 -5.66 -19.04 5.74
CA ASP A 34 -6.85 -19.97 5.77
C ASP A 34 -6.97 -20.71 4.43
N ILE A 35 -6.66 -20.06 3.33
CA ILE A 35 -6.75 -20.73 2.00
C ILE A 35 -5.64 -20.21 1.07
N GLN A 36 -4.44 -20.69 1.27
CA GLN A 36 -3.29 -20.23 0.42
C GLN A 36 -3.58 -20.46 -1.07
N PRO A 37 -3.12 -19.54 -1.88
CA PRO A 37 -3.33 -19.63 -3.36
C PRO A 37 -2.43 -20.71 -3.97
N ALA A 38 -2.38 -20.80 -5.28
CA ALA A 38 -1.52 -21.82 -5.94
C ALA A 38 -0.06 -21.37 -5.99
N MET A 39 0.21 -20.08 -5.88
CA MET A 39 1.62 -19.58 -5.92
C MET A 39 2.22 -19.57 -4.51
N GLN A 40 1.45 -19.20 -3.52
CA GLN A 40 1.98 -19.16 -2.12
C GLN A 40 1.31 -20.24 -1.26
N ALA A 1 5.12 29.73 -13.02
CA ALA A 1 4.61 28.62 -12.15
C ALA A 1 5.54 27.41 -12.26
N SER A 2 5.75 26.72 -11.17
CA SER A 2 6.65 25.53 -11.19
C SER A 2 5.84 24.26 -11.49
N ARG A 3 6.19 23.56 -12.54
CA ARG A 3 5.45 22.31 -12.90
C ARG A 3 6.23 21.06 -12.46
N ALA A 4 7.54 21.13 -12.48
CA ALA A 4 8.36 19.96 -12.04
C ALA A 4 8.19 19.74 -10.53
N ALA A 5 8.21 20.80 -9.76
CA ALA A 5 8.04 20.69 -8.27
C ALA A 5 6.83 19.80 -7.93
N LEU A 6 5.77 19.91 -8.70
CA LEU A 6 4.55 19.07 -8.42
C LEU A 6 4.87 17.59 -8.69
N ILE A 7 5.52 17.30 -9.78
CA ILE A 7 5.86 15.87 -10.10
C ILE A 7 6.75 15.27 -8.99
N GLU A 8 7.76 16.01 -8.58
CA GLU A 8 8.66 15.51 -7.49
C GLU A 8 7.85 15.22 -6.21
N GLU A 9 7.04 16.17 -5.80
CA GLU A 9 6.21 15.96 -4.58
C GLU A 9 5.21 14.82 -4.79
N GLY A 10 4.66 14.71 -5.98
CA GLY A 10 3.70 13.60 -6.27
C GLY A 10 4.41 12.25 -6.15
N GLN A 11 5.65 12.18 -6.59
CA GLN A 11 6.41 10.89 -6.50
C GLN A 11 6.47 10.41 -5.04
N ARG A 12 6.70 11.32 -4.12
CA ARG A 12 6.76 10.92 -2.67
C ARG A 12 5.37 10.55 -2.18
N ILE A 13 4.36 11.34 -2.51
CA ILE A 13 2.97 11.03 -2.06
C ILE A 13 2.49 9.71 -2.71
N ALA A 14 2.83 9.50 -3.97
CA ALA A 14 2.42 8.24 -4.67
C ALA A 14 3.02 7.02 -3.94
N GLU A 15 4.26 7.11 -3.54
CA GLU A 15 4.90 5.95 -2.81
C GLU A 15 4.28 5.80 -1.43
N MET A 16 3.91 6.89 -0.79
CA MET A 16 3.28 6.80 0.57
C MET A 16 2.04 5.90 0.50
N LEU A 17 1.32 5.94 -0.59
CA LEU A 17 0.11 5.07 -0.73
C LEU A 17 0.50 3.70 -1.28
N LYS A 18 1.58 3.62 -2.01
CA LYS A 18 2.04 2.32 -2.59
C LYS A 18 2.18 1.27 -1.49
N SER A 19 2.91 1.59 -0.43
CA SER A 19 3.08 0.61 0.69
C SER A 19 1.74 0.34 1.37
N LYS A 20 0.89 1.34 1.47
CA LYS A 20 -0.44 1.14 2.12
C LYS A 20 -1.27 0.13 1.32
N ILE A 21 -1.22 0.19 0.01
CA ILE A 21 -1.99 -0.78 -0.83
C ILE A 21 -1.43 -2.19 -0.62
N GLN A 22 -0.13 -2.31 -0.55
CA GLN A 22 0.49 -3.66 -0.33
C GLN A 22 0.22 -4.13 1.10
N GLY A 23 0.28 -3.24 2.06
CA GLY A 23 0.01 -3.62 3.48
C GLY A 23 -1.41 -4.17 3.58
N LEU A 24 -2.37 -3.51 2.96
CA LEU A 24 -3.79 -4.01 3.01
C LEU A 24 -3.86 -5.43 2.45
N LEU A 25 -3.20 -5.68 1.34
CA LEU A 25 -3.20 -7.05 0.74
C LEU A 25 -2.47 -8.01 1.67
N GLN A 26 -1.35 -7.58 2.21
CA GLN A 26 -0.57 -8.45 3.15
C GLN A 26 -1.36 -8.68 4.45
N GLN A 27 -2.15 -7.72 4.86
CA GLN A 27 -2.96 -7.89 6.11
C GLN A 27 -3.88 -9.10 5.97
N ALA A 28 -4.54 -9.23 4.85
CA ALA A 28 -5.44 -10.41 4.63
C ALA A 28 -4.63 -11.70 4.73
N SER A 29 -3.49 -11.74 4.10
CA SER A 29 -2.62 -12.96 4.15
C SER A 29 -2.06 -13.14 5.57
N LYS A 30 -1.77 -12.04 6.25
CA LYS A 30 -1.22 -12.13 7.64
C LYS A 30 -2.19 -12.92 8.54
N GLN A 31 -3.46 -12.66 8.42
CA GLN A 31 -4.46 -13.40 9.26
C GLN A 31 -4.62 -14.84 8.75
N ALA A 32 -4.48 -15.04 7.46
CA ALA A 32 -4.62 -16.42 6.90
C ALA A 32 -3.37 -17.26 7.22
N GLN A 33 -2.21 -16.63 7.27
CA GLN A 33 -0.96 -17.40 7.57
C GLN A 33 -0.74 -17.51 9.09
N ASP A 34 -1.17 -16.52 9.85
CA ASP A 34 -0.99 -16.56 11.34
C ASP A 34 0.50 -16.72 11.70
N ILE A 35 1.31 -15.72 11.41
CA ILE A 35 2.76 -15.82 11.73
C ILE A 35 3.25 -14.53 12.43
N GLN A 36 2.38 -13.85 13.14
CA GLN A 36 2.79 -12.61 13.86
C GLN A 36 2.65 -12.80 15.37
N PRO A 37 3.70 -13.30 15.98
CA PRO A 37 3.70 -13.53 17.45
C PRO A 37 3.88 -12.20 18.20
N ALA A 38 2.82 -11.44 18.34
CA ALA A 38 2.91 -10.14 19.07
C ALA A 38 2.61 -10.32 20.56
N MET A 39 1.73 -11.23 20.90
CA MET A 39 1.40 -11.45 22.34
C MET A 39 2.32 -12.52 22.94
N GLN A 40 2.34 -13.70 22.36
CA GLN A 40 3.21 -14.80 22.88
C GLN A 40 2.85 -15.14 24.34
N ALA A 1 2.66 26.56 -3.55
CA ALA A 1 2.39 25.46 -4.54
C ALA A 1 2.72 25.95 -5.96
N SER A 2 3.36 25.12 -6.75
CA SER A 2 3.71 25.52 -8.15
C SER A 2 3.45 24.36 -9.12
N ARG A 3 3.21 24.67 -10.37
CA ARG A 3 2.96 23.58 -11.37
C ARG A 3 4.22 22.73 -11.55
N ALA A 4 5.39 23.30 -11.30
CA ALA A 4 6.65 22.52 -11.43
C ALA A 4 6.82 21.60 -10.22
N ALA A 5 6.50 22.09 -9.04
CA ALA A 5 6.62 21.25 -7.81
C ALA A 5 5.61 20.09 -7.85
N LEU A 6 4.53 20.24 -8.59
CA LEU A 6 3.51 19.15 -8.68
C LEU A 6 4.16 17.87 -9.19
N ILE A 7 5.03 17.96 -10.17
CA ILE A 7 5.70 16.74 -10.72
C ILE A 7 6.58 16.12 -9.62
N GLU A 8 7.34 16.93 -8.92
CA GLU A 8 8.20 16.39 -7.82
C GLU A 8 7.32 15.81 -6.71
N GLU A 9 6.21 16.45 -6.43
CA GLU A 9 5.28 15.96 -5.36
C GLU A 9 4.79 14.55 -5.71
N GLY A 10 4.53 14.27 -6.97
CA GLY A 10 4.06 12.92 -7.38
C GLY A 10 5.07 11.86 -6.95
N GLN A 11 6.34 12.15 -7.08
CA GLN A 11 7.39 11.16 -6.66
C GLN A 11 7.24 10.87 -5.16
N ARG A 12 7.04 11.90 -4.37
CA ARG A 12 6.84 11.69 -2.89
C ARG A 12 5.61 10.81 -2.66
N ILE A 13 4.54 11.06 -3.38
CA ILE A 13 3.31 10.22 -3.21
C ILE A 13 3.58 8.80 -3.73
N ALA A 14 4.28 8.68 -4.83
CA ALA A 14 4.59 7.31 -5.38
C ALA A 14 5.28 6.46 -4.32
N GLU A 15 6.16 7.05 -3.54
CA GLU A 15 6.85 6.28 -2.46
C GLU A 15 5.86 5.92 -1.36
N MET A 16 5.01 6.85 -0.98
CA MET A 16 3.99 6.57 0.08
C MET A 16 3.02 5.47 -0.38
N LEU A 17 2.77 5.39 -1.68
CA LEU A 17 1.84 4.34 -2.20
C LEU A 17 2.32 2.95 -1.78
N LYS A 18 3.62 2.76 -1.67
CA LYS A 18 4.16 1.43 -1.24
C LYS A 18 3.57 1.03 0.12
N SER A 19 3.45 1.98 1.02
CA SER A 19 2.86 1.67 2.37
C SER A 19 1.42 1.19 2.21
N LYS A 20 0.66 1.81 1.33
CA LYS A 20 -0.76 1.38 1.13
C LYS A 20 -0.80 -0.06 0.61
N ILE A 21 0.08 -0.40 -0.30
CA ILE A 21 0.11 -1.81 -0.84
C ILE A 21 0.42 -2.79 0.30
N GLN A 22 1.28 -2.39 1.21
CA GLN A 22 1.63 -3.28 2.36
C GLN A 22 0.39 -3.48 3.25
N GLY A 23 -0.38 -2.44 3.45
CA GLY A 23 -1.61 -2.57 4.29
C GLY A 23 -2.57 -3.58 3.64
N LEU A 24 -2.71 -3.51 2.34
CA LEU A 24 -3.60 -4.49 1.63
C LEU A 24 -3.07 -5.91 1.83
N LEU A 25 -1.76 -6.06 1.81
CA LEU A 25 -1.16 -7.41 2.01
C LEU A 25 -1.47 -7.93 3.43
N GLN A 26 -1.41 -7.06 4.41
CA GLN A 26 -1.71 -7.47 5.82
C GLN A 26 -3.17 -7.94 5.92
N GLN A 27 -4.07 -7.27 5.26
CA GLN A 27 -5.51 -7.68 5.32
C GLN A 27 -5.68 -9.06 4.68
N ALA A 28 -4.89 -9.37 3.68
CA ALA A 28 -4.99 -10.70 3.02
C ALA A 28 -4.28 -11.77 3.86
N SER A 29 -3.41 -11.37 4.75
CA SER A 29 -2.68 -12.35 5.62
C SER A 29 -3.62 -12.93 6.69
N LYS A 30 -4.80 -12.36 6.86
CA LYS A 30 -5.75 -12.89 7.89
C LYS A 30 -5.92 -14.41 7.76
N GLN A 31 -5.93 -14.91 6.54
CA GLN A 31 -6.09 -16.38 6.32
C GLN A 31 -5.00 -17.15 7.10
N ALA A 32 -3.78 -16.68 7.08
CA ALA A 32 -2.68 -17.38 7.82
C ALA A 32 -2.69 -16.95 9.30
N GLN A 33 -3.12 -15.74 9.58
CA GLN A 33 -3.17 -15.25 10.99
C GLN A 33 -4.07 -16.16 11.85
N ASP A 34 -5.01 -16.84 11.25
CA ASP A 34 -5.92 -17.75 12.02
C ASP A 34 -5.11 -18.72 12.90
N ILE A 35 -4.04 -19.28 12.37
CA ILE A 35 -3.23 -20.24 13.18
C ILE A 35 -1.78 -19.72 13.36
N GLN A 36 -1.54 -18.46 13.07
CA GLN A 36 -0.15 -17.90 13.23
C GLN A 36 -0.22 -16.49 13.83
N PRO A 37 0.62 -16.26 14.82
CA PRO A 37 0.65 -14.94 15.48
C PRO A 37 1.30 -13.89 14.56
N ALA A 38 0.71 -12.73 14.46
CA ALA A 38 1.27 -11.66 13.58
C ALA A 38 2.10 -10.67 14.41
N MET A 39 1.56 -10.20 15.51
CA MET A 39 2.32 -9.25 16.37
C MET A 39 3.44 -9.97 17.12
N GLN A 40 3.23 -11.21 17.48
CA GLN A 40 4.28 -11.97 18.22
C GLN A 40 5.04 -12.89 17.25
N ALA A 1 0.74 27.80 -12.01
CA ALA A 1 0.49 26.51 -12.72
C ALA A 1 1.80 25.89 -13.20
N SER A 2 2.00 24.62 -12.95
CA SER A 2 3.27 23.95 -13.38
C SER A 2 2.98 22.53 -13.88
N ARG A 3 3.83 22.00 -14.72
CA ARG A 3 3.62 20.61 -15.23
C ARG A 3 4.44 19.62 -14.41
N ALA A 4 5.73 19.88 -14.29
CA ALA A 4 6.61 18.95 -13.50
C ALA A 4 6.18 18.92 -12.02
N ALA A 5 5.60 20.00 -11.53
CA ALA A 5 5.15 20.04 -10.10
C ALA A 5 4.21 18.86 -9.80
N LEU A 6 3.31 18.55 -10.71
CA LEU A 6 2.37 17.40 -10.49
C LEU A 6 3.15 16.09 -10.35
N ILE A 7 4.13 15.88 -11.21
CA ILE A 7 4.94 14.62 -11.13
C ILE A 7 5.70 14.57 -9.80
N GLU A 8 6.23 15.69 -9.35
CA GLU A 8 6.98 15.70 -8.06
C GLU A 8 6.05 15.34 -6.90
N GLU A 9 4.82 15.82 -6.92
CA GLU A 9 3.86 15.49 -5.83
C GLU A 9 3.60 13.98 -5.81
N GLY A 10 3.48 13.36 -6.96
CA GLY A 10 3.24 11.89 -7.01
C GLY A 10 4.45 11.16 -6.41
N GLN A 11 5.63 11.73 -6.52
CA GLN A 11 6.85 11.07 -5.95
C GLN A 11 6.71 10.96 -4.43
N ARG A 12 6.45 12.05 -3.76
CA ARG A 12 6.29 11.98 -2.26
C ARG A 12 5.02 11.21 -1.89
N ILE A 13 3.99 11.27 -2.71
CA ILE A 13 2.74 10.51 -2.39
C ILE A 13 3.00 9.01 -2.57
N ALA A 14 3.69 8.63 -3.61
CA ALA A 14 4.00 7.18 -3.83
C ALA A 14 4.97 6.67 -2.77
N GLU A 15 5.94 7.48 -2.39
CA GLU A 15 6.93 7.05 -1.35
C GLU A 15 6.21 6.69 -0.04
N MET A 16 5.25 7.49 0.35
CA MET A 16 4.49 7.21 1.61
C MET A 16 3.54 6.01 1.40
N LEU A 17 3.00 5.87 0.21
CA LEU A 17 2.08 4.73 -0.08
C LEU A 17 2.78 3.38 0.12
N LYS A 18 4.08 3.34 -0.04
CA LYS A 18 4.83 2.05 0.14
C LYS A 18 4.55 1.44 1.51
N SER A 19 4.66 2.23 2.56
CA SER A 19 4.38 1.70 3.93
C SER A 19 2.92 1.23 4.03
N LYS A 20 2.02 1.92 3.39
CA LYS A 20 0.58 1.50 3.44
C LYS A 20 0.39 0.17 2.71
N ILE A 21 1.09 -0.04 1.61
CA ILE A 21 0.95 -1.33 0.86
C ILE A 21 1.47 -2.49 1.71
N GLN A 22 2.53 -2.28 2.44
CA GLN A 22 3.09 -3.38 3.30
C GLN A 22 2.09 -3.73 4.40
N GLY A 23 1.52 -2.74 5.06
CA GLY A 23 0.51 -3.01 6.13
C GLY A 23 -0.71 -3.69 5.51
N LEU A 24 -1.15 -3.20 4.37
CA LEU A 24 -2.32 -3.82 3.69
C LEU A 24 -1.99 -5.26 3.27
N LEU A 25 -0.77 -5.49 2.83
CA LEU A 25 -0.37 -6.88 2.43
C LEU A 25 -0.45 -7.82 3.63
N GLN A 26 -0.08 -7.36 4.80
CA GLN A 26 -0.15 -8.22 6.01
C GLN A 26 -1.59 -8.64 6.26
N GLN A 27 -2.53 -7.72 6.12
CA GLN A 27 -3.97 -8.07 6.33
C GLN A 27 -4.51 -8.83 5.11
N ALA A 28 -4.14 -8.40 3.93
CA ALA A 28 -4.62 -9.08 2.69
C ALA A 28 -4.17 -10.55 2.68
N SER A 29 -3.02 -10.83 3.22
CA SER A 29 -2.52 -12.25 3.26
C SER A 29 -3.52 -13.14 4.01
N LYS A 30 -4.08 -12.62 5.09
CA LYS A 30 -5.07 -13.43 5.87
C LYS A 30 -6.43 -13.46 5.14
N GLN A 31 -6.81 -12.35 4.55
CA GLN A 31 -8.11 -12.31 3.80
C GLN A 31 -8.05 -13.21 2.57
N ALA A 32 -6.90 -13.32 1.96
CA ALA A 32 -6.75 -14.20 0.74
C ALA A 32 -6.72 -15.69 1.14
N GLN A 33 -6.76 -16.00 2.42
CA GLN A 33 -6.72 -17.43 2.84
C GLN A 33 -8.14 -18.01 3.01
N ASP A 34 -9.17 -17.23 2.72
CA ASP A 34 -10.57 -17.75 2.86
C ASP A 34 -11.55 -16.94 1.98
N ILE A 35 -11.23 -16.80 0.71
CA ILE A 35 -12.14 -16.04 -0.21
C ILE A 35 -12.41 -16.83 -1.50
N GLN A 36 -12.43 -18.13 -1.42
CA GLN A 36 -12.68 -18.96 -2.64
C GLN A 36 -13.99 -19.75 -2.48
N PRO A 37 -15.07 -19.16 -2.93
CA PRO A 37 -16.40 -19.82 -2.84
C PRO A 37 -16.52 -20.95 -3.87
N ALA A 38 -16.25 -22.16 -3.46
CA ALA A 38 -16.35 -23.32 -4.40
C ALA A 38 -17.83 -23.68 -4.65
N MET A 39 -18.59 -23.79 -3.60
CA MET A 39 -20.05 -24.12 -3.76
C MET A 39 -20.90 -22.86 -3.62
N GLN A 40 -20.64 -22.07 -2.60
CA GLN A 40 -21.43 -20.82 -2.39
C GLN A 40 -20.49 -19.65 -2.05
N ALA A 1 2.24 21.63 -20.70
CA ALA A 1 2.00 21.65 -19.22
C ALA A 1 3.23 21.11 -18.48
N SER A 2 3.32 21.38 -17.20
CA SER A 2 4.49 20.89 -16.41
C SER A 2 4.31 19.40 -16.07
N ARG A 3 5.36 18.62 -16.22
CA ARG A 3 5.26 17.16 -15.92
C ARG A 3 5.95 16.83 -14.58
N ALA A 4 7.15 17.32 -14.38
CA ALA A 4 7.89 17.04 -13.10
C ALA A 4 7.04 17.45 -11.89
N ALA A 5 6.43 18.60 -11.93
CA ALA A 5 5.57 19.06 -10.77
C ALA A 5 4.42 18.07 -10.55
N LEU A 6 3.83 17.59 -11.62
CA LEU A 6 2.69 16.62 -11.47
C LEU A 6 3.18 15.34 -10.79
N ILE A 7 4.41 14.93 -11.05
CA ILE A 7 4.94 13.70 -10.41
C ILE A 7 5.44 14.02 -9.00
N GLU A 8 6.03 15.18 -8.81
CA GLU A 8 6.55 15.57 -7.47
C GLU A 8 5.44 15.51 -6.41
N GLU A 9 4.30 16.09 -6.68
CA GLU A 9 3.18 16.05 -5.68
C GLU A 9 2.77 14.60 -5.40
N GLY A 10 2.81 13.75 -6.39
CA GLY A 10 2.43 12.32 -6.20
C GLY A 10 3.59 11.57 -5.52
N GLN A 11 4.81 11.93 -5.85
CA GLN A 11 6.00 11.25 -5.22
C GLN A 11 5.91 11.32 -3.69
N ARG A 12 5.58 12.47 -3.15
CA ARG A 12 5.47 12.61 -1.67
C ARG A 12 4.40 11.66 -1.12
N ILE A 13 3.32 11.46 -1.85
CA ILE A 13 2.24 10.54 -1.39
C ILE A 13 2.61 9.08 -1.72
N ALA A 14 3.13 8.84 -2.89
CA ALA A 14 3.52 7.45 -3.29
C ALA A 14 4.58 6.88 -2.36
N GLU A 15 5.60 7.64 -2.03
CA GLU A 15 6.67 7.14 -1.11
C GLU A 15 6.08 6.73 0.24
N MET A 16 5.32 7.60 0.86
CA MET A 16 4.71 7.27 2.18
C MET A 16 3.64 6.17 2.01
N LEU A 17 2.92 6.19 0.92
CA LEU A 17 1.87 5.15 0.69
C LEU A 17 2.51 3.79 0.42
N LYS A 18 3.65 3.77 -0.22
CA LYS A 18 4.33 2.46 -0.52
C LYS A 18 4.47 1.62 0.76
N SER A 19 4.96 2.21 1.82
CA SER A 19 5.11 1.46 3.11
C SER A 19 3.73 1.00 3.61
N LYS A 20 2.72 1.83 3.44
CA LYS A 20 1.35 1.45 3.90
C LYS A 20 0.82 0.29 3.05
N ILE A 21 1.04 0.32 1.75
CA ILE A 21 0.56 -0.79 0.87
C ILE A 21 1.31 -2.08 1.19
N GLN A 22 2.57 -1.97 1.58
CA GLN A 22 3.36 -3.19 1.92
C GLN A 22 2.67 -3.95 3.07
N GLY A 23 2.32 -3.25 4.12
CA GLY A 23 1.63 -3.90 5.27
C GLY A 23 0.21 -4.31 4.84
N LEU A 24 -0.50 -3.43 4.16
CA LEU A 24 -1.88 -3.77 3.70
C LEU A 24 -1.86 -5.03 2.81
N LEU A 25 -0.92 -5.11 1.90
CA LEU A 25 -0.82 -6.31 1.02
C LEU A 25 -0.62 -7.57 1.86
N GLN A 26 0.27 -7.51 2.84
CA GLN A 26 0.53 -8.70 3.71
C GLN A 26 -0.72 -8.99 4.56
N GLN A 27 -1.33 -7.97 5.12
CA GLN A 27 -2.56 -8.18 5.95
C GLN A 27 -3.69 -8.72 5.08
N ALA A 28 -3.80 -8.24 3.86
CA ALA A 28 -4.87 -8.72 2.95
C ALA A 28 -4.66 -10.20 2.61
N SER A 29 -3.43 -10.64 2.57
CA SER A 29 -3.14 -12.08 2.25
C SER A 29 -3.83 -12.98 3.28
N LYS A 30 -3.66 -12.69 4.54
CA LYS A 30 -4.31 -13.53 5.60
C LYS A 30 -5.80 -13.18 5.71
N GLN A 31 -6.17 -11.95 5.45
CA GLN A 31 -7.60 -11.56 5.54
C GLN A 31 -8.40 -12.20 4.40
N ALA A 32 -7.76 -12.45 3.27
CA ALA A 32 -8.48 -13.08 2.12
C ALA A 32 -8.37 -14.61 2.19
N GLN A 33 -7.21 -15.14 2.49
CA GLN A 33 -7.05 -16.63 2.57
C GLN A 33 -7.18 -17.11 4.01
N ASP A 34 -6.44 -16.52 4.92
CA ASP A 34 -6.50 -16.91 6.39
C ASP A 34 -5.82 -18.26 6.62
N ILE A 35 -6.17 -19.26 5.85
CA ILE A 35 -5.53 -20.61 6.04
C ILE A 35 -5.48 -21.35 4.69
N GLN A 36 -4.66 -20.89 3.79
CA GLN A 36 -4.55 -21.55 2.45
C GLN A 36 -3.09 -21.85 2.11
N PRO A 37 -2.85 -23.01 1.54
CA PRO A 37 -1.48 -23.41 1.16
C PRO A 37 -1.07 -22.80 -0.19
N ALA A 38 -1.59 -21.64 -0.54
CA ALA A 38 -1.23 -21.01 -1.84
C ALA A 38 -0.41 -19.72 -1.62
N MET A 39 0.21 -19.58 -0.47
CA MET A 39 1.02 -18.34 -0.20
C MET A 39 2.49 -18.57 -0.57
N GLN A 40 2.96 -19.80 -0.53
CA GLN A 40 4.38 -20.08 -0.90
C GLN A 40 4.49 -21.38 -1.71
#